data_2ATI
#
_entry.id   2ATI
#
_cell.length_a   124.5
_cell.length_b   124.5
_cell.length_c   123.2
_cell.angle_alpha   90
_cell.angle_beta   90
_cell.angle_gamma   120
#
_symmetry.space_group_name_H-M   'P 31'
#
loop_
_entity.id
_entity.type
_entity.pdbx_description
1 polymer 'Glycogen phosphorylase, liver form'
2 non-polymer alpha-D-glucopyranose
3 non-polymer "N-(2-CHLORO-4-FLUOROBENZOYL)-N'-(5-HYDROXY-2-METHOXYPHENYL)UREA"
4 non-polymer "PYRIDOXAL-5'-PHOSPHATE"
5 water water
#
_entity_poly.entity_id   1
_entity_poly.type   'polypeptide(L)'
_entity_poly.pdbx_seq_one_letter_code
;AKPLTDQEKRRQISIRGIVGVENVAELKKSFNRHLHFTLVKDRNVATTRDYYFALAHTVRDHLVGRWIRTQQHYYDKCPK
RVYYLSLEFYMGRTLQNTMINLGLQNACDEAIYQLGLDIEELEEIEEDAGLGNGGLGRLAACFLDSMATLGLAAYGYGIR
YEYGIFNQKIRDGWQVEEADDWLRYGNPWEKSRPEFMLPVHFYGKVEHTNTGTKWIDTQVVLALPYDTPVPGYMNNTVNT
MRLWSARAPNDFNLRDFNVGDYIQAVLDRNLAENISRVLYPNDNFFEGKELRLKQEYFVVAATLQDIIRRFKASKFGSTR
GAGTVFDAFPDQVAIQLNDTHPALAIPELMRIFVDIEKLPWSKAWELTQKTFAYTNHTVLPEALERWPVDLVEKLLPRHL
EIIYEINQKHLDRIVALFPKDVDRLRRMSLIEEEGSKRINMAHLCIVGSHAVNGVAKIHSDIVKTKVFKDFSELEPDKFQ
NKTNGITPRRWLLLCNPGLAELIAEKIGEDYVKDLSQLTKLHSFLGDDVFLRELAKVKQENKLKFSQFLETEYKVKINPS
SMFDVQVKRIHEYKRQLLNCLHVITMYNRIKKDPKKLFVPRTVIIGGKAAPGYHMAKMIIKLITSVADVVNNDPMVGSKL
KVIFLENYRVSLAEKVIPATDLSEQISTAGTEASGTGNMKFMLNGALTIGTMDGANVEMAEEAGEENLFIFGMRIDDVAA
LDKKGYEAKEYYEALPELKLVIDQIDNGFFSPKQPDLFKDIINMLFYHDRFKVFADYEAYVKCQDKVSQLYMNPKAWNTM
VLKNIAASGKFSSDRTIKEYAQNIWNVEPSDLKISLSNESNKVNGN
;
_entity_poly.pdbx_strand_id   A,B
#
loop_
_chem_comp.id
_chem_comp.type
_chem_comp.name
_chem_comp.formula
GLC D-saccharide, alpha linking alpha-D-glucopyranose 'C6 H12 O6'
IHU non-polymer N-(2-CHLORO-4-FLUOROBENZOYL)-N'-(5-HYDROXY-2-METHOXYPHENYL)UREA 'C15 H12 Cl F N2 O4'
PLP non-polymer PYRIDOXAL-5'-PHOSPHATE 'C8 H10 N O6 P'
#
# COMPACT_ATOMS: atom_id res chain seq x y z
N ASN A 23 29.78 12.83 14.89
CA ASN A 23 30.10 12.50 16.31
C ASN A 23 28.89 12.00 17.09
N VAL A 24 29.17 11.41 18.26
CA VAL A 24 28.19 10.82 19.17
C VAL A 24 27.04 11.73 19.64
N ALA A 25 27.38 12.87 20.23
CA ALA A 25 26.41 13.83 20.75
C ALA A 25 25.43 14.35 19.68
N GLU A 26 25.94 14.54 18.45
CA GLU A 26 25.13 15.01 17.33
C GLU A 26 24.18 13.92 16.83
N LEU A 27 24.64 12.66 16.88
CA LEU A 27 23.83 11.51 16.46
C LEU A 27 22.69 11.26 17.45
N LYS A 28 22.96 11.50 18.75
CA LYS A 28 21.95 11.35 19.82
C LYS A 28 20.83 12.37 19.63
N LYS A 29 21.23 13.61 19.33
CA LYS A 29 20.30 14.72 19.09
C LYS A 29 19.42 14.45 17.88
N SER A 30 20.03 13.94 16.81
CA SER A 30 19.32 13.61 15.57
C SER A 30 18.33 12.47 15.77
N PHE A 31 18.72 11.50 16.60
CA PHE A 31 17.87 10.35 16.94
C PHE A 31 16.64 10.88 17.69
N ASN A 32 16.90 11.73 18.70
CA ASN A 32 15.84 12.33 19.53
C ASN A 32 14.88 13.20 18.74
N ARG A 33 15.43 13.88 17.72
CA ARG A 33 14.66 14.75 16.83
C ARG A 33 13.71 13.90 15.98
N HIS A 34 14.24 12.79 15.46
CA HIS A 34 13.44 11.88 14.65
C HIS A 34 12.37 11.17 15.48
N LEU A 35 12.72 10.76 16.70
CA LEU A 35 11.75 10.10 17.60
C LEU A 35 10.57 11.04 17.89
N HIS A 36 10.89 12.33 18.04
CA HIS A 36 9.88 13.35 18.30
C HIS A 36 9.04 13.71 17.05
N PHE A 37 9.67 14.24 16.00
CA PHE A 37 8.93 14.65 14.80
C PHE A 37 8.48 13.58 13.79
N THR A 38 9.30 12.57 13.55
CA THR A 38 8.96 11.51 12.59
C THR A 38 8.08 10.41 13.20
N LEU A 39 8.35 10.06 14.45
CA LEU A 39 7.60 9.01 15.13
C LEU A 39 6.51 9.47 16.10
N VAL A 40 6.47 10.78 16.38
CA VAL A 40 5.49 11.42 17.30
C VAL A 40 5.47 10.73 18.69
N LYS A 41 6.67 10.48 19.22
CA LYS A 41 6.82 9.80 20.51
C LYS A 41 7.85 10.41 21.46
N ASP A 42 7.66 10.13 22.74
CA ASP A 42 8.60 10.52 23.79
C ASP A 42 9.11 9.17 24.31
N ARG A 43 10.06 9.20 25.24
CA ARG A 43 10.65 7.96 25.79
C ARG A 43 9.72 7.06 26.59
N ASN A 44 8.60 7.62 27.05
CA ASN A 44 7.61 6.89 27.85
C ASN A 44 6.79 5.85 27.07
N VAL A 45 6.30 6.23 25.89
CA VAL A 45 5.48 5.31 25.07
C VAL A 45 6.12 4.83 23.77
N ALA A 46 7.38 5.20 23.53
CA ALA A 46 8.11 4.78 22.33
C ALA A 46 8.37 3.27 22.35
N THR A 47 8.19 2.63 21.20
CA THR A 47 8.39 1.18 21.04
C THR A 47 9.79 0.89 20.50
N THR A 48 10.13 -0.39 20.41
CA THR A 48 11.43 -0.84 19.88
C THR A 48 11.45 -0.51 18.38
N ARG A 49 10.29 -0.69 17.73
CA ARG A 49 10.11 -0.37 16.31
C ARG A 49 10.34 1.13 16.06
N ASP A 50 9.83 1.95 16.98
CA ASP A 50 9.99 3.42 16.93
C ASP A 50 11.47 3.79 16.99
N TYR A 51 12.20 3.11 17.88
CA TYR A 51 13.63 3.35 18.04
C TYR A 51 14.42 2.95 16.80
N TYR A 52 14.03 1.84 16.18
CA TYR A 52 14.67 1.37 14.94
C TYR A 52 14.50 2.44 13.86
N PHE A 53 13.25 2.85 13.65
CA PHE A 53 12.90 3.88 12.67
C PHE A 53 13.61 5.21 12.88
N ALA A 54 13.76 5.61 14.16
CA ALA A 54 14.45 6.86 14.50
C ALA A 54 15.93 6.78 14.12
N LEU A 55 16.55 5.63 14.41
CA LEU A 55 17.95 5.39 14.06
C LEU A 55 18.13 5.29 12.54
N ALA A 56 17.21 4.57 11.90
CA ALA A 56 17.22 4.36 10.45
C ALA A 56 17.16 5.67 9.69
N HIS A 57 16.27 6.56 10.13
CA HIS A 57 16.12 7.89 9.52
C HIS A 57 17.36 8.76 9.79
N THR A 58 17.97 8.59 10.97
CA THR A 58 19.19 9.34 11.36
C THR A 58 20.35 8.92 10.45
N VAL A 59 20.45 7.61 10.19
CA VAL A 59 21.50 7.04 9.32
C VAL A 59 21.27 7.42 7.84
N ARG A 60 20.03 7.37 7.38
CA ARG A 60 19.68 7.73 5.99
C ARG A 60 20.01 9.20 5.72
N ASP A 61 19.77 10.05 6.72
CA ASP A 61 20.08 11.49 6.62
C ASP A 61 21.55 11.77 6.28
N HIS A 62 22.45 10.91 6.76
CA HIS A 62 23.90 11.04 6.52
C HIS A 62 24.34 10.66 5.09
N LEU A 63 23.42 10.05 4.34
CA LEU A 63 23.62 9.58 2.96
C LEU A 63 23.13 10.57 1.90
N VAL A 64 22.09 11.30 2.25
CA VAL A 64 21.38 12.24 1.37
C VAL A 64 22.23 13.20 0.53
N GLY A 65 23.16 13.89 1.18
CA GLY A 65 24.04 14.84 0.51
C GLY A 65 24.87 14.21 -0.60
N ARG A 66 25.45 13.05 -0.29
CA ARG A 66 26.28 12.31 -1.22
C ARG A 66 25.45 11.59 -2.28
N TRP A 67 24.17 11.32 -1.99
CA TRP A 67 23.27 10.67 -2.93
C TRP A 67 22.86 11.64 -4.03
N ILE A 68 22.52 12.87 -3.62
CA ILE A 68 22.13 13.94 -4.56
C ILE A 68 23.34 14.29 -5.42
N ARG A 69 24.49 14.47 -4.77
CA ARG A 69 25.76 14.83 -5.44
C ARG A 69 26.24 13.77 -6.43
N THR A 70 26.01 12.49 -6.12
CA THR A 70 26.41 11.39 -7.00
C THR A 70 25.56 11.38 -8.27
N GLN A 71 24.24 11.50 -8.12
CA GLN A 71 23.32 11.51 -9.26
C GLN A 71 23.46 12.78 -10.09
N GLN A 72 23.83 13.87 -9.43
CA GLN A 72 24.06 15.17 -10.07
C GLN A 72 25.35 15.10 -10.89
N HIS A 73 26.35 14.41 -10.35
CA HIS A 73 27.65 14.20 -11.00
C HIS A 73 27.48 13.42 -12.30
N TYR A 74 26.63 12.39 -12.27
CA TYR A 74 26.35 11.56 -13.44
C TYR A 74 25.64 12.31 -14.55
N TYR A 75 24.79 13.26 -14.16
CA TYR A 75 24.04 14.09 -15.10
C TYR A 75 25.00 15.12 -15.74
N ASP A 76 25.85 15.71 -14.91
CA ASP A 76 26.81 16.73 -15.32
C ASP A 76 28.01 16.30 -16.16
N LYS A 77 28.57 15.12 -15.86
CA LYS A 77 29.74 14.62 -16.59
C LYS A 77 29.47 13.52 -17.62
N CYS A 78 28.29 12.91 -17.51
CA CYS A 78 27.85 11.82 -18.42
C CYS A 78 28.80 10.64 -18.64
N PRO A 79 29.26 9.96 -17.55
CA PRO A 79 30.15 8.82 -17.79
C PRO A 79 29.28 7.64 -18.25
N LYS A 80 29.89 6.61 -18.83
CA LYS A 80 29.11 5.47 -19.30
C LYS A 80 28.41 4.79 -18.12
N ARG A 81 27.09 4.67 -18.24
CA ARG A 81 26.24 4.08 -17.21
C ARG A 81 26.06 2.57 -17.34
N VAL A 82 26.02 1.89 -16.19
CA VAL A 82 25.83 0.44 -16.13
C VAL A 82 24.45 0.17 -15.51
N TYR A 83 23.67 -0.64 -16.19
CA TYR A 83 22.33 -0.99 -15.73
C TYR A 83 22.20 -2.47 -15.47
N TYR A 84 22.19 -2.83 -14.18
CA TYR A 84 22.06 -4.22 -13.80
C TYR A 84 20.58 -4.57 -13.70
N LEU A 85 20.07 -5.20 -14.76
CA LEU A 85 18.67 -5.58 -14.88
C LEU A 85 18.45 -7.01 -14.37
N SER A 86 17.70 -7.11 -13.28
CA SER A 86 17.43 -8.38 -12.62
C SER A 86 16.02 -8.46 -12.05
N LEU A 87 15.48 -9.67 -12.04
CA LEU A 87 14.16 -9.92 -11.47
C LEU A 87 14.33 -10.16 -9.98
N GLU A 88 15.60 -10.28 -9.55
CA GLU A 88 15.93 -10.55 -8.15
C GLU A 88 17.02 -9.68 -7.52
N PHE A 89 16.73 -9.16 -6.32
CA PHE A 89 17.67 -8.36 -5.51
C PHE A 89 17.52 -8.81 -4.05
N TYR A 90 18.35 -9.78 -3.65
CA TYR A 90 18.35 -10.37 -2.30
C TYR A 90 19.23 -9.52 -1.41
N MET A 91 18.69 -8.34 -1.05
CA MET A 91 19.39 -7.33 -0.27
C MET A 91 19.59 -7.52 1.22
N GLY A 92 18.69 -8.26 1.87
CA GLY A 92 18.77 -8.45 3.32
C GLY A 92 18.47 -7.15 4.03
N ARG A 93 19.05 -6.95 5.22
CA ARG A 93 18.85 -5.72 6.00
C ARG A 93 19.79 -4.61 5.50
N THR A 94 19.37 -3.35 5.66
CA THR A 94 20.15 -2.21 5.19
C THR A 94 20.84 -1.37 6.29
N LEU A 95 20.25 -1.31 7.49
CA LEU A 95 20.80 -0.49 8.59
C LEU A 95 22.28 -0.65 8.92
N GLN A 96 22.70 -1.86 9.32
CA GLN A 96 24.09 -2.12 9.66
C GLN A 96 25.03 -1.90 8.48
N ASN A 97 24.62 -2.34 7.28
CA ASN A 97 25.41 -2.19 6.05
C ASN A 97 25.70 -0.72 5.74
N THR A 98 24.65 0.11 5.85
CA THR A 98 24.77 1.54 5.60
C THR A 98 25.65 2.20 6.67
N MET A 99 25.48 1.83 7.93
CA MET A 99 26.29 2.38 9.02
C MET A 99 27.78 2.07 8.81
N ILE A 100 28.05 0.83 8.38
CA ILE A 100 29.42 0.40 8.12
C ILE A 100 30.04 1.08 6.90
N ASN A 101 29.27 1.21 5.82
CA ASN A 101 29.77 1.85 4.59
C ASN A 101 29.98 3.36 4.71
N LEU A 102 29.31 3.98 5.68
CA LEU A 102 29.45 5.41 5.94
C LEU A 102 30.42 5.69 7.08
N GLY A 103 30.93 4.63 7.70
CA GLY A 103 31.87 4.72 8.82
C GLY A 103 31.27 5.23 10.12
N LEU A 104 29.97 5.01 10.31
CA LEU A 104 29.23 5.47 11.49
C LEU A 104 28.82 4.44 12.52
N GLN A 105 29.13 3.17 12.30
CA GLN A 105 28.73 2.09 13.21
C GLN A 105 29.18 2.25 14.67
N ASN A 106 30.46 2.52 14.88
CA ASN A 106 31.02 2.69 16.22
C ASN A 106 30.37 3.88 16.95
N ALA A 107 30.18 4.97 16.20
CA ALA A 107 29.55 6.19 16.74
C ALA A 107 28.08 5.99 17.06
N CYS A 108 27.37 5.25 16.20
CA CYS A 108 25.96 4.95 16.41
C CYS A 108 25.77 3.98 17.58
N ASP A 109 26.68 3.01 17.70
CA ASP A 109 26.63 2.01 18.80
C ASP A 109 26.78 2.73 20.14
N GLU A 110 27.66 3.74 20.17
CA GLU A 110 27.92 4.53 21.37
C GLU A 110 26.72 5.44 21.68
N ALA A 111 26.18 6.08 20.65
CA ALA A 111 25.03 6.97 20.77
C ALA A 111 23.81 6.23 21.33
N ILE A 112 23.54 5.03 20.78
CA ILE A 112 22.42 4.20 21.20
C ILE A 112 22.61 3.67 22.63
N TYR A 113 23.84 3.28 22.97
CA TYR A 113 24.18 2.80 24.32
C TYR A 113 23.93 3.92 25.35
N GLN A 114 24.36 5.14 25.03
CA GLN A 114 24.20 6.30 25.91
C GLN A 114 22.75 6.71 26.15
N LEU A 115 21.88 6.34 25.20
CA LEU A 115 20.45 6.62 25.28
C LEU A 115 19.73 5.53 26.09
N GLY A 116 20.50 4.54 26.55
CA GLY A 116 20.00 3.43 27.35
C GLY A 116 19.39 2.31 26.56
N LEU A 117 19.78 2.16 25.30
CA LEU A 117 19.24 1.14 24.40
C LEU A 117 20.32 0.20 23.86
N ASP A 118 19.91 -0.89 23.21
CA ASP A 118 20.84 -1.86 22.63
C ASP A 118 20.63 -1.81 21.11
N ILE A 119 21.70 -1.48 20.38
CA ILE A 119 21.66 -1.37 18.92
C ILE A 119 21.27 -2.67 18.19
N GLU A 120 21.70 -3.80 18.74
CA GLU A 120 21.40 -5.12 18.17
C GLU A 120 19.91 -5.46 18.22
N GLU A 121 19.23 -4.94 19.26
CA GLU A 121 17.79 -5.14 19.47
C GLU A 121 17.01 -4.34 18.41
N LEU A 122 17.46 -3.10 18.17
CA LEU A 122 16.84 -2.21 17.17
C LEU A 122 17.05 -2.76 15.77
N GLU A 123 18.22 -3.37 15.53
CA GLU A 123 18.56 -3.95 14.23
C GLU A 123 17.68 -5.14 13.87
N GLU A 124 17.26 -5.92 14.87
CA GLU A 124 16.40 -7.09 14.67
C GLU A 124 14.97 -6.79 14.23
N ILE A 125 14.54 -5.54 14.38
CA ILE A 125 13.19 -5.11 13.98
C ILE A 125 13.10 -5.03 12.44
N GLU A 126 14.21 -4.72 11.79
CA GLU A 126 14.23 -4.57 10.33
C GLU A 126 13.90 -5.83 9.56
N GLU A 127 12.97 -5.72 8.63
CA GLU A 127 12.59 -6.85 7.78
C GLU A 127 13.63 -6.94 6.69
N ASP A 128 13.96 -8.17 6.30
CA ASP A 128 14.90 -8.42 5.21
C ASP A 128 14.20 -8.02 3.93
N ALA A 129 14.96 -7.48 2.98
CA ALA A 129 14.40 -7.16 1.67
C ALA A 129 14.75 -8.45 0.90
N GLY A 130 13.97 -9.50 1.16
CA GLY A 130 14.15 -10.80 0.55
C GLY A 130 13.53 -10.93 -0.83
N LEU A 131 13.98 -10.06 -1.73
CA LEU A 131 13.47 -10.02 -3.09
C LEU A 131 14.31 -10.89 -4.03
N GLY A 132 14.72 -12.04 -3.49
CA GLY A 132 15.52 -12.99 -4.22
C GLY A 132 15.31 -14.41 -3.72
N ASN A 133 15.73 -15.38 -4.54
CA ASN A 133 15.60 -16.79 -4.21
C ASN A 133 16.86 -17.39 -3.59
N GLY A 134 18.00 -17.02 -4.15
CA GLY A 134 19.27 -17.55 -3.67
C GLY A 134 20.48 -16.83 -4.24
N GLY A 135 21.39 -17.62 -4.82
CA GLY A 135 22.66 -17.11 -5.38
C GLY A 135 22.60 -16.02 -6.43
N LEU A 136 21.64 -16.16 -7.34
CA LEU A 136 21.39 -15.24 -8.45
C LEU A 136 20.99 -13.84 -7.95
N GLY A 137 20.08 -13.82 -6.98
CA GLY A 137 19.63 -12.57 -6.38
C GLY A 137 20.65 -11.97 -5.43
N ARG A 138 21.44 -12.81 -4.77
CA ARG A 138 22.46 -12.33 -3.83
C ARG A 138 23.67 -11.78 -4.59
N LEU A 139 23.89 -12.31 -5.80
CA LEU A 139 24.99 -11.85 -6.65
C LEU A 139 24.70 -10.40 -7.07
N ALA A 140 23.44 -10.14 -7.41
CA ALA A 140 22.98 -8.81 -7.80
C ALA A 140 23.19 -7.81 -6.65
N ALA A 141 22.92 -8.25 -5.43
CA ALA A 141 23.11 -7.41 -4.23
C ALA A 141 24.58 -7.11 -3.96
N CYS A 142 25.43 -8.15 -4.05
CA CYS A 142 26.88 -7.98 -3.82
C CYS A 142 27.46 -7.06 -4.89
N PHE A 143 26.95 -7.20 -6.11
CA PHE A 143 27.36 -6.39 -7.25
C PHE A 143 27.06 -4.90 -7.07
N LEU A 144 25.89 -4.58 -6.51
CA LEU A 144 25.50 -3.19 -6.27
C LEU A 144 26.46 -2.55 -5.27
N ASP A 145 26.80 -3.30 -4.22
CA ASP A 145 27.72 -2.83 -3.18
C ASP A 145 29.12 -2.59 -3.77
N SER A 146 29.55 -3.51 -4.64
CA SER A 146 30.86 -3.41 -5.29
C SER A 146 30.97 -2.31 -6.33
N MET A 147 29.94 -2.14 -7.16
CA MET A 147 29.92 -1.08 -8.19
C MET A 147 29.97 0.31 -7.57
N ALA A 148 29.27 0.47 -6.44
CA ALA A 148 29.23 1.73 -5.70
C ALA A 148 30.57 1.99 -4.99
N THR A 149 31.24 0.92 -4.52
CA THR A 149 32.54 1.01 -3.84
C THR A 149 33.64 1.41 -4.83
N LEU A 150 33.51 0.90 -6.05
CA LEU A 150 34.46 1.22 -7.12
C LEU A 150 34.10 2.52 -7.84
N GLY A 151 33.02 3.16 -7.39
CA GLY A 151 32.57 4.42 -7.96
C GLY A 151 32.08 4.42 -9.40
N LEU A 152 31.46 3.31 -9.82
CA LEU A 152 30.92 3.20 -11.17
C LEU A 152 29.53 3.82 -11.25
N ALA A 153 29.19 4.37 -12.42
CA ALA A 153 27.88 4.96 -12.64
C ALA A 153 26.90 3.80 -12.88
N ALA A 154 26.56 3.13 -11.78
CA ALA A 154 25.71 1.95 -11.81
C ALA A 154 24.35 2.06 -11.16
N TYR A 155 23.37 1.39 -11.78
CA TYR A 155 22.00 1.38 -11.31
C TYR A 155 21.44 -0.04 -11.28
N GLY A 156 20.73 -0.36 -10.21
CA GLY A 156 20.08 -1.65 -10.12
C GLY A 156 18.63 -1.44 -10.50
N TYR A 157 18.08 -2.30 -11.37
CA TYR A 157 16.70 -2.19 -11.82
C TYR A 157 15.97 -3.50 -11.61
N GLY A 158 14.95 -3.48 -10.75
CA GLY A 158 14.18 -4.68 -10.47
C GLY A 158 12.72 -4.41 -10.14
N ILE A 159 12.07 -5.35 -9.49
CA ILE A 159 10.67 -5.20 -9.11
C ILE A 159 10.56 -5.09 -7.59
N ARG A 160 9.73 -4.14 -7.16
CA ARG A 160 9.46 -3.92 -5.74
C ARG A 160 8.32 -4.85 -5.37
N TYR A 161 8.65 -6.12 -5.15
CA TYR A 161 7.66 -7.12 -4.77
C TYR A 161 7.08 -6.76 -3.40
N GLU A 162 5.75 -6.79 -3.30
CA GLU A 162 5.09 -6.47 -2.03
C GLU A 162 5.43 -7.59 -1.04
N TYR A 163 5.61 -8.79 -1.59
CA TYR A 163 5.97 -9.97 -0.82
C TYR A 163 7.19 -10.61 -1.46
N GLY A 164 8.23 -10.81 -0.66
CA GLY A 164 9.44 -11.43 -1.18
C GLY A 164 9.36 -12.94 -0.99
N ILE A 165 10.52 -13.57 -0.89
CA ILE A 165 10.60 -15.03 -0.67
C ILE A 165 9.89 -15.32 0.67
N PHE A 166 9.00 -16.31 0.65
CA PHE A 166 8.20 -16.69 1.82
C PHE A 166 8.96 -16.89 3.12
N ASN A 167 8.30 -16.60 4.24
CA ASN A 167 8.90 -16.87 5.56
C ASN A 167 8.65 -18.38 5.75
N GLN A 168 9.71 -19.10 6.08
CA GLN A 168 9.63 -20.55 6.28
C GLN A 168 9.45 -20.93 7.74
N LYS A 169 8.37 -21.67 8.00
CA LYS A 169 8.09 -22.18 9.33
C LYS A 169 8.12 -23.70 9.22
N ILE A 170 8.49 -24.37 10.32
CA ILE A 170 8.51 -25.84 10.36
C ILE A 170 7.46 -26.23 11.40
N ARG A 171 6.46 -26.98 10.96
CA ARG A 171 5.38 -27.45 11.82
C ARG A 171 5.21 -28.93 11.52
N ASP A 172 5.35 -29.74 12.58
CA ASP A 172 5.28 -31.22 12.52
C ASP A 172 6.36 -31.81 11.61
N GLY A 173 7.48 -31.10 11.53
CA GLY A 173 8.61 -31.52 10.72
C GLY A 173 8.58 -31.11 9.26
N TRP A 174 7.50 -30.47 8.81
CA TRP A 174 7.34 -30.06 7.42
C TRP A 174 7.47 -28.55 7.19
N GLN A 175 7.89 -28.18 5.99
CA GLN A 175 7.97 -26.76 5.62
C GLN A 175 6.55 -26.24 5.38
N VAL A 176 6.26 -25.08 5.97
CA VAL A 176 4.99 -24.37 5.82
C VAL A 176 5.40 -22.95 5.38
N GLU A 177 4.71 -22.43 4.37
CA GLU A 177 4.99 -21.10 3.83
C GLU A 177 4.07 -20.03 4.43
N GLU A 178 4.67 -18.89 4.76
CA GLU A 178 3.94 -17.75 5.29
C GLU A 178 4.36 -16.54 4.46
N ALA A 179 3.38 -15.71 4.09
CA ALA A 179 3.64 -14.52 3.29
C ALA A 179 4.62 -13.56 3.97
N ASP A 180 5.62 -13.15 3.21
CA ASP A 180 6.66 -12.22 3.66
C ASP A 180 6.15 -10.79 3.45
N ASP A 181 5.38 -10.31 4.42
CA ASP A 181 4.77 -8.97 4.40
C ASP A 181 5.77 -7.93 4.89
N TRP A 182 6.88 -7.81 4.15
CA TRP A 182 7.96 -6.89 4.53
C TRP A 182 7.71 -5.38 4.54
N LEU A 183 6.69 -4.94 3.80
CA LEU A 183 6.35 -3.51 3.70
C LEU A 183 5.19 -3.04 4.58
N ARG A 184 4.64 -3.95 5.38
CA ARG A 184 3.49 -3.64 6.27
C ARG A 184 3.67 -2.40 7.14
N TYR A 185 4.83 -2.27 7.77
CA TYR A 185 5.12 -1.14 8.66
C TYR A 185 5.93 -0.02 8.01
N GLY A 186 6.17 -0.17 6.70
CA GLY A 186 6.92 0.83 5.96
C GLY A 186 8.37 0.48 5.76
N ASN A 187 8.99 1.14 4.79
CA ASN A 187 10.40 0.93 4.46
C ASN A 187 11.04 2.33 4.47
N PRO A 188 11.93 2.61 5.44
CA PRO A 188 12.58 3.93 5.50
C PRO A 188 13.71 4.11 4.48
N TRP A 189 14.07 3.02 3.81
CA TRP A 189 15.16 3.02 2.84
C TRP A 189 14.74 3.18 1.39
N GLU A 190 13.49 3.57 1.18
CA GLU A 190 13.02 3.77 -0.18
C GLU A 190 12.38 5.15 -0.31
N LYS A 191 12.25 5.61 -1.55
CA LYS A 191 11.61 6.89 -1.82
C LYS A 191 10.94 6.78 -3.18
N SER A 192 9.63 7.04 -3.19
CA SER A 192 8.86 7.02 -4.42
C SER A 192 9.30 8.18 -5.31
N ARG A 193 9.34 7.93 -6.62
CA ARG A 193 9.72 8.92 -7.61
C ARG A 193 8.50 9.13 -8.54
N PRO A 194 7.50 9.93 -8.09
CA PRO A 194 6.27 10.22 -8.83
C PRO A 194 6.42 10.70 -10.27
N GLU A 195 7.39 11.59 -10.49
CA GLU A 195 7.65 12.17 -11.80
C GLU A 195 8.18 11.17 -12.86
N PHE A 196 8.64 10.01 -12.39
CA PHE A 196 9.17 8.98 -13.29
C PHE A 196 8.24 7.78 -13.51
N MET A 197 6.96 7.96 -13.16
CA MET A 197 5.91 6.95 -13.34
C MET A 197 5.71 6.77 -14.86
N LEU A 198 5.73 5.51 -15.31
CA LEU A 198 5.63 5.17 -16.74
C LEU A 198 4.57 4.13 -17.10
N PRO A 199 3.97 4.22 -18.32
CA PRO A 199 2.96 3.23 -18.72
C PRO A 199 3.57 1.97 -19.38
N VAL A 200 3.08 0.80 -18.99
CA VAL A 200 3.52 -0.48 -19.56
C VAL A 200 2.30 -1.08 -20.26
N HIS A 201 2.50 -1.53 -21.49
CA HIS A 201 1.42 -2.09 -22.32
C HIS A 201 1.39 -3.61 -22.42
N PHE A 202 0.17 -4.16 -22.42
CA PHE A 202 -0.05 -5.61 -22.51
C PHE A 202 -1.18 -5.92 -23.49
N TYR A 203 -1.19 -7.15 -24.00
CA TYR A 203 -2.21 -7.65 -24.94
C TYR A 203 -2.31 -6.83 -26.23
N GLY A 204 -3.52 -6.46 -26.64
CA GLY A 204 -3.72 -5.68 -27.84
C GLY A 204 -3.40 -6.39 -29.16
N LYS A 205 -3.31 -5.60 -30.23
CA LYS A 205 -3.03 -6.10 -31.57
C LYS A 205 -2.04 -5.21 -32.32
N VAL A 206 -1.51 -5.73 -33.42
CA VAL A 206 -0.54 -5.02 -34.24
C VAL A 206 -1.09 -4.60 -35.61
N GLU A 207 -0.80 -3.35 -35.99
CA GLU A 207 -1.19 -2.79 -37.28
C GLU A 207 0.06 -2.25 -37.95
N HIS A 208 0.28 -2.65 -39.21
CA HIS A 208 1.45 -2.21 -39.96
C HIS A 208 1.01 -1.18 -41.00
N THR A 209 0.94 0.08 -40.55
CA THR A 209 0.49 1.22 -41.37
C THR A 209 1.63 1.84 -42.19
N ASN A 210 1.29 2.90 -42.92
CA ASN A 210 2.26 3.64 -43.76
C ASN A 210 3.11 4.64 -42.96
N THR A 211 2.81 4.78 -41.66
CA THR A 211 3.54 5.66 -40.76
C THR A 211 4.31 4.82 -39.70
N GLY A 212 4.50 3.54 -40.01
CA GLY A 212 5.20 2.63 -39.12
C GLY A 212 4.26 1.62 -38.47
N THR A 213 4.82 0.70 -37.68
CA THR A 213 4.05 -0.32 -37.00
C THR A 213 3.46 0.20 -35.66
N LYS A 214 2.16 -0.02 -35.46
CA LYS A 214 1.46 0.43 -34.25
C LYS A 214 0.90 -0.70 -33.38
N TRP A 215 1.26 -0.68 -32.10
CA TRP A 215 0.76 -1.67 -31.13
C TRP A 215 -0.37 -0.91 -30.42
N ILE A 216 -1.61 -1.27 -30.77
CA ILE A 216 -2.82 -0.63 -30.24
C ILE A 216 -3.79 -1.53 -29.46
N ASP A 217 -4.85 -0.91 -28.93
CA ASP A 217 -5.92 -1.53 -28.12
C ASP A 217 -5.39 -2.35 -26.93
N THR A 218 -4.30 -1.84 -26.36
CA THR A 218 -3.61 -2.48 -25.25
C THR A 218 -4.19 -2.20 -23.86
N GLN A 219 -3.79 -3.03 -22.92
CA GLN A 219 -4.17 -2.89 -21.51
C GLN A 219 -2.94 -2.26 -20.85
N VAL A 220 -3.17 -1.16 -20.14
CA VAL A 220 -2.09 -0.41 -19.50
C VAL A 220 -2.01 -0.67 -18.00
N VAL A 221 -0.76 -0.77 -17.52
CA VAL A 221 -0.45 -0.94 -16.11
C VAL A 221 0.67 0.07 -15.89
N LEU A 222 0.51 0.92 -14.87
CA LEU A 222 1.48 1.94 -14.55
C LEU A 222 2.63 1.38 -13.72
N ALA A 223 3.82 1.93 -13.94
CA ALA A 223 5.01 1.52 -13.21
C ALA A 223 5.56 2.68 -12.40
N LEU A 224 5.44 2.57 -11.07
CA LEU A 224 5.90 3.60 -10.13
C LEU A 224 7.24 3.17 -9.54
N PRO A 225 8.31 3.95 -9.81
CA PRO A 225 9.65 3.64 -9.30
C PRO A 225 9.93 4.11 -7.88
N TYR A 226 10.65 3.27 -7.15
CA TYR A 226 11.06 3.55 -5.78
C TYR A 226 12.56 3.41 -5.74
N ASP A 227 13.23 4.47 -5.29
CA ASP A 227 14.68 4.49 -5.19
C ASP A 227 15.21 4.16 -3.81
N THR A 228 16.24 3.31 -3.79
CA THR A 228 16.90 2.90 -2.55
C THR A 228 18.40 3.22 -2.69
N PRO A 229 19.00 3.85 -1.64
CA PRO A 229 20.42 4.21 -1.69
C PRO A 229 21.37 3.01 -1.55
N VAL A 230 22.40 2.99 -2.39
CA VAL A 230 23.41 1.93 -2.39
C VAL A 230 24.74 2.63 -2.06
N PRO A 231 25.09 2.74 -0.76
CA PRO A 231 26.35 3.40 -0.39
C PRO A 231 27.61 2.62 -0.69
N GLY A 232 28.58 3.30 -1.29
CA GLY A 232 29.86 2.67 -1.56
C GLY A 232 30.61 2.64 -0.25
N TYR A 233 31.59 1.75 -0.10
CA TYR A 233 32.36 1.69 1.13
C TYR A 233 33.38 2.81 1.22
N MET A 234 33.21 3.64 2.26
CA MET A 234 34.08 4.77 2.58
C MET A 234 34.54 5.64 1.40
N ASN A 235 33.57 6.10 0.62
CA ASN A 235 33.84 6.97 -0.51
C ASN A 235 32.71 8.00 -0.64
N ASN A 236 32.70 8.75 -1.74
CA ASN A 236 31.68 9.77 -1.93
C ASN A 236 30.51 9.31 -2.80
N THR A 237 30.51 8.03 -3.15
CA THR A 237 29.48 7.45 -4.01
C THR A 237 28.32 6.77 -3.30
N VAL A 238 27.12 7.13 -3.73
CA VAL A 238 25.88 6.51 -3.26
C VAL A 238 25.08 6.36 -4.55
N ASN A 239 24.97 5.12 -5.00
CA ASN A 239 24.23 4.80 -6.22
C ASN A 239 22.76 4.51 -5.93
N THR A 240 22.02 4.17 -6.99
CA THR A 240 20.60 3.91 -6.86
C THR A 240 20.15 2.51 -7.27
N MET A 241 19.21 1.96 -6.49
CA MET A 241 18.56 0.69 -6.81
C MET A 241 17.12 1.18 -7.04
N ARG A 242 16.68 1.11 -8.30
CA ARG A 242 15.34 1.53 -8.69
C ARG A 242 14.44 0.30 -8.86
N LEU A 243 13.46 0.20 -7.96
CA LEU A 243 12.52 -0.92 -7.98
C LEU A 243 11.12 -0.42 -8.39
N TRP A 244 10.51 -1.13 -9.35
CA TRP A 244 9.19 -0.74 -9.87
C TRP A 244 8.00 -1.44 -9.20
N SER A 245 6.92 -0.67 -8.99
CA SER A 245 5.68 -1.20 -8.39
C SER A 245 4.54 -0.99 -9.38
N ALA A 246 3.70 -2.02 -9.52
CA ALA A 246 2.55 -1.97 -10.44
C ALA A 246 1.35 -1.28 -9.85
N ARG A 247 0.78 -0.36 -10.62
CA ARG A 247 -0.39 0.42 -10.23
C ARG A 247 -1.38 0.44 -11.39
N ALA A 248 -2.67 0.44 -11.07
CA ALA A 248 -3.72 0.47 -12.10
C ALA A 248 -3.92 1.92 -12.60
N PRO A 249 -4.26 2.10 -13.90
CA PRO A 249 -4.48 3.45 -14.46
C PRO A 249 -5.71 4.14 -13.90
N ASP A 261 -20.57 -3.20 -12.62
CA ASP A 261 -20.66 -2.81 -11.18
C ASP A 261 -19.44 -1.95 -10.82
N TYR A 262 -19.70 -0.80 -10.20
CA TYR A 262 -18.64 0.13 -9.79
C TYR A 262 -17.67 -0.46 -8.77
N ILE A 263 -18.20 -1.03 -7.69
CA ILE A 263 -17.38 -1.61 -6.62
C ILE A 263 -16.45 -2.68 -7.16
N GLN A 264 -16.98 -3.57 -8.00
CA GLN A 264 -16.17 -4.64 -8.60
C GLN A 264 -15.07 -4.09 -9.50
N ALA A 265 -15.37 -3.01 -10.23
CA ALA A 265 -14.40 -2.36 -11.12
C ALA A 265 -13.19 -1.83 -10.32
N VAL A 266 -13.48 -1.23 -9.16
CA VAL A 266 -12.45 -0.70 -8.27
C VAL A 266 -11.63 -1.85 -7.68
N LEU A 267 -12.32 -2.93 -7.28
CA LEU A 267 -11.66 -4.11 -6.71
C LEU A 267 -10.82 -4.82 -7.77
N ASP A 268 -11.29 -4.81 -9.03
CA ASP A 268 -10.57 -5.44 -10.15
C ASP A 268 -9.23 -4.73 -10.48
N ARG A 269 -8.98 -3.60 -9.82
CA ARG A 269 -7.72 -2.86 -9.96
C ARG A 269 -6.57 -3.66 -9.33
N ASN A 270 -6.94 -4.67 -8.52
CA ASN A 270 -5.98 -5.58 -7.86
C ASN A 270 -5.27 -6.45 -8.89
N LEU A 271 -5.96 -6.75 -10.00
CA LEU A 271 -5.42 -7.59 -11.08
C LEU A 271 -4.18 -7.01 -11.74
N ALA A 272 -4.16 -5.68 -11.91
CA ALA A 272 -3.04 -4.96 -12.49
C ALA A 272 -1.90 -4.86 -11.47
N GLU A 273 -2.27 -4.62 -10.21
CA GLU A 273 -1.32 -4.51 -9.10
C GLU A 273 -0.67 -5.84 -8.73
N ASN A 274 -1.33 -6.94 -9.10
CA ASN A 274 -0.83 -8.30 -8.87
C ASN A 274 0.48 -8.63 -9.56
N ILE A 275 0.84 -7.82 -10.57
CA ILE A 275 2.08 -8.02 -11.32
C ILE A 275 3.32 -7.85 -10.41
N SER A 276 3.27 -6.89 -9.50
CA SER A 276 4.37 -6.67 -8.57
C SER A 276 4.07 -7.19 -7.16
N ARG A 277 3.10 -8.09 -7.05
CA ARG A 277 2.70 -8.61 -5.74
C ARG A 277 3.68 -9.55 -5.03
N VAL A 278 4.16 -10.57 -5.73
CA VAL A 278 5.01 -11.57 -5.13
C VAL A 278 6.09 -12.15 -6.04
N LEU A 279 7.24 -12.46 -5.43
CA LEU A 279 8.37 -13.07 -6.10
C LEU A 279 8.05 -14.55 -6.29
N TYR A 280 8.32 -15.05 -7.49
CA TYR A 280 8.14 -16.47 -7.80
C TYR A 280 9.28 -17.20 -7.08
N PRO A 281 8.93 -18.04 -6.09
CA PRO A 281 9.88 -18.81 -5.27
C PRO A 281 10.66 -19.97 -5.90
N ASN A 282 10.87 -19.88 -7.21
CA ASN A 282 11.58 -20.92 -7.96
C ASN A 282 13.08 -20.62 -8.08
N ASP A 283 13.89 -21.54 -7.58
CA ASP A 283 15.35 -21.44 -7.62
C ASP A 283 15.81 -22.55 -8.57
N ASN A 284 16.42 -22.15 -9.68
CA ASN A 284 16.93 -23.07 -10.72
C ASN A 284 15.83 -23.97 -11.31
N PHE A 285 14.63 -23.41 -11.48
CA PHE A 285 13.48 -24.12 -12.03
C PHE A 285 12.55 -23.19 -12.81
N PHE A 286 12.16 -23.64 -13.99
CA PHE A 286 11.25 -22.87 -14.84
C PHE A 286 9.81 -23.36 -14.74
N GLU A 287 8.94 -22.44 -14.32
CA GLU A 287 7.51 -22.64 -14.18
C GLU A 287 6.92 -21.61 -15.15
N GLY A 288 6.26 -22.11 -16.19
CA GLY A 288 5.68 -21.26 -17.23
C GLY A 288 4.36 -20.55 -17.01
N LYS A 289 4.22 -19.91 -15.85
CA LYS A 289 3.00 -19.17 -15.51
C LYS A 289 2.94 -17.80 -16.19
N GLU A 290 1.75 -17.44 -16.68
CA GLU A 290 1.51 -16.17 -17.38
C GLU A 290 1.89 -14.93 -16.56
N LEU A 291 1.63 -14.98 -15.25
CA LEU A 291 1.95 -13.87 -14.34
C LEU A 291 3.45 -13.57 -14.27
N ARG A 292 4.27 -14.62 -14.37
CA ARG A 292 5.73 -14.47 -14.35
C ARG A 292 6.19 -13.76 -15.63
N LEU A 293 5.55 -14.06 -16.77
CA LEU A 293 5.89 -13.42 -18.04
C LEU A 293 5.49 -11.95 -18.00
N LYS A 294 4.39 -11.65 -17.31
CA LYS A 294 3.92 -10.27 -17.15
C LYS A 294 4.94 -9.49 -16.34
N GLN A 295 5.51 -10.13 -15.31
CA GLN A 295 6.54 -9.52 -14.45
C GLN A 295 7.84 -9.23 -15.20
N GLU A 296 8.25 -10.19 -16.02
CA GLU A 296 9.47 -10.08 -16.81
C GLU A 296 9.37 -8.96 -17.82
N TYR A 297 8.20 -8.80 -18.44
CA TYR A 297 8.02 -7.70 -19.39
C TYR A 297 7.85 -6.37 -18.66
N PHE A 298 7.11 -6.38 -17.55
CA PHE A 298 6.88 -5.18 -16.74
C PHE A 298 8.19 -4.47 -16.37
N VAL A 299 9.14 -5.23 -15.80
CA VAL A 299 10.43 -4.68 -15.38
C VAL A 299 11.24 -4.18 -16.56
N VAL A 300 11.21 -4.94 -17.65
CA VAL A 300 11.93 -4.64 -18.88
C VAL A 300 11.43 -3.35 -19.56
N ALA A 301 10.11 -3.23 -19.73
CA ALA A 301 9.50 -2.07 -20.39
C ALA A 301 9.76 -0.79 -19.63
N ALA A 302 9.48 -0.82 -18.32
CA ALA A 302 9.67 0.32 -17.44
C ALA A 302 11.13 0.74 -17.36
N THR A 303 12.03 -0.24 -17.25
CA THR A 303 13.47 0.00 -17.17
C THR A 303 14.00 0.64 -18.45
N LEU A 304 13.69 0.03 -19.60
CA LEU A 304 14.16 0.56 -20.89
C LEU A 304 13.62 1.93 -21.24
N GLN A 305 12.36 2.20 -20.89
CA GLN A 305 11.75 3.51 -21.14
C GLN A 305 12.44 4.58 -20.28
N ASP A 306 12.79 4.20 -19.05
CA ASP A 306 13.48 5.09 -18.11
C ASP A 306 14.92 5.40 -18.56
N ILE A 307 15.61 4.38 -19.08
CA ILE A 307 17.00 4.52 -19.57
C ILE A 307 17.05 5.46 -20.79
N ILE A 308 16.09 5.27 -21.70
CA ILE A 308 15.98 6.08 -22.91
C ILE A 308 15.63 7.54 -22.59
N ARG A 309 14.78 7.75 -21.59
CA ARG A 309 14.38 9.09 -21.17
C ARG A 309 15.57 9.84 -20.57
N ARG A 310 16.38 9.15 -19.76
CA ARG A 310 17.57 9.69 -19.12
C ARG A 310 18.64 10.02 -20.19
N PHE A 311 18.72 9.18 -21.22
CA PHE A 311 19.66 9.37 -22.32
C PHE A 311 19.31 10.62 -23.14
N LYS A 312 18.04 10.77 -23.48
CA LYS A 312 17.53 11.91 -24.26
C LYS A 312 17.56 13.22 -23.49
N ALA A 313 17.46 13.14 -22.16
CA ALA A 313 17.47 14.31 -21.29
C ALA A 313 18.87 14.78 -20.91
N SER A 314 19.89 14.00 -21.26
CA SER A 314 21.29 14.32 -20.96
C SER A 314 21.87 15.36 -21.94
N LYS A 315 23.11 15.78 -21.68
CA LYS A 315 23.80 16.77 -22.51
C LYS A 315 24.04 16.32 -23.95
N PHE A 316 24.59 15.11 -24.12
CA PHE A 316 24.86 14.53 -25.44
C PHE A 316 24.88 13.00 -25.36
N THR A 324 19.33 11.61 -35.85
CA THR A 324 19.47 10.19 -35.43
C THR A 324 19.72 10.05 -33.92
N VAL A 325 20.60 10.90 -33.38
CA VAL A 325 21.02 10.99 -31.96
C VAL A 325 21.33 9.75 -31.08
N PHE A 326 20.97 8.57 -31.56
CA PHE A 326 21.18 7.32 -30.82
C PHE A 326 22.46 6.57 -31.14
N ASP A 327 23.33 7.16 -31.96
CA ASP A 327 24.61 6.54 -32.33
C ASP A 327 25.55 6.37 -31.14
N ALA A 328 25.43 7.28 -30.17
CA ALA A 328 26.25 7.27 -28.96
C ALA A 328 25.63 6.47 -27.81
N PHE A 329 24.47 5.84 -28.05
CA PHE A 329 23.77 5.05 -27.04
C PHE A 329 24.60 3.92 -26.37
N PRO A 330 25.27 3.02 -27.15
CA PRO A 330 26.05 1.96 -26.51
C PRO A 330 27.33 2.45 -25.83
N ASP A 331 27.70 3.70 -26.10
CA ASP A 331 28.89 4.30 -25.50
C ASP A 331 28.50 5.05 -24.23
N GLN A 332 27.19 5.13 -23.98
CA GLN A 332 26.64 5.81 -22.82
C GLN A 332 25.80 4.88 -21.93
N VAL A 333 25.42 3.72 -22.49
CA VAL A 333 24.57 2.74 -21.81
C VAL A 333 25.05 1.30 -21.97
N ALA A 334 25.04 0.57 -20.86
CA ALA A 334 25.40 -0.84 -20.81
C ALA A 334 24.30 -1.48 -19.96
N ILE A 335 23.66 -2.53 -20.47
CA ILE A 335 22.61 -3.22 -19.72
C ILE A 335 23.00 -4.68 -19.59
N GLN A 336 23.11 -5.14 -18.34
CA GLN A 336 23.46 -6.51 -18.06
C GLN A 336 22.21 -7.32 -17.72
N LEU A 337 22.03 -8.40 -18.45
CA LEU A 337 20.90 -9.31 -18.25
C LEU A 337 21.31 -10.39 -17.26
N ASN A 338 20.67 -10.36 -16.08
CA ASN A 338 20.93 -11.34 -15.01
C ASN A 338 20.02 -12.53 -15.32
N ASP A 339 20.62 -13.54 -15.99
CA ASP A 339 19.93 -14.75 -16.46
C ASP A 339 19.06 -14.36 -17.67
N THR A 340 18.19 -15.26 -18.10
CA THR A 340 17.32 -15.02 -19.25
C THR A 340 16.03 -14.34 -18.83
N HIS A 341 15.87 -14.16 -17.51
CA HIS A 341 14.67 -13.54 -16.95
C HIS A 341 14.30 -12.21 -17.61
N PRO A 342 15.30 -11.34 -17.94
CA PRO A 342 14.86 -10.10 -18.59
C PRO A 342 15.25 -10.08 -20.08
N ALA A 343 15.17 -11.25 -20.72
CA ALA A 343 15.50 -11.45 -22.14
C ALA A 343 14.65 -10.61 -23.08
N LEU A 344 13.44 -10.29 -22.62
CA LEU A 344 12.50 -9.47 -23.38
C LEU A 344 13.01 -8.06 -23.60
N ALA A 345 14.12 -7.71 -22.94
CA ALA A 345 14.76 -6.42 -23.08
C ALA A 345 15.31 -6.22 -24.48
N ILE A 346 15.69 -7.32 -25.14
CA ILE A 346 16.21 -7.28 -26.51
C ILE A 346 15.11 -6.87 -27.52
N PRO A 347 13.97 -7.63 -27.63
CA PRO A 347 12.99 -7.15 -28.60
C PRO A 347 12.28 -5.83 -28.23
N GLU A 348 12.33 -5.47 -26.93
CA GLU A 348 11.73 -4.22 -26.45
C GLU A 348 12.58 -3.01 -26.84
N LEU A 349 13.91 -3.16 -26.79
CA LEU A 349 14.81 -2.06 -27.18
C LEU A 349 14.71 -1.87 -28.68
N MET A 350 14.48 -2.97 -29.40
CA MET A 350 14.33 -2.97 -30.85
C MET A 350 13.00 -2.31 -31.22
N ARG A 351 11.96 -2.57 -30.40
CA ARG A 351 10.62 -2.00 -30.59
C ARG A 351 10.63 -0.48 -30.45
N ILE A 352 11.27 0.01 -29.37
CA ILE A 352 11.38 1.44 -29.13
C ILE A 352 12.18 2.12 -30.24
N PHE A 353 13.30 1.50 -30.63
CA PHE A 353 14.17 2.03 -31.70
C PHE A 353 13.49 2.10 -33.06
N VAL A 354 12.78 1.03 -33.44
CA VAL A 354 12.09 0.95 -34.74
C VAL A 354 10.71 1.62 -34.81
N ASP A 355 9.81 1.26 -33.90
CA ASP A 355 8.44 1.79 -33.89
C ASP A 355 8.24 3.20 -33.34
N ILE A 356 8.99 3.55 -32.29
CA ILE A 356 8.86 4.87 -31.67
C ILE A 356 9.89 5.89 -32.16
N GLU A 357 11.17 5.50 -32.17
CA GLU A 357 12.25 6.38 -32.59
C GLU A 357 12.56 6.41 -34.08
N LYS A 358 11.81 5.58 -34.83
CA LYS A 358 11.88 5.47 -36.30
C LYS A 358 13.25 5.21 -36.94
N LEU A 359 14.07 4.42 -36.24
CA LEU A 359 15.40 4.06 -36.74
C LEU A 359 15.25 2.79 -37.59
N PRO A 360 16.07 2.63 -38.65
CA PRO A 360 15.94 1.41 -39.47
C PRO A 360 16.41 0.16 -38.71
N TRP A 361 15.92 -1.01 -39.13
CA TRP A 361 16.23 -2.31 -38.51
C TRP A 361 17.72 -2.56 -38.28
N SER A 362 18.51 -2.39 -39.35
CA SER A 362 19.96 -2.61 -39.33
C SER A 362 20.74 -1.81 -38.27
N LYS A 363 20.39 -0.52 -38.15
CA LYS A 363 21.04 0.37 -37.18
C LYS A 363 20.56 0.04 -35.76
N ALA A 364 19.27 -0.28 -35.64
CA ALA A 364 18.64 -0.63 -34.37
C ALA A 364 19.25 -1.89 -33.77
N TRP A 365 19.50 -2.87 -34.64
CA TRP A 365 20.10 -4.16 -34.26
C TRP A 365 21.56 -4.03 -33.85
N GLU A 366 22.30 -3.16 -34.55
CA GLU A 366 23.71 -2.89 -34.26
C GLU A 366 23.85 -2.30 -32.85
N LEU A 367 23.00 -1.33 -32.53
CA LEU A 367 23.01 -0.67 -31.23
C LEU A 367 22.58 -1.59 -30.09
N THR A 368 21.55 -2.41 -30.36
CA THR A 368 21.02 -3.39 -29.40
C THR A 368 22.09 -4.40 -28.95
N GLN A 369 22.82 -4.96 -29.91
CA GLN A 369 23.88 -5.94 -29.63
C GLN A 369 25.01 -5.36 -28.78
N LYS A 370 25.37 -4.11 -29.06
CA LYS A 370 26.44 -3.41 -28.34
C LYS A 370 25.99 -2.89 -26.95
N THR A 371 24.68 -2.86 -26.72
CA THR A 371 24.09 -2.41 -25.45
C THR A 371 24.02 -3.56 -24.44
N PHE A 372 23.57 -4.71 -24.90
CA PHE A 372 23.37 -5.88 -24.04
C PHE A 372 24.52 -6.87 -23.85
N ALA A 373 24.49 -7.49 -22.68
CA ALA A 373 25.41 -8.54 -22.27
C ALA A 373 24.59 -9.46 -21.39
N TYR A 374 24.83 -10.76 -21.55
CA TYR A 374 24.07 -11.80 -20.84
C TYR A 374 24.93 -12.67 -19.94
N THR A 375 24.43 -12.90 -18.72
CA THR A 375 25.09 -13.76 -17.74
C THR A 375 24.26 -15.02 -17.55
N ASN A 376 24.85 -16.16 -17.89
CA ASN A 376 24.21 -17.46 -17.74
C ASN A 376 24.57 -17.99 -16.35
N HIS A 377 23.57 -18.47 -15.62
CA HIS A 377 23.75 -19.02 -14.26
C HIS A 377 23.27 -20.46 -14.17
N THR A 378 22.66 -20.94 -15.24
CA THR A 378 22.07 -22.29 -15.31
C THR A 378 22.87 -23.38 -16.01
N VAL A 379 22.61 -24.63 -15.58
CA VAL A 379 23.23 -25.83 -16.13
C VAL A 379 22.12 -26.84 -16.44
N LEU A 380 21.15 -26.91 -15.52
CA LEU A 380 20.00 -27.83 -15.60
C LEU A 380 18.99 -27.53 -16.71
N PRO A 381 18.49 -28.57 -17.44
CA PRO A 381 17.51 -28.41 -18.53
C PRO A 381 16.17 -27.81 -18.09
N GLU A 382 15.72 -28.19 -16.90
CA GLU A 382 14.45 -27.72 -16.34
C GLU A 382 14.51 -26.27 -15.84
N ALA A 383 15.72 -25.71 -15.79
CA ALA A 383 15.97 -24.36 -15.34
C ALA A 383 15.86 -23.33 -16.47
N LEU A 384 16.03 -23.81 -17.71
CA LEU A 384 15.98 -22.97 -18.90
C LEU A 384 14.57 -22.49 -19.26
N GLU A 385 14.48 -21.19 -19.54
CA GLU A 385 13.21 -20.56 -19.90
C GLU A 385 12.83 -20.78 -21.35
N ARG A 386 11.76 -21.54 -21.54
CA ARG A 386 11.22 -21.86 -22.86
C ARG A 386 9.74 -21.48 -22.87
N TRP A 387 9.46 -20.22 -23.17
CA TRP A 387 8.09 -19.68 -23.20
C TRP A 387 7.29 -20.08 -24.45
N PRO A 388 6.06 -20.61 -24.27
CA PRO A 388 5.21 -21.01 -25.41
C PRO A 388 4.86 -19.81 -26.30
N VAL A 389 4.94 -19.98 -27.62
CA VAL A 389 4.64 -18.91 -28.58
C VAL A 389 3.23 -18.36 -28.52
N ASP A 390 2.27 -19.21 -28.15
CA ASP A 390 0.85 -18.84 -28.02
C ASP A 390 0.62 -17.87 -26.88
N LEU A 391 1.39 -18.06 -25.79
CA LEU A 391 1.32 -17.23 -24.59
C LEU A 391 1.94 -15.86 -24.89
N VAL A 392 3.04 -15.88 -25.65
CA VAL A 392 3.76 -14.66 -26.05
C VAL A 392 3.00 -13.91 -27.16
N GLU A 393 2.26 -14.63 -28.03
CA GLU A 393 1.47 -14.01 -29.10
C GLU A 393 0.31 -13.21 -28.52
N LYS A 394 -0.36 -13.82 -27.54
CA LYS A 394 -1.51 -13.24 -26.84
C LYS A 394 -1.11 -12.00 -26.03
N LEU A 395 -0.04 -12.13 -25.25
CA LEU A 395 0.44 -11.06 -24.37
C LEU A 395 1.27 -9.96 -25.04
N LEU A 396 2.26 -10.36 -25.83
CA LEU A 396 3.16 -9.42 -26.49
C LEU A 396 3.24 -9.70 -28.00
N PRO A 397 2.17 -9.38 -28.76
CA PRO A 397 2.18 -9.64 -30.22
C PRO A 397 3.30 -8.99 -31.03
N ARG A 398 3.68 -7.76 -30.68
CA ARG A 398 4.75 -7.05 -31.40
C ARG A 398 6.13 -7.62 -31.08
N HIS A 399 6.33 -8.11 -29.86
CA HIS A 399 7.62 -8.69 -29.47
C HIS A 399 7.88 -10.02 -30.16
N LEU A 400 6.82 -10.79 -30.38
CA LEU A 400 6.94 -12.08 -31.10
C LEU A 400 7.32 -11.84 -32.56
N GLU A 401 6.79 -10.77 -33.16
CA GLU A 401 7.09 -10.40 -34.54
C GLU A 401 8.57 -10.05 -34.66
N ILE A 402 9.07 -9.31 -33.67
CA ILE A 402 10.47 -8.90 -33.62
C ILE A 402 11.39 -10.09 -33.35
N ILE A 403 10.94 -11.04 -32.49
CA ILE A 403 11.71 -12.26 -32.17
C ILE A 403 11.79 -13.14 -33.43
N TYR A 404 10.70 -13.20 -34.19
CA TYR A 404 10.64 -13.98 -35.44
C TYR A 404 11.56 -13.38 -36.51
N GLU A 405 11.62 -12.05 -36.55
CA GLU A 405 12.47 -11.34 -37.50
C GLU A 405 13.96 -11.42 -37.12
N ILE A 406 14.23 -11.51 -35.81
CA ILE A 406 15.60 -11.65 -35.30
C ILE A 406 16.07 -13.05 -35.69
N ASN A 407 15.16 -14.03 -35.52
CA ASN A 407 15.40 -15.43 -35.83
C ASN A 407 15.63 -15.65 -37.32
N GLN A 408 14.93 -14.89 -38.16
CA GLN A 408 15.05 -14.97 -39.62
C GLN A 408 16.42 -14.48 -40.11
N LYS A 409 16.88 -13.35 -39.57
CA LYS A 409 18.19 -12.77 -39.92
C LYS A 409 19.34 -13.63 -39.36
N HIS A 410 19.02 -14.37 -38.29
CA HIS A 410 19.95 -15.27 -37.62
C HIS A 410 20.11 -16.56 -38.43
N LEU A 411 18.99 -17.14 -38.87
CA LEU A 411 18.99 -18.38 -39.66
C LEU A 411 19.51 -18.22 -41.08
N ASP A 412 19.32 -17.04 -41.68
CA ASP A 412 19.78 -16.74 -43.05
C ASP A 412 21.31 -16.74 -43.13
N ARG A 413 21.97 -16.40 -42.01
CA ARG A 413 23.42 -16.37 -41.91
C ARG A 413 23.99 -17.79 -41.83
N ILE A 414 23.29 -18.66 -41.10
CA ILE A 414 23.68 -20.06 -40.91
C ILE A 414 23.48 -20.87 -42.21
N VAL A 415 22.60 -20.40 -43.09
CA VAL A 415 22.34 -21.04 -44.40
C VAL A 415 23.46 -20.56 -45.36
N ALA A 416 23.92 -19.32 -45.15
CA ALA A 416 24.97 -18.71 -45.97
C ALA A 416 26.38 -19.21 -45.61
N LEU A 417 26.53 -19.71 -44.37
CA LEU A 417 27.81 -20.22 -43.87
C LEU A 417 27.88 -21.75 -43.97
N PHE A 418 26.80 -22.42 -43.58
CA PHE A 418 26.70 -23.90 -43.61
C PHE A 418 25.39 -24.31 -44.32
N PRO A 419 25.41 -24.43 -45.68
CA PRO A 419 24.22 -24.81 -46.46
C PRO A 419 23.67 -26.23 -46.27
N LYS A 420 24.57 -27.21 -46.30
CA LYS A 420 24.20 -28.63 -46.16
C LYS A 420 24.07 -29.17 -44.73
N ASP A 421 23.84 -28.26 -43.78
CA ASP A 421 23.69 -28.60 -42.37
C ASP A 421 22.31 -28.12 -41.89
N VAL A 422 21.28 -28.93 -42.16
CA VAL A 422 19.89 -28.63 -41.78
C VAL A 422 19.56 -28.84 -40.30
N ASP A 423 20.35 -29.68 -39.63
CA ASP A 423 20.15 -29.96 -38.21
C ASP A 423 20.70 -28.84 -37.32
N ARG A 424 21.67 -28.09 -37.85
CA ARG A 424 22.28 -26.96 -37.15
C ARG A 424 21.29 -25.79 -37.10
N LEU A 425 20.37 -25.77 -38.06
CA LEU A 425 19.33 -24.74 -38.16
C LEU A 425 18.29 -24.86 -37.05
N ARG A 426 17.82 -26.08 -36.78
CA ARG A 426 16.82 -26.31 -35.72
C ARG A 426 17.43 -26.26 -34.32
N ARG A 427 18.76 -26.42 -34.27
CA ARG A 427 19.53 -26.41 -33.02
C ARG A 427 19.83 -24.97 -32.59
N MET A 428 20.10 -24.11 -33.57
CA MET A 428 20.41 -22.70 -33.34
C MET A 428 19.24 -21.73 -33.37
N SER A 429 18.08 -22.24 -33.81
CA SER A 429 16.86 -21.43 -33.90
C SER A 429 16.42 -20.94 -32.53
N LEU A 430 15.81 -19.76 -32.49
CA LEU A 430 15.30 -19.20 -31.24
C LEU A 430 13.97 -19.88 -30.93
N ILE A 431 13.38 -20.53 -31.94
CA ILE A 431 12.10 -21.22 -31.81
C ILE A 431 12.28 -22.75 -31.84
N GLU A 432 11.70 -23.42 -30.84
CA GLU A 432 11.72 -24.89 -30.74
C GLU A 432 10.42 -25.38 -31.38
N GLU A 433 10.56 -26.14 -32.46
CA GLU A 433 9.42 -26.68 -33.22
C GLU A 433 8.83 -27.98 -32.66
N GLU A 434 9.54 -28.58 -31.69
CA GLU A 434 9.14 -29.84 -31.07
C GLU A 434 7.85 -29.78 -30.24
N GLY A 435 6.77 -30.32 -30.83
CA GLY A 435 5.46 -30.34 -30.20
C GLY A 435 4.78 -28.97 -30.25
N SER A 436 4.54 -28.41 -29.06
CA SER A 436 3.94 -27.07 -28.93
C SER A 436 5.15 -26.14 -28.96
N LYS A 437 5.16 -25.25 -29.95
CA LYS A 437 6.25 -24.29 -30.18
C LYS A 437 6.61 -23.36 -29.02
N ARG A 438 7.89 -23.36 -28.66
CA ARG A 438 8.43 -22.54 -27.56
C ARG A 438 9.61 -21.65 -27.99
N ILE A 439 9.80 -20.53 -27.30
CA ILE A 439 10.90 -19.61 -27.58
C ILE A 439 12.02 -19.90 -26.59
N ASN A 440 13.22 -20.20 -27.11
CA ASN A 440 14.39 -20.46 -26.28
C ASN A 440 14.97 -19.08 -25.96
N MET A 441 14.68 -18.59 -24.75
CA MET A 441 15.14 -17.28 -24.30
C MET A 441 16.66 -17.12 -24.21
N ALA A 442 17.36 -18.24 -23.99
CA ALA A 442 18.82 -18.24 -23.90
C ALA A 442 19.45 -17.95 -25.25
N HIS A 443 18.86 -18.51 -26.31
CA HIS A 443 19.32 -18.29 -27.68
C HIS A 443 19.06 -16.83 -28.09
N LEU A 444 17.94 -16.26 -27.63
CA LEU A 444 17.59 -14.84 -27.93
C LEU A 444 18.63 -13.93 -27.27
N CYS A 445 19.00 -14.29 -26.04
CA CYS A 445 19.97 -13.53 -25.27
C CYS A 445 21.37 -13.51 -25.89
N ILE A 446 21.80 -14.65 -26.41
CA ILE A 446 23.12 -14.78 -27.05
C ILE A 446 23.24 -13.95 -28.33
N VAL A 447 22.25 -14.03 -29.22
CA VAL A 447 22.26 -13.28 -30.49
C VAL A 447 22.08 -11.77 -30.33
N GLY A 448 21.37 -11.37 -29.27
CA GLY A 448 21.12 -9.96 -28.99
C GLY A 448 22.12 -9.28 -28.09
N SER A 449 23.15 -10.02 -27.67
CA SER A 449 24.20 -9.52 -26.79
C SER A 449 25.56 -9.56 -27.48
N HIS A 450 26.50 -8.73 -27.01
CA HIS A 450 27.86 -8.73 -27.58
C HIS A 450 28.77 -9.61 -26.74
N ALA A 451 28.33 -9.85 -25.50
CA ALA A 451 29.07 -10.67 -24.55
C ALA A 451 28.13 -11.60 -23.78
N VAL A 452 28.61 -12.83 -23.59
CA VAL A 452 27.88 -13.86 -22.84
C VAL A 452 28.90 -14.40 -21.84
N ASN A 453 28.49 -14.59 -20.59
CA ASN A 453 29.39 -15.13 -19.58
C ASN A 453 28.78 -16.16 -18.66
N GLY A 454 29.66 -17.04 -18.20
CA GLY A 454 29.31 -18.05 -17.22
C GLY A 454 29.82 -17.47 -15.92
N VAL A 455 29.56 -18.15 -14.81
CA VAL A 455 29.93 -17.63 -13.49
C VAL A 455 31.09 -18.28 -12.73
N ALA A 456 31.77 -19.21 -13.39
CA ALA A 456 32.95 -19.93 -12.85
C ALA A 456 33.68 -20.52 -14.06
N LYS A 457 34.98 -20.76 -13.93
CA LYS A 457 35.80 -21.31 -15.04
C LYS A 457 35.31 -22.60 -15.68
N ILE A 458 34.83 -23.52 -14.84
CA ILE A 458 34.32 -24.83 -15.30
C ILE A 458 32.94 -24.69 -15.98
N HIS A 459 32.13 -23.77 -15.47
CA HIS A 459 30.79 -23.50 -15.98
C HIS A 459 30.84 -22.80 -17.34
N SER A 460 31.66 -21.75 -17.42
CA SER A 460 31.86 -20.97 -18.64
C SER A 460 32.38 -21.79 -19.80
N ASP A 461 33.16 -22.81 -19.47
CA ASP A 461 33.73 -23.74 -20.43
C ASP A 461 32.61 -24.60 -21.02
N ILE A 462 31.74 -25.13 -20.16
CA ILE A 462 30.61 -25.97 -20.55
C ILE A 462 29.56 -25.16 -21.35
N VAL A 463 29.41 -23.88 -21.00
CA VAL A 463 28.49 -22.96 -21.68
C VAL A 463 29.01 -22.70 -23.10
N LYS A 464 30.32 -22.50 -23.20
CA LYS A 464 31.01 -22.22 -24.46
C LYS A 464 31.19 -23.43 -25.37
N THR A 465 31.89 -24.47 -24.86
CA THR A 465 32.20 -25.67 -25.63
C THR A 465 31.15 -26.77 -25.78
N LYS A 466 30.17 -26.84 -24.87
CA LYS A 466 29.14 -27.88 -24.95
C LYS A 466 27.71 -27.41 -25.20
N VAL A 467 27.11 -26.71 -24.23
CA VAL A 467 25.71 -26.23 -24.32
C VAL A 467 25.42 -25.32 -25.51
N PHE A 468 26.26 -24.30 -25.72
CA PHE A 468 26.09 -23.36 -26.82
C PHE A 468 27.31 -23.41 -27.75
N LYS A 469 27.70 -24.64 -28.10
CA LYS A 469 28.85 -24.93 -28.98
C LYS A 469 28.70 -24.29 -30.37
N ASP A 470 27.50 -24.43 -30.92
CA ASP A 470 27.13 -23.91 -32.24
C ASP A 470 27.22 -22.38 -32.35
N PHE A 471 27.04 -21.71 -31.22
CA PHE A 471 27.09 -20.24 -31.15
C PHE A 471 28.52 -19.74 -30.99
N SER A 472 29.31 -20.42 -30.17
CA SER A 472 30.71 -20.06 -29.92
C SER A 472 31.62 -20.28 -31.13
N GLU A 473 31.23 -21.21 -32.01
CA GLU A 473 31.98 -21.51 -33.23
C GLU A 473 31.91 -20.36 -34.24
N LEU A 474 30.76 -19.67 -34.25
CA LEU A 474 30.52 -18.54 -35.14
C LEU A 474 31.13 -17.25 -34.61
N GLU A 475 31.10 -17.10 -33.28
CA GLU A 475 31.64 -15.92 -32.59
C GLU A 475 32.35 -16.26 -31.27
N PRO A 476 33.66 -16.62 -31.32
CA PRO A 476 34.47 -16.99 -30.14
C PRO A 476 34.69 -15.89 -29.11
N ASP A 477 34.88 -14.65 -29.61
CA ASP A 477 35.11 -13.46 -28.78
C ASP A 477 33.93 -13.04 -27.90
N LYS A 478 32.74 -13.57 -28.19
CA LYS A 478 31.52 -13.27 -27.44
C LYS A 478 31.46 -13.96 -26.07
N PHE A 479 31.83 -15.24 -26.04
CA PHE A 479 31.80 -16.04 -24.81
C PHE A 479 32.98 -15.82 -23.87
N GLN A 480 32.66 -15.44 -22.62
CA GLN A 480 33.66 -15.16 -21.60
C GLN A 480 33.37 -15.86 -20.26
N ASN A 481 34.29 -15.63 -19.31
CA ASN A 481 34.15 -16.13 -17.95
C ASN A 481 34.26 -14.93 -17.04
N LYS A 482 33.45 -14.93 -15.98
CA LYS A 482 33.45 -13.89 -14.96
C LYS A 482 33.14 -14.62 -13.67
N THR A 483 34.18 -15.16 -13.04
CA THR A 483 34.03 -15.92 -11.77
C THR A 483 33.38 -15.05 -10.71
N ASN A 484 32.33 -15.61 -10.09
CA ASN A 484 31.57 -14.93 -9.05
C ASN A 484 32.39 -14.45 -7.86
N GLY A 485 31.78 -13.56 -7.10
CA GLY A 485 32.42 -13.02 -5.93
C GLY A 485 31.36 -12.61 -4.93
N ILE A 486 31.81 -12.21 -3.74
CA ILE A 486 30.93 -11.77 -2.65
C ILE A 486 31.52 -10.48 -2.07
N THR A 487 30.67 -9.58 -1.58
CA THR A 487 31.20 -8.34 -1.00
C THR A 487 31.82 -8.54 0.40
N PRO A 488 33.08 -8.11 0.61
CA PRO A 488 33.72 -8.28 1.92
C PRO A 488 33.20 -7.30 2.99
N ARG A 489 32.24 -6.47 2.59
CA ARG A 489 31.61 -5.52 3.51
C ARG A 489 30.58 -6.28 4.32
N ARG A 490 29.51 -6.73 3.66
CA ARG A 490 28.47 -7.50 4.32
C ARG A 490 28.97 -8.85 4.82
N TRP A 491 29.81 -9.50 4.00
CA TRP A 491 30.32 -10.81 4.30
C TRP A 491 31.61 -10.98 5.10
N LEU A 492 32.05 -9.90 5.74
CA LEU A 492 33.20 -9.93 6.64
C LEU A 492 33.06 -8.84 7.69
N LEU A 493 33.16 -7.57 7.28
CA LEU A 493 33.05 -6.42 8.20
C LEU A 493 31.76 -6.41 9.01
N LEU A 494 30.65 -6.78 8.37
CA LEU A 494 29.35 -6.80 9.03
C LEU A 494 29.12 -8.05 9.85
N CYS A 495 29.15 -9.20 9.18
CA CYS A 495 28.87 -10.46 9.85
C CYS A 495 29.92 -10.94 10.85
N ASN A 496 31.16 -10.54 10.63
CA ASN A 496 32.26 -10.98 11.48
C ASN A 496 33.20 -9.81 11.90
N PRO A 497 32.70 -8.86 12.74
CA PRO A 497 33.55 -7.73 13.17
C PRO A 497 34.84 -8.18 13.88
N GLY A 498 34.76 -9.31 14.59
CA GLY A 498 35.90 -9.88 15.30
C GLY A 498 37.03 -10.31 14.39
N LEU A 499 36.71 -11.00 13.29
CA LEU A 499 37.72 -11.43 12.33
C LEU A 499 38.27 -10.25 11.55
N ALA A 500 37.36 -9.34 11.16
CA ALA A 500 37.72 -8.14 10.41
C ALA A 500 38.70 -7.28 11.19
N GLU A 501 38.46 -7.19 12.51
CA GLU A 501 39.30 -6.43 13.44
C GLU A 501 40.67 -7.09 13.58
N LEU A 502 40.68 -8.41 13.72
CA LEU A 502 41.91 -9.21 13.86
C LEU A 502 42.80 -9.09 12.62
N ILE A 503 42.19 -9.11 11.44
CA ILE A 503 42.90 -8.98 10.17
C ILE A 503 43.46 -7.56 10.03
N ALA A 504 42.65 -6.55 10.37
CA ALA A 504 43.06 -5.13 10.30
C ALA A 504 44.21 -4.78 11.24
N GLU A 505 44.23 -5.37 12.43
CA GLU A 505 45.27 -5.13 13.44
C GLU A 505 46.64 -5.63 12.98
N LYS A 506 46.65 -6.64 12.11
CA LYS A 506 47.89 -7.21 11.61
C LYS A 506 48.38 -6.68 10.25
N ILE A 507 47.47 -6.53 9.28
CA ILE A 507 47.84 -6.08 7.93
C ILE A 507 47.26 -4.74 7.44
N GLY A 508 46.57 -4.02 8.33
CA GLY A 508 45.97 -2.75 7.95
C GLY A 508 44.59 -2.95 7.34
N GLU A 509 43.89 -1.85 7.05
CA GLU A 509 42.55 -1.92 6.47
C GLU A 509 42.40 -1.85 4.96
N ASP A 510 43.52 -1.86 4.22
CA ASP A 510 43.51 -1.80 2.75
C ASP A 510 42.83 -3.00 2.09
N TYR A 511 42.73 -4.11 2.83
CA TYR A 511 42.10 -5.33 2.34
C TYR A 511 40.62 -5.21 1.97
N VAL A 512 39.91 -4.29 2.62
CA VAL A 512 38.48 -4.13 2.37
C VAL A 512 38.18 -3.71 0.91
N LYS A 513 39.02 -2.82 0.37
CA LYS A 513 38.88 -2.34 -1.00
C LYS A 513 39.69 -3.16 -2.03
N ASP A 514 40.61 -3.98 -1.54
CA ASP A 514 41.43 -4.86 -2.39
C ASP A 514 41.68 -6.10 -1.54
N LEU A 515 40.80 -7.10 -1.66
CA LEU A 515 40.88 -8.33 -0.88
C LEU A 515 42.07 -9.24 -1.15
N SER A 516 42.79 -8.98 -2.25
CA SER A 516 43.98 -9.77 -2.61
C SER A 516 45.11 -9.52 -1.61
N GLN A 517 44.93 -8.48 -0.78
CA GLN A 517 45.89 -8.10 0.26
C GLN A 517 45.88 -9.09 1.42
N LEU A 518 44.89 -9.98 1.43
CA LEU A 518 44.79 -11.02 2.45
C LEU A 518 45.92 -12.04 2.34
N THR A 519 46.63 -12.01 1.20
CA THR A 519 47.78 -12.91 0.96
C THR A 519 48.92 -12.63 1.94
N LYS A 520 48.93 -11.41 2.49
CA LYS A 520 49.93 -10.96 3.47
C LYS A 520 49.82 -11.70 4.81
N LEU A 521 48.67 -12.38 5.00
CA LEU A 521 48.41 -13.17 6.20
C LEU A 521 49.18 -14.50 6.17
N HIS A 522 49.85 -14.79 5.05
CA HIS A 522 50.67 -16.00 4.86
C HIS A 522 51.94 -15.92 5.70
N SER A 523 52.33 -14.68 6.03
CA SER A 523 53.52 -14.39 6.84
C SER A 523 53.34 -14.76 8.31
N PHE A 524 52.11 -15.07 8.68
CA PHE A 524 51.77 -15.41 10.05
C PHE A 524 51.45 -16.90 10.30
N LEU A 525 51.89 -17.78 9.40
CA LEU A 525 51.63 -19.22 9.54
C LEU A 525 52.26 -19.90 10.75
N GLY A 526 53.48 -19.51 11.10
CA GLY A 526 54.16 -20.06 12.26
C GLY A 526 53.92 -19.24 13.52
N ASP A 527 53.05 -18.24 13.43
CA ASP A 527 52.71 -17.35 14.56
C ASP A 527 51.64 -18.03 15.42
N ASP A 528 52.09 -18.68 16.49
CA ASP A 528 51.22 -19.41 17.43
C ASP A 528 50.19 -18.55 18.15
N VAL A 529 50.56 -17.31 18.50
CA VAL A 529 49.64 -16.39 19.19
C VAL A 529 48.52 -15.94 18.23
N PHE A 530 48.87 -15.68 16.98
CA PHE A 530 47.86 -15.27 15.98
C PHE A 530 46.87 -16.41 15.71
N LEU A 531 47.37 -17.66 15.70
CA LEU A 531 46.52 -18.84 15.50
C LEU A 531 45.53 -18.98 16.66
N ARG A 532 45.98 -18.64 17.86
CA ARG A 532 45.15 -18.68 19.08
C ARG A 532 44.09 -17.56 19.02
N GLU A 533 44.50 -16.40 18.47
CA GLU A 533 43.62 -15.24 18.32
C GLU A 533 42.55 -15.50 17.26
N LEU A 534 42.92 -16.32 16.27
CA LEU A 534 42.03 -16.71 15.18
C LEU A 534 40.98 -17.70 15.70
N ALA A 535 41.43 -18.61 16.56
CA ALA A 535 40.58 -19.64 17.16
C ALA A 535 39.57 -19.05 18.15
N LYS A 536 40.00 -18.00 18.86
CA LYS A 536 39.13 -17.32 19.83
C LYS A 536 38.01 -16.56 19.12
N VAL A 537 38.31 -15.97 17.96
CA VAL A 537 37.32 -15.23 17.17
C VAL A 537 36.21 -16.21 16.76
N LYS A 538 36.62 -17.42 16.34
CA LYS A 538 35.69 -18.47 15.94
C LYS A 538 34.86 -18.96 17.12
N GLN A 539 35.51 -19.13 18.28
CA GLN A 539 34.82 -19.59 19.49
C GLN A 539 33.80 -18.57 20.01
N GLU A 540 34.12 -17.28 19.90
CA GLU A 540 33.22 -16.21 20.33
C GLU A 540 32.00 -16.12 19.42
N ASN A 541 32.19 -16.43 18.13
CA ASN A 541 31.12 -16.43 17.13
C ASN A 541 30.24 -17.67 17.34
N LYS A 542 30.87 -18.79 17.71
CA LYS A 542 30.16 -20.05 17.99
C LYS A 542 29.32 -19.93 19.26
N LEU A 543 29.83 -19.19 20.23
CA LEU A 543 29.15 -18.96 21.51
C LEU A 543 27.92 -18.07 21.32
N LYS A 544 28.09 -17.02 20.50
CA LYS A 544 27.03 -16.05 20.18
C LYS A 544 25.90 -16.70 19.37
N PHE A 545 26.28 -17.58 18.44
CA PHE A 545 25.31 -18.29 17.62
C PHE A 545 24.68 -19.44 18.41
N SER A 546 25.41 -20.02 19.37
CA SER A 546 24.89 -21.11 20.20
C SER A 546 23.76 -20.58 21.09
N GLN A 547 23.84 -19.31 21.45
CA GLN A 547 22.83 -18.63 22.26
C GLN A 547 21.55 -18.51 21.43
N PHE A 548 21.72 -18.22 20.13
CA PHE A 548 20.61 -18.10 19.17
C PHE A 548 19.94 -19.47 19.02
N LEU A 549 20.75 -20.52 18.91
CA LEU A 549 20.27 -21.90 18.74
C LEU A 549 19.55 -22.47 19.97
N GLU A 550 19.96 -22.01 21.16
CA GLU A 550 19.34 -22.45 22.41
C GLU A 550 18.04 -21.70 22.68
N THR A 551 17.94 -20.47 22.19
CA THR A 551 16.75 -19.62 22.35
C THR A 551 15.62 -20.01 21.37
N GLU A 552 15.97 -20.27 20.11
CA GLU A 552 14.99 -20.63 19.08
C GLU A 552 14.61 -22.11 19.04
N TYR A 553 15.55 -22.97 19.43
CA TYR A 553 15.34 -24.42 19.44
C TYR A 553 15.58 -24.98 20.85
N LYS A 554 14.81 -25.99 21.22
CA LYS A 554 14.90 -26.62 22.55
C LYS A 554 15.96 -27.74 22.53
N VAL A 555 17.20 -27.35 22.20
CA VAL A 555 18.35 -28.26 22.12
C VAL A 555 19.54 -27.65 22.86
N LYS A 556 20.29 -28.50 23.55
CA LYS A 556 21.49 -28.10 24.30
C LYS A 556 22.69 -28.29 23.36
N ILE A 557 23.38 -27.19 23.06
CA ILE A 557 24.54 -27.21 22.15
C ILE A 557 25.87 -27.37 22.91
N ASN A 558 26.69 -28.30 22.43
CA ASN A 558 28.03 -28.58 22.97
C ASN A 558 28.96 -27.50 22.36
N PRO A 559 29.56 -26.62 23.20
CA PRO A 559 30.45 -25.56 22.71
C PRO A 559 31.76 -26.00 22.04
N SER A 560 32.26 -27.18 22.40
CA SER A 560 33.50 -27.72 21.85
C SER A 560 33.29 -28.52 20.57
N SER A 561 32.03 -28.67 20.16
CA SER A 561 31.67 -29.41 18.96
C SER A 561 31.97 -28.67 17.67
N MET A 562 32.20 -29.43 16.61
CA MET A 562 32.47 -28.90 15.28
C MET A 562 31.14 -28.48 14.67
N PHE A 563 31.10 -27.25 14.15
CA PHE A 563 29.89 -26.75 13.51
C PHE A 563 29.96 -27.10 12.03
N ASP A 564 29.24 -28.17 11.69
CA ASP A 564 29.14 -28.76 10.35
C ASP A 564 27.87 -28.15 9.71
N VAL A 565 28.06 -27.23 8.76
CA VAL A 565 26.93 -26.51 8.14
C VAL A 565 26.73 -26.61 6.62
N GLN A 566 25.47 -26.88 6.24
CA GLN A 566 25.04 -26.90 4.84
C GLN A 566 23.82 -26.00 4.73
N VAL A 567 24.03 -24.76 4.33
CA VAL A 567 22.94 -23.80 4.18
C VAL A 567 22.91 -23.23 2.78
N LYS A 568 21.79 -23.48 2.10
CA LYS A 568 21.50 -23.08 0.73
C LYS A 568 20.09 -23.58 0.42
N ARG A 569 19.55 -23.22 -0.74
CA ARG A 569 18.21 -23.67 -1.13
C ARG A 569 18.18 -25.21 -1.24
N ILE A 570 17.06 -25.82 -0.85
CA ILE A 570 16.95 -27.27 -0.91
C ILE A 570 16.69 -27.73 -2.33
N HIS A 571 17.59 -28.59 -2.81
CA HIS A 571 17.51 -29.15 -4.16
C HIS A 571 18.25 -30.49 -4.18
N GLU A 572 17.83 -31.36 -5.10
CA GLU A 572 18.44 -32.66 -5.28
C GLU A 572 19.89 -32.53 -5.75
N TYR A 573 20.15 -31.52 -6.59
CA TYR A 573 21.49 -31.28 -7.13
C TYR A 573 22.53 -30.89 -6.07
N LYS A 574 22.06 -30.15 -5.07
CA LYS A 574 22.89 -29.66 -3.96
C LYS A 574 23.18 -30.75 -2.93
N ARG A 575 22.42 -31.84 -3.03
CA ARG A 575 22.56 -33.04 -2.19
C ARG A 575 22.52 -32.93 -0.67
N GLN A 576 21.47 -32.31 -0.13
CA GLN A 576 21.28 -32.21 1.33
C GLN A 576 20.98 -33.63 1.84
N LEU A 577 20.60 -34.50 0.90
CA LEU A 577 20.31 -35.91 1.15
C LEU A 577 21.59 -36.69 1.45
N LEU A 578 22.67 -36.35 0.75
CA LEU A 578 23.99 -37.00 0.93
C LEU A 578 24.50 -36.71 2.34
N ASN A 579 24.23 -35.48 2.81
CA ASN A 579 24.62 -35.00 4.14
C ASN A 579 23.81 -35.79 5.17
N CYS A 580 22.53 -35.95 4.89
CA CYS A 580 21.61 -36.68 5.77
C CYS A 580 22.02 -38.15 5.94
N LEU A 581 22.56 -38.75 4.89
CA LEU A 581 23.03 -40.14 4.94
C LEU A 581 24.22 -40.27 5.88
N HIS A 582 25.10 -39.25 5.86
CA HIS A 582 26.28 -39.22 6.71
C HIS A 582 25.92 -38.97 8.18
N VAL A 583 24.85 -38.21 8.42
CA VAL A 583 24.38 -37.92 9.78
C VAL A 583 23.90 -39.21 10.44
N ILE A 584 23.22 -40.05 9.66
CA ILE A 584 22.69 -41.35 10.12
C ILE A 584 23.84 -42.35 10.31
N THR A 585 24.89 -42.25 9.49
CA THR A 585 26.06 -43.13 9.57
C THR A 585 26.80 -42.87 10.88
N MET A 586 26.95 -41.60 11.24
CA MET A 586 27.61 -41.18 12.48
C MET A 586 26.81 -41.59 13.71
N TYR A 587 25.48 -41.52 13.59
CA TYR A 587 24.55 -41.89 14.66
C TYR A 587 24.69 -43.39 14.98
N ASN A 588 24.72 -44.21 13.93
CA ASN A 588 24.86 -45.67 14.03
C ASN A 588 26.20 -46.11 14.62
N ARG A 589 27.24 -45.33 14.34
CA ARG A 589 28.59 -45.59 14.85
C ARG A 589 28.72 -45.39 16.36
N ILE A 590 27.89 -44.48 16.90
CA ILE A 590 27.84 -44.18 18.34
C ILE A 590 26.99 -45.25 19.04
N LYS A 591 25.96 -45.74 18.35
CA LYS A 591 25.06 -46.77 18.90
C LYS A 591 25.69 -48.17 18.93
N LYS A 592 26.56 -48.44 17.96
CA LYS A 592 27.25 -49.74 17.84
C LYS A 592 28.42 -49.82 18.82
N ASP A 593 29.11 -48.69 19.02
CA ASP A 593 30.26 -48.59 19.93
C ASP A 593 30.19 -47.25 20.71
N PRO A 594 29.51 -47.25 21.88
CA PRO A 594 29.35 -46.06 22.73
C PRO A 594 30.62 -45.54 23.42
N LYS A 595 31.60 -46.42 23.61
CA LYS A 595 32.86 -46.09 24.27
C LYS A 595 33.98 -45.64 23.32
N LYS A 596 33.72 -45.70 22.01
CA LYS A 596 34.69 -45.31 20.97
C LYS A 596 34.88 -43.79 20.92
N LEU A 597 36.07 -43.37 20.49
CA LEU A 597 36.43 -41.96 20.37
C LEU A 597 35.71 -41.32 19.18
N PHE A 598 34.81 -40.40 19.50
CA PHE A 598 34.01 -39.69 18.50
C PHE A 598 34.24 -38.19 18.69
N VAL A 599 34.51 -37.51 17.57
CA VAL A 599 34.74 -36.06 17.56
C VAL A 599 33.33 -35.45 17.49
N PRO A 600 32.91 -34.72 18.55
CA PRO A 600 31.57 -34.10 18.58
C PRO A 600 31.28 -33.09 17.47
N ARG A 601 30.07 -33.19 16.92
CA ARG A 601 29.61 -32.30 15.85
C ARG A 601 28.18 -31.79 16.08
N THR A 602 27.92 -30.59 15.57
CA THR A 602 26.60 -29.98 15.58
C THR A 602 26.37 -29.81 14.08
N VAL A 603 25.57 -30.69 13.51
CA VAL A 603 25.27 -30.64 12.07
C VAL A 603 24.06 -29.74 11.85
N ILE A 604 24.29 -28.67 11.10
CA ILE A 604 23.26 -27.69 10.80
C ILE A 604 22.95 -27.70 9.30
N ILE A 605 21.69 -28.02 8.96
CA ILE A 605 21.25 -28.03 7.56
C ILE A 605 20.09 -27.05 7.46
N GLY A 606 20.16 -26.12 6.51
CA GLY A 606 19.09 -25.16 6.36
C GLY A 606 18.89 -24.67 4.95
N GLY A 607 17.69 -24.18 4.68
CA GLY A 607 17.36 -23.68 3.36
C GLY A 607 15.90 -23.83 3.05
N LYS A 608 15.40 -23.02 2.12
CA LYS A 608 14.01 -23.07 1.71
C LYS A 608 13.80 -23.96 0.49
N ALA A 609 12.65 -24.62 0.45
CA ALA A 609 12.30 -25.47 -0.67
C ALA A 609 11.18 -24.79 -1.42
N ALA A 610 11.21 -24.88 -2.76
CA ALA A 610 10.15 -24.31 -3.60
C ALA A 610 8.85 -25.06 -3.26
N PRO A 611 7.71 -24.33 -3.12
CA PRO A 611 6.40 -24.91 -2.78
C PRO A 611 5.92 -26.09 -3.62
N GLY A 612 6.14 -26.02 -4.93
CA GLY A 612 5.72 -27.08 -5.84
C GLY A 612 6.72 -28.22 -6.00
N TYR A 613 7.85 -28.11 -5.30
CA TYR A 613 8.92 -29.11 -5.34
C TYR A 613 8.71 -30.12 -4.21
N HIS A 614 8.10 -31.25 -4.57
CA HIS A 614 7.78 -32.34 -3.64
C HIS A 614 8.99 -33.03 -3.02
N MET A 615 9.98 -33.37 -3.86
CA MET A 615 11.17 -34.07 -3.41
C MET A 615 12.01 -33.27 -2.41
N ALA A 616 12.03 -31.95 -2.57
CA ALA A 616 12.76 -31.04 -1.67
C ALA A 616 12.07 -30.97 -0.29
N LYS A 617 10.74 -31.02 -0.31
CA LYS A 617 9.93 -31.00 0.92
C LYS A 617 10.05 -32.31 1.69
N MET A 618 10.29 -33.40 0.96
CA MET A 618 10.46 -34.72 1.56
C MET A 618 11.83 -34.82 2.22
N ILE A 619 12.82 -34.15 1.62
CA ILE A 619 14.19 -34.11 2.15
C ILE A 619 14.21 -33.32 3.47
N ILE A 620 13.40 -32.26 3.53
CA ILE A 620 13.30 -31.44 4.75
C ILE A 620 12.72 -32.29 5.89
N LYS A 621 11.64 -33.03 5.59
CA LYS A 621 11.03 -33.89 6.61
C LYS A 621 11.94 -35.03 7.03
N LEU A 622 12.82 -35.48 6.13
CA LEU A 622 13.78 -36.55 6.45
C LEU A 622 14.80 -36.02 7.46
N ILE A 623 15.28 -34.79 7.24
CA ILE A 623 16.25 -34.15 8.14
C ILE A 623 15.66 -33.90 9.53
N THR A 624 14.43 -33.39 9.58
CA THR A 624 13.78 -33.11 10.86
C THR A 624 13.43 -34.39 11.64
N SER A 625 13.12 -35.47 10.90
CA SER A 625 12.81 -36.79 11.49
C SER A 625 14.08 -37.41 12.07
N VAL A 626 15.20 -37.21 11.37
CA VAL A 626 16.51 -37.70 11.81
C VAL A 626 16.94 -36.91 13.05
N ALA A 627 16.68 -35.61 13.03
CA ALA A 627 17.01 -34.70 14.14
C ALA A 627 16.34 -35.07 15.46
N ASP A 628 15.05 -35.36 15.40
CA ASP A 628 14.26 -35.73 16.59
C ASP A 628 14.69 -37.03 17.25
N VAL A 629 15.26 -37.95 16.46
CA VAL A 629 15.74 -39.24 16.95
C VAL A 629 17.16 -39.09 17.53
N VAL A 630 18.01 -38.35 16.82
CA VAL A 630 19.41 -38.12 17.21
C VAL A 630 19.55 -37.24 18.47
N ASN A 631 18.81 -36.14 18.53
CA ASN A 631 18.87 -35.19 19.66
C ASN A 631 18.26 -35.71 20.97
N ASN A 632 17.30 -36.63 20.86
CA ASN A 632 16.62 -37.18 22.03
C ASN A 632 17.10 -38.56 22.47
N ASP A 633 18.20 -39.02 21.87
CA ASP A 633 18.79 -40.32 22.20
C ASP A 633 19.80 -40.14 23.36
N PRO A 634 19.58 -40.84 24.49
CA PRO A 634 20.47 -40.75 25.67
C PRO A 634 21.86 -41.37 25.51
N MET A 635 22.00 -42.33 24.59
CA MET A 635 23.25 -43.02 24.30
C MET A 635 24.20 -42.13 23.48
N VAL A 636 23.61 -41.19 22.73
CA VAL A 636 24.37 -40.24 21.89
C VAL A 636 24.79 -39.03 22.73
N GLY A 637 23.81 -38.29 23.24
CA GLY A 637 24.06 -37.12 24.09
C GLY A 637 24.72 -35.93 23.41
N SER A 638 25.75 -35.40 24.05
CA SER A 638 26.50 -34.23 23.57
C SER A 638 27.48 -34.51 22.41
N LYS A 639 27.46 -35.76 21.93
CA LYS A 639 28.31 -36.19 20.82
C LYS A 639 27.79 -35.74 19.45
N LEU A 640 26.48 -35.76 19.26
CA LEU A 640 25.88 -35.36 17.99
C LEU A 640 24.52 -34.70 18.15
N LYS A 641 24.40 -33.50 17.58
CA LYS A 641 23.17 -32.71 17.59
C LYS A 641 22.89 -32.26 16.15
N VAL A 642 21.62 -32.35 15.75
CA VAL A 642 21.21 -31.96 14.40
C VAL A 642 20.14 -30.87 14.50
N ILE A 643 20.32 -29.81 13.70
CA ILE A 643 19.40 -28.67 13.67
C ILE A 643 18.99 -28.37 12.24
N PHE A 644 17.68 -28.24 12.00
CA PHE A 644 17.25 -27.81 10.67
C PHE A 644 17.05 -26.31 10.91
N LEU A 645 17.96 -25.50 10.37
CA LEU A 645 17.91 -24.05 10.51
C LEU A 645 16.78 -23.49 9.68
N GLU A 646 15.76 -23.02 10.39
CA GLU A 646 14.54 -22.47 9.82
C GLU A 646 14.69 -21.05 9.28
N ASN A 647 13.94 -20.79 8.21
CA ASN A 647 13.89 -19.48 7.56
C ASN A 647 15.24 -18.90 7.15
N TYR A 648 16.04 -19.72 6.47
CA TYR A 648 17.36 -19.29 6.00
C TYR A 648 17.18 -18.13 5.01
N ARG A 649 17.78 -17.00 5.37
CA ARG A 649 17.73 -15.75 4.62
C ARG A 649 19.06 -15.01 4.83
N VAL A 650 19.23 -13.86 4.19
CA VAL A 650 20.48 -13.07 4.29
C VAL A 650 20.89 -12.70 5.73
N SER A 651 19.94 -12.22 6.54
CA SER A 651 20.23 -11.84 7.94
C SER A 651 20.65 -13.03 8.80
N LEU A 652 20.11 -14.22 8.48
CA LEU A 652 20.45 -15.44 9.21
C LEU A 652 21.78 -16.00 8.74
N ALA A 653 22.09 -15.79 7.45
CA ALA A 653 23.36 -16.22 6.85
C ALA A 653 24.50 -15.47 7.55
N GLU A 654 24.23 -14.21 7.89
CA GLU A 654 25.19 -13.35 8.58
C GLU A 654 25.51 -13.85 9.99
N LYS A 655 24.58 -14.60 10.57
CA LYS A 655 24.75 -15.14 11.91
C LYS A 655 25.42 -16.51 11.95
N VAL A 656 25.03 -17.40 11.03
CA VAL A 656 25.55 -18.78 10.95
C VAL A 656 26.94 -18.96 10.35
N ILE A 657 27.20 -18.24 9.26
CA ILE A 657 28.48 -18.33 8.55
C ILE A 657 29.73 -18.04 9.40
N PRO A 658 29.76 -16.96 10.24
CA PRO A 658 30.96 -16.70 11.05
C PRO A 658 31.19 -17.70 12.17
N ALA A 659 30.15 -18.46 12.49
CA ALA A 659 30.18 -19.48 13.54
C ALA A 659 30.46 -20.89 13.02
N THR A 660 30.77 -21.00 11.73
CA THR A 660 31.01 -22.30 11.10
C THR A 660 32.45 -22.79 11.06
N ASP A 661 32.61 -24.10 11.27
CA ASP A 661 33.92 -24.77 11.20
C ASP A 661 34.05 -25.53 9.89
N LEU A 662 33.00 -26.25 9.52
CA LEU A 662 32.98 -27.04 8.29
C LEU A 662 31.84 -26.63 7.38
N SER A 663 32.20 -26.24 6.16
CA SER A 663 31.27 -25.82 5.12
C SER A 663 31.00 -26.96 4.13
N GLU A 664 29.73 -27.35 3.99
CA GLU A 664 29.35 -28.44 3.07
C GLU A 664 28.91 -27.89 1.72
N GLN A 665 29.73 -28.17 0.70
CA GLN A 665 29.50 -27.73 -0.69
C GLN A 665 29.64 -29.00 -1.51
N ILE A 666 28.68 -29.89 -1.30
CA ILE A 666 28.64 -31.23 -1.87
C ILE A 666 27.78 -31.55 -3.10
N SER A 667 27.58 -30.58 -3.98
CA SER A 667 26.80 -30.78 -5.21
C SER A 667 27.48 -31.76 -6.18
N THR A 668 26.70 -32.42 -7.04
CA THR A 668 27.27 -33.37 -8.01
C THR A 668 28.10 -32.60 -9.03
N ALA A 669 29.27 -33.16 -9.37
CA ALA A 669 30.17 -32.54 -10.34
C ALA A 669 29.48 -32.18 -11.65
N GLY A 670 29.51 -30.89 -11.96
CA GLY A 670 28.89 -30.36 -13.17
C GLY A 670 27.49 -29.79 -12.99
N THR A 671 27.01 -29.67 -11.75
CA THR A 671 25.65 -29.16 -11.49
C THR A 671 25.57 -27.76 -10.89
N GLU A 672 26.50 -27.40 -10.02
CA GLU A 672 26.54 -26.06 -9.41
C GLU A 672 27.38 -25.18 -10.33
N ALA A 673 26.75 -24.15 -10.89
CA ALA A 673 27.40 -23.22 -11.80
C ALA A 673 28.63 -22.55 -11.19
N SER A 674 28.49 -22.08 -9.95
CA SER A 674 29.58 -21.45 -9.23
C SER A 674 29.46 -21.71 -7.75
N GLY A 675 28.44 -21.07 -7.19
CA GLY A 675 28.17 -21.10 -5.77
C GLY A 675 28.76 -19.80 -5.25
N THR A 676 28.18 -19.26 -4.17
CA THR A 676 28.69 -18.04 -3.55
C THR A 676 28.76 -18.29 -2.06
N GLY A 677 27.93 -19.23 -1.58
CA GLY A 677 27.93 -19.61 -0.17
C GLY A 677 29.31 -20.15 0.19
N ASN A 678 29.90 -20.90 -0.73
CA ASN A 678 31.25 -21.45 -0.56
C ASN A 678 32.32 -20.40 -0.23
N MET A 679 32.20 -19.25 -0.89
CA MET A 679 33.12 -18.12 -0.73
C MET A 679 32.97 -17.41 0.61
N LYS A 680 31.72 -17.32 1.08
CA LYS A 680 31.40 -16.65 2.36
C LYS A 680 32.01 -17.41 3.53
N PHE A 681 31.95 -18.74 3.46
CA PHE A 681 32.51 -19.61 4.50
C PHE A 681 34.02 -19.58 4.56
N MET A 682 34.66 -19.51 3.39
CA MET A 682 36.12 -19.47 3.24
C MET A 682 36.70 -18.18 3.85
N LEU A 683 36.01 -17.06 3.60
CA LEU A 683 36.40 -15.74 4.09
C LEU A 683 36.20 -15.64 5.61
N ASN A 684 35.26 -16.44 6.12
CA ASN A 684 34.93 -16.41 7.54
C ASN A 684 35.57 -17.42 8.47
N GLY A 685 36.63 -18.08 8.01
CA GLY A 685 37.34 -19.02 8.87
C GLY A 685 36.85 -20.45 8.94
N ALA A 686 36.11 -20.91 7.93
CA ALA A 686 35.62 -22.28 7.89
C ALA A 686 36.34 -23.06 6.80
N LEU A 687 36.55 -24.36 7.04
CA LEU A 687 37.17 -25.24 6.06
C LEU A 687 36.05 -25.80 5.19
N THR A 688 36.36 -26.17 3.96
CA THR A 688 35.37 -26.67 3.03
C THR A 688 35.49 -28.13 2.63
N ILE A 689 34.36 -28.84 2.68
CA ILE A 689 34.29 -30.21 2.20
C ILE A 689 33.40 -30.14 0.95
N GLY A 690 33.98 -30.55 -0.17
CA GLY A 690 33.22 -30.49 -1.40
C GLY A 690 33.77 -31.24 -2.58
N THR A 691 33.02 -31.16 -3.67
CA THR A 691 33.38 -31.80 -4.94
C THR A 691 34.06 -30.75 -5.80
N MET A 692 34.64 -31.18 -6.92
CA MET A 692 35.28 -30.27 -7.88
C MET A 692 34.16 -29.79 -8.81
N ASP A 693 33.33 -28.91 -8.26
CA ASP A 693 32.19 -28.35 -8.96
C ASP A 693 32.11 -26.86 -8.71
N GLY A 694 31.82 -26.11 -9.78
CA GLY A 694 31.69 -24.67 -9.70
C GLY A 694 32.96 -23.96 -9.27
N ALA A 695 32.80 -22.99 -8.37
CA ALA A 695 33.90 -22.21 -7.85
C ALA A 695 34.76 -22.97 -6.82
N ASN A 696 34.33 -24.16 -6.39
CA ASN A 696 35.08 -25.00 -5.44
C ASN A 696 36.46 -25.33 -6.03
N VAL A 697 36.48 -25.49 -7.36
CA VAL A 697 37.69 -25.78 -8.15
C VAL A 697 38.69 -24.64 -7.99
N GLU A 698 38.19 -23.42 -8.13
CA GLU A 698 38.99 -22.21 -8.02
C GLU A 698 39.41 -21.88 -6.59
N MET A 699 38.66 -22.38 -5.62
CA MET A 699 38.97 -22.18 -4.20
C MET A 699 40.17 -23.06 -3.87
N ALA A 700 40.18 -24.23 -4.51
CA ALA A 700 41.25 -25.21 -4.38
C ALA A 700 42.52 -24.72 -5.07
N GLU A 701 42.35 -24.03 -6.21
CA GLU A 701 43.47 -23.46 -6.97
C GLU A 701 44.17 -22.36 -6.18
N GLU A 702 43.38 -21.54 -5.50
CA GLU A 702 43.91 -20.44 -4.70
C GLU A 702 44.53 -20.85 -3.38
N ALA A 703 43.86 -21.74 -2.66
CA ALA A 703 44.33 -22.19 -1.34
C ALA A 703 45.25 -23.39 -1.33
N GLY A 704 45.20 -24.17 -2.41
CA GLY A 704 45.98 -25.40 -2.51
C GLY A 704 44.96 -26.49 -2.26
N GLU A 705 44.88 -27.47 -3.16
CA GLU A 705 43.93 -28.58 -3.04
C GLU A 705 43.98 -29.36 -1.74
N GLU A 706 45.19 -29.49 -1.18
CA GLU A 706 45.40 -30.21 0.09
C GLU A 706 44.81 -29.46 1.29
N ASN A 707 44.45 -28.19 1.06
CA ASN A 707 43.88 -27.33 2.10
C ASN A 707 42.36 -27.26 2.13
N LEU A 708 41.75 -28.05 1.25
CA LEU A 708 40.30 -28.19 1.17
C LEU A 708 40.07 -29.68 1.28
N PHE A 709 38.85 -30.07 1.62
CA PHE A 709 38.52 -31.49 1.73
C PHE A 709 37.73 -31.95 0.52
N ILE A 710 38.44 -32.06 -0.61
CA ILE A 710 37.89 -32.48 -1.88
C ILE A 710 37.70 -33.99 -1.93
N PHE A 711 36.55 -34.43 -2.44
CA PHE A 711 36.22 -35.83 -2.57
C PHE A 711 35.40 -36.10 -3.81
N GLY A 712 35.14 -37.39 -4.03
CA GLY A 712 34.30 -37.85 -5.12
C GLY A 712 34.71 -37.71 -6.55
N MET A 713 33.77 -38.05 -7.42
CA MET A 713 33.95 -38.00 -8.85
C MET A 713 33.93 -36.59 -9.43
N ARG A 714 34.78 -36.41 -10.44
CA ARG A 714 34.94 -35.15 -11.15
C ARG A 714 34.10 -35.18 -12.42
N ILE A 715 34.06 -34.05 -13.13
CA ILE A 715 33.28 -33.87 -14.38
C ILE A 715 33.36 -35.03 -15.40
N ASP A 716 34.56 -35.56 -15.58
CA ASP A 716 34.82 -36.67 -16.52
C ASP A 716 34.32 -38.02 -16.01
N ASP A 717 34.38 -38.22 -14.69
CA ASP A 717 33.96 -39.47 -14.05
C ASP A 717 32.44 -39.62 -13.91
N VAL A 718 31.72 -38.50 -13.99
CA VAL A 718 30.25 -38.48 -13.92
C VAL A 718 29.74 -38.83 -15.33
N ALA A 719 30.46 -38.33 -16.34
CA ALA A 719 30.14 -38.55 -17.74
C ALA A 719 30.42 -40.01 -18.16
N ALA A 720 31.34 -40.65 -17.44
CA ALA A 720 31.73 -42.05 -17.69
C ALA A 720 30.71 -43.01 -17.08
N LEU A 721 30.05 -42.55 -16.02
CA LEU A 721 29.04 -43.34 -15.31
C LEU A 721 27.67 -43.19 -16.01
N ASP A 722 27.53 -42.14 -16.82
CA ASP A 722 26.32 -41.86 -17.61
C ASP A 722 26.35 -42.72 -18.88
N LYS A 723 27.57 -42.95 -19.38
CA LYS A 723 27.84 -43.74 -20.59
C LYS A 723 27.64 -45.23 -20.34
N LYS A 724 28.11 -45.70 -19.18
CA LYS A 724 27.99 -47.11 -18.76
C LYS A 724 26.56 -47.44 -18.33
N GLY A 725 25.98 -46.55 -17.54
CA GLY A 725 24.63 -46.72 -17.03
C GLY A 725 24.69 -46.77 -15.52
N TYR A 726 23.94 -45.88 -14.87
CA TYR A 726 23.91 -45.81 -13.40
C TYR A 726 22.96 -46.82 -12.76
N GLU A 727 23.55 -47.68 -11.93
CA GLU A 727 22.81 -48.70 -11.20
C GLU A 727 23.13 -48.46 -9.72
N ALA A 728 22.17 -47.87 -9.02
CA ALA A 728 22.29 -47.53 -7.60
C ALA A 728 22.21 -48.73 -6.66
N LYS A 729 21.85 -49.89 -7.21
CA LYS A 729 21.73 -51.14 -6.45
C LYS A 729 23.11 -51.73 -6.12
N GLU A 730 24.10 -51.43 -6.97
CA GLU A 730 25.47 -51.91 -6.83
C GLU A 730 26.18 -51.32 -5.60
N TYR A 731 25.99 -50.02 -5.36
CA TYR A 731 26.58 -49.31 -4.23
C TYR A 731 25.89 -49.63 -2.90
N TYR A 732 24.65 -50.08 -2.97
CA TYR A 732 23.84 -50.46 -1.80
C TYR A 732 24.35 -51.79 -1.22
N GLU A 733 24.62 -52.74 -2.11
CA GLU A 733 25.10 -54.07 -1.73
C GLU A 733 26.60 -54.18 -1.48
N ALA A 734 27.37 -53.22 -2.00
CA ALA A 734 28.82 -53.22 -1.83
C ALA A 734 29.26 -52.51 -0.55
N LEU A 735 28.42 -51.59 -0.08
CA LEU A 735 28.69 -50.82 1.13
C LEU A 735 27.75 -51.21 2.28
N PRO A 736 28.29 -51.78 3.39
CA PRO A 736 27.50 -52.20 4.55
C PRO A 736 26.88 -51.06 5.39
N GLU A 737 27.56 -49.92 5.43
CA GLU A 737 27.09 -48.74 6.19
C GLU A 737 25.93 -48.03 5.50
N LEU A 738 25.92 -48.07 4.16
CA LEU A 738 24.87 -47.47 3.34
C LEU A 738 23.62 -48.35 3.43
N LYS A 739 23.83 -49.65 3.58
CA LYS A 739 22.76 -50.64 3.69
C LYS A 739 21.91 -50.40 4.94
N LEU A 740 22.58 -50.14 6.06
CA LEU A 740 21.92 -49.88 7.35
C LEU A 740 21.16 -48.55 7.32
N VAL A 741 21.74 -47.55 6.65
CA VAL A 741 21.15 -46.22 6.52
C VAL A 741 19.86 -46.26 5.68
N ILE A 742 19.92 -46.91 4.52
CA ILE A 742 18.78 -47.04 3.61
C ILE A 742 17.67 -47.95 4.14
N ASP A 743 18.03 -48.98 4.91
CA ASP A 743 17.05 -49.89 5.51
C ASP A 743 16.27 -49.16 6.61
N GLN A 744 16.98 -48.31 7.37
CA GLN A 744 16.39 -47.52 8.46
C GLN A 744 15.39 -46.47 7.94
N ILE A 745 15.65 -45.93 6.75
CA ILE A 745 14.78 -44.93 6.13
C ILE A 745 13.53 -45.59 5.50
N ASP A 746 13.72 -46.76 4.90
CA ASP A 746 12.64 -47.52 4.24
C ASP A 746 11.71 -48.28 5.19
N ASN A 747 12.25 -48.78 6.31
CA ASN A 747 11.47 -49.54 7.30
C ASN A 747 10.74 -48.69 8.33
N GLY A 748 11.09 -47.40 8.38
CA GLY A 748 10.44 -46.47 9.30
C GLY A 748 11.04 -46.29 10.68
N PHE A 749 12.37 -46.28 10.77
CA PHE A 749 13.07 -46.10 12.04
C PHE A 749 13.00 -44.61 12.42
N PHE A 750 12.89 -43.76 11.39
CA PHE A 750 12.80 -42.31 11.55
C PHE A 750 11.37 -41.79 11.44
N SER A 751 10.45 -42.72 11.17
CA SER A 751 9.02 -42.43 11.05
C SER A 751 8.24 -43.69 11.49
N PRO A 752 8.15 -43.95 12.82
CA PRO A 752 7.44 -45.13 13.36
C PRO A 752 5.93 -45.18 13.11
N LYS A 753 5.29 -44.01 13.12
CA LYS A 753 3.84 -43.89 12.92
C LYS A 753 3.42 -43.94 11.44
N GLN A 754 4.39 -43.74 10.55
CA GLN A 754 4.19 -43.78 9.10
C GLN A 754 5.42 -44.47 8.47
N PRO A 755 5.47 -45.82 8.48
CA PRO A 755 6.60 -46.59 7.91
C PRO A 755 6.91 -46.40 6.42
N ASP A 756 5.88 -46.08 5.64
CA ASP A 756 6.02 -45.88 4.19
C ASP A 756 6.12 -44.40 3.77
N LEU A 757 6.43 -43.53 4.74
CA LEU A 757 6.52 -42.08 4.50
C LEU A 757 7.61 -41.63 3.53
N PHE A 758 8.81 -42.19 3.67
CA PHE A 758 9.93 -41.83 2.80
C PHE A 758 10.10 -42.76 1.60
N LYS A 759 8.98 -43.32 1.13
CA LYS A 759 8.92 -44.24 -0.01
C LYS A 759 9.36 -43.56 -1.30
N ASP A 760 8.98 -42.29 -1.45
CA ASP A 760 9.33 -41.48 -2.62
C ASP A 760 10.82 -41.19 -2.71
N ILE A 761 11.47 -41.09 -1.54
CA ILE A 761 12.91 -40.84 -1.43
C ILE A 761 13.69 -42.09 -1.85
N ILE A 762 13.24 -43.26 -1.38
CA ILE A 762 13.86 -44.56 -1.69
C ILE A 762 13.72 -44.90 -3.18
N ASN A 763 12.54 -44.60 -3.75
CA ASN A 763 12.22 -44.86 -5.16
C ASN A 763 13.10 -44.00 -6.08
N MET A 764 13.32 -42.75 -5.67
CA MET A 764 14.15 -41.80 -6.41
C MET A 764 15.61 -42.21 -6.36
N LEU A 765 16.08 -42.56 -5.16
CA LEU A 765 17.46 -42.97 -4.94
C LEU A 765 17.94 -44.19 -5.72
N PHE A 766 17.07 -45.19 -5.84
CA PHE A 766 17.39 -46.42 -6.55
C PHE A 766 17.18 -46.39 -8.05
N TYR A 767 16.09 -45.78 -8.51
CA TYR A 767 15.76 -45.76 -9.93
C TYR A 767 15.84 -44.45 -10.72
N HIS A 768 15.50 -43.32 -10.09
CA HIS A 768 15.49 -42.02 -10.79
C HIS A 768 16.42 -40.93 -10.19
N ASP A 769 17.68 -41.27 -9.93
CA ASP A 769 18.62 -40.30 -9.37
C ASP A 769 19.65 -39.79 -10.39
N ARG A 770 19.36 -38.61 -10.94
CA ARG A 770 20.23 -37.96 -11.92
C ARG A 770 21.48 -37.35 -11.29
N PHE A 771 21.48 -37.26 -9.96
CA PHE A 771 22.57 -36.66 -9.20
C PHE A 771 23.46 -37.59 -8.38
N LYS A 772 23.37 -38.88 -8.75
CA LYS A 772 24.16 -39.99 -8.20
C LYS A 772 24.70 -39.92 -6.76
N VAL A 773 23.77 -39.84 -5.80
CA VAL A 773 24.06 -39.76 -4.36
C VAL A 773 24.88 -40.94 -3.82
N PHE A 774 24.46 -42.16 -4.18
CA PHE A 774 25.13 -43.41 -3.75
C PHE A 774 26.55 -43.58 -4.29
N ALA A 775 26.80 -42.98 -5.46
CA ALA A 775 28.10 -43.06 -6.11
C ALA A 775 29.19 -42.23 -5.44
N ASP A 776 28.77 -41.27 -4.62
CA ASP A 776 29.68 -40.39 -3.91
C ASP A 776 29.73 -40.63 -2.40
N TYR A 777 28.83 -41.50 -1.91
CA TYR A 777 28.72 -41.85 -0.47
C TYR A 777 30.02 -42.32 0.19
N GLU A 778 30.66 -43.34 -0.39
CA GLU A 778 31.90 -43.91 0.14
C GLU A 778 33.02 -42.88 0.29
N ALA A 779 33.28 -42.13 -0.80
CA ALA A 779 34.31 -41.09 -0.82
C ALA A 779 34.01 -39.93 0.13
N TYR A 780 32.71 -39.70 0.38
CA TYR A 780 32.22 -38.65 1.28
C TYR A 780 32.45 -39.00 2.74
N VAL A 781 32.06 -40.21 3.13
CA VAL A 781 32.20 -40.71 4.50
C VAL A 781 33.69 -40.81 4.86
N LYS A 782 34.51 -41.22 3.89
CA LYS A 782 35.97 -41.33 4.04
C LYS A 782 36.61 -39.95 4.19
N CYS A 783 36.09 -38.97 3.45
CA CYS A 783 36.58 -37.59 3.50
C CYS A 783 36.17 -36.93 4.82
N GLN A 784 34.98 -37.29 5.31
CA GLN A 784 34.45 -36.77 6.57
C GLN A 784 35.21 -37.31 7.79
N ASP A 785 35.80 -38.49 7.63
CA ASP A 785 36.60 -39.12 8.66
C ASP A 785 37.91 -38.35 8.78
N LYS A 786 38.39 -37.84 7.63
CA LYS A 786 39.62 -37.04 7.54
C LYS A 786 39.42 -35.67 8.18
N VAL A 787 38.20 -35.12 8.06
CA VAL A 787 37.83 -33.82 8.65
C VAL A 787 37.87 -33.96 10.17
N SER A 788 37.26 -35.04 10.66
CA SER A 788 37.20 -35.35 12.09
C SER A 788 38.58 -35.52 12.71
N GLN A 789 39.50 -36.15 11.97
CA GLN A 789 40.87 -36.37 12.41
C GLN A 789 41.65 -35.06 12.55
N LEU A 790 41.42 -34.14 11.61
CA LEU A 790 42.09 -32.83 11.63
C LEU A 790 41.55 -31.93 12.75
N TYR A 791 40.27 -32.07 13.08
CA TYR A 791 39.63 -31.27 14.15
C TYR A 791 40.19 -31.55 15.54
N MET A 792 40.76 -32.75 15.72
CA MET A 792 41.39 -33.17 16.99
C MET A 792 42.77 -32.54 17.18
N ASN A 793 43.24 -31.84 16.14
CA ASN A 793 44.52 -31.17 16.16
C ASN A 793 44.23 -29.69 15.83
N PRO A 794 43.96 -28.85 16.86
CA PRO A 794 43.66 -27.43 16.68
C PRO A 794 44.71 -26.64 15.90
N LYS A 795 45.99 -26.95 16.14
CA LYS A 795 47.10 -26.29 15.46
C LYS A 795 47.09 -26.54 13.95
N ALA A 796 46.81 -27.78 13.54
CA ALA A 796 46.77 -28.15 12.12
C ALA A 796 45.51 -27.60 11.45
N TRP A 797 44.39 -27.62 12.20
CA TRP A 797 43.11 -27.10 11.72
C TRP A 797 43.20 -25.60 11.43
N ASN A 798 43.68 -24.85 12.42
CA ASN A 798 43.82 -23.39 12.31
C ASN A 798 44.85 -22.89 11.32
N THR A 799 45.88 -23.70 11.05
CA THR A 799 46.91 -23.38 10.07
C THR A 799 46.26 -23.50 8.69
N MET A 800 45.41 -24.52 8.52
CA MET A 800 44.69 -24.74 7.27
C MET A 800 43.65 -23.64 7.04
N VAL A 801 43.02 -23.18 8.14
CA VAL A 801 42.03 -22.09 8.10
C VAL A 801 42.69 -20.81 7.59
N LEU A 802 43.88 -20.52 8.12
CA LEU A 802 44.64 -19.33 7.73
C LEU A 802 45.00 -19.36 6.26
N LYS A 803 45.36 -20.56 5.75
CA LYS A 803 45.69 -20.73 4.33
C LYS A 803 44.45 -20.47 3.45
N ASN A 804 43.26 -20.73 3.99
CA ASN A 804 41.99 -20.49 3.28
C ASN A 804 41.64 -19.00 3.25
N ILE A 805 41.67 -18.35 4.42
CA ILE A 805 41.36 -16.90 4.54
C ILE A 805 42.34 -16.08 3.70
N ALA A 806 43.63 -16.41 3.83
CA ALA A 806 44.71 -15.74 3.11
C ALA A 806 44.63 -15.89 1.58
N ALA A 807 43.90 -16.89 1.13
CA ALA A 807 43.73 -17.16 -0.29
C ALA A 807 42.30 -16.89 -0.80
N SER A 808 41.47 -16.29 0.04
CA SER A 808 40.08 -15.97 -0.33
C SER A 808 39.92 -14.67 -1.12
N GLY A 809 41.02 -13.93 -1.26
CA GLY A 809 41.07 -12.66 -1.97
C GLY A 809 40.46 -12.51 -3.35
N LYS A 810 40.62 -13.53 -4.20
CA LYS A 810 40.06 -13.55 -5.57
C LYS A 810 38.52 -13.48 -5.57
N PHE A 811 37.93 -13.99 -4.51
CA PHE A 811 36.48 -14.07 -4.38
C PHE A 811 35.71 -12.84 -3.92
N SER A 812 36.37 -11.68 -3.99
CA SER A 812 35.74 -10.41 -3.67
C SER A 812 34.99 -10.00 -4.92
N SER A 813 33.75 -9.52 -4.75
CA SER A 813 32.95 -9.07 -5.89
C SER A 813 33.54 -7.81 -6.54
N ASP A 814 34.50 -7.18 -5.86
CA ASP A 814 35.22 -6.01 -6.37
C ASP A 814 36.08 -6.47 -7.56
N ARG A 815 36.70 -7.64 -7.41
CA ARG A 815 37.54 -8.25 -8.47
C ARG A 815 36.62 -8.63 -9.64
N THR A 816 35.47 -9.24 -9.32
CA THR A 816 34.50 -9.66 -10.34
C THR A 816 33.99 -8.45 -11.15
N ILE A 817 33.61 -7.38 -10.43
CA ILE A 817 33.11 -6.15 -11.07
C ILE A 817 34.17 -5.44 -11.90
N LYS A 818 35.45 -5.53 -11.49
CA LYS A 818 36.55 -4.92 -12.23
C LYS A 818 36.72 -5.58 -13.60
N GLU A 819 36.50 -6.90 -13.64
CA GLU A 819 36.59 -7.69 -14.87
C GLU A 819 35.37 -7.43 -15.77
N TYR A 820 34.18 -7.30 -15.18
CA TYR A 820 32.95 -6.98 -15.95
C TYR A 820 33.12 -5.58 -16.55
N ALA A 821 33.72 -4.69 -15.76
CA ALA A 821 33.97 -3.31 -16.16
C ALA A 821 34.95 -3.17 -17.32
N GLN A 822 36.05 -3.93 -17.24
CA GLN A 822 37.10 -3.91 -18.26
C GLN A 822 36.77 -4.66 -19.55
N ASN A 823 36.29 -5.89 -19.41
CA ASN A 823 36.00 -6.73 -20.56
C ASN A 823 34.60 -6.75 -21.18
N ILE A 824 33.59 -6.25 -20.45
CA ILE A 824 32.21 -6.25 -20.96
C ILE A 824 31.58 -4.86 -21.09
N TRP A 825 31.55 -4.09 -20.00
CA TRP A 825 30.91 -2.77 -19.98
C TRP A 825 31.70 -1.59 -20.53
N ASN A 826 33.04 -1.68 -20.52
CA ASN A 826 33.95 -0.62 -20.99
C ASN A 826 33.83 0.65 -20.12
N VAL A 827 33.79 0.44 -18.81
CA VAL A 827 33.71 1.53 -17.83
C VAL A 827 34.96 1.49 -16.94
N GLU A 828 35.29 2.63 -16.35
CA GLU A 828 36.49 2.77 -15.51
C GLU A 828 36.19 3.14 -14.04
N PRO A 829 36.82 2.42 -13.08
CA PRO A 829 36.60 2.71 -11.65
C PRO A 829 37.21 4.06 -11.26
N SER A 830 36.50 4.81 -10.41
CA SER A 830 36.94 6.13 -9.96
C SER A 830 36.53 6.42 -8.53
N ASP A 831 37.09 7.49 -7.96
CA ASP A 831 36.81 7.95 -6.59
C ASP A 831 36.95 9.46 -6.42
N ASN B 23 8.51 31.60 13.81
CA ASN B 23 8.81 32.73 12.89
C ASN B 23 9.02 32.29 11.43
N VAL B 24 9.11 33.28 10.54
CA VAL B 24 9.30 33.09 9.10
C VAL B 24 10.62 32.41 8.74
N ALA B 25 11.73 32.90 9.32
CA ALA B 25 13.08 32.38 9.07
C ALA B 25 13.25 30.89 9.41
N GLU B 26 12.62 30.46 10.50
CA GLU B 26 12.71 29.05 10.91
C GLU B 26 11.84 28.14 10.07
N LEU B 27 10.74 28.67 9.54
CA LEU B 27 9.84 27.91 8.66
C LEU B 27 10.52 27.64 7.31
N LYS B 28 11.32 28.60 6.83
CA LYS B 28 12.07 28.45 5.58
C LYS B 28 13.17 27.41 5.76
N LYS B 29 13.86 27.50 6.90
CA LYS B 29 14.94 26.58 7.27
C LYS B 29 14.40 25.15 7.37
N SER B 30 13.21 25.01 7.96
CA SER B 30 12.54 23.72 8.12
C SER B 30 12.08 23.13 6.79
N PHE B 31 11.61 24.01 5.89
CA PHE B 31 11.15 23.64 4.54
C PHE B 31 12.34 23.11 3.75
N ASN B 32 13.44 23.85 3.79
CA ASN B 32 14.67 23.48 3.07
C ASN B 32 15.27 22.18 3.61
N ARG B 33 15.10 21.95 4.92
CA ARG B 33 15.59 20.74 5.60
C ARG B 33 14.78 19.53 5.13
N HIS B 34 13.45 19.73 4.98
CA HIS B 34 12.56 18.66 4.50
C HIS B 34 12.74 18.36 3.02
N LEU B 35 12.94 19.40 2.21
CA LEU B 35 13.17 19.21 0.77
C LEU B 35 14.44 18.37 0.57
N HIS B 36 15.46 18.67 1.36
CA HIS B 36 16.76 17.97 1.30
C HIS B 36 16.69 16.54 1.85
N PHE B 37 16.38 16.39 3.13
CA PHE B 37 16.34 15.08 3.80
C PHE B 37 15.14 14.15 3.56
N THR B 38 13.93 14.72 3.46
CA THR B 38 12.73 13.92 3.24
C THR B 38 12.42 13.68 1.76
N LEU B 39 12.58 14.72 0.94
CA LEU B 39 12.31 14.62 -0.50
C LEU B 39 13.51 14.29 -1.38
N VAL B 40 14.72 14.40 -0.80
CA VAL B 40 16.02 14.12 -1.44
C VAL B 40 16.21 14.95 -2.72
N LYS B 41 15.93 16.25 -2.61
CA LYS B 41 16.00 17.17 -3.74
C LYS B 41 16.63 18.52 -3.42
N ASP B 42 17.11 19.18 -4.49
CA ASP B 42 17.64 20.53 -4.40
C ASP B 42 16.67 21.36 -5.25
N ARG B 43 16.82 22.68 -5.24
CA ARG B 43 15.94 23.59 -5.98
C ARG B 43 15.95 23.47 -7.51
N ASN B 44 16.97 22.79 -8.03
CA ASN B 44 17.14 22.59 -9.48
C ASN B 44 16.18 21.57 -10.10
N VAL B 45 15.97 20.43 -9.43
CA VAL B 45 15.11 19.37 -9.95
C VAL B 45 13.86 19.06 -9.11
N ALA B 46 13.54 19.93 -8.16
CA ALA B 46 12.37 19.72 -7.32
C ALA B 46 11.10 20.04 -8.09
N THR B 47 10.07 19.22 -7.89
CA THR B 47 8.78 19.40 -8.55
C THR B 47 7.85 20.18 -7.62
N THR B 48 6.69 20.58 -8.13
CA THR B 48 5.70 21.31 -7.33
C THR B 48 5.18 20.37 -6.22
N ARG B 49 5.12 19.07 -6.52
CA ARG B 49 4.68 18.03 -5.59
C ARG B 49 5.67 17.90 -4.42
N ASP B 50 6.96 18.06 -4.73
CA ASP B 50 8.05 18.00 -3.72
C ASP B 50 7.93 19.18 -2.76
N TYR B 51 7.56 20.34 -3.32
CA TYR B 51 7.39 21.57 -2.55
C TYR B 51 6.16 21.47 -1.67
N TYR B 52 5.10 20.82 -2.18
CA TYR B 52 3.90 20.63 -1.38
C TYR B 52 4.23 19.76 -0.16
N PHE B 53 4.91 18.64 -0.40
CA PHE B 53 5.31 17.69 0.66
C PHE B 53 6.24 18.32 1.68
N ALA B 54 7.17 19.15 1.20
CA ALA B 54 8.12 19.84 2.07
C ALA B 54 7.39 20.78 3.05
N LEU B 55 6.35 21.47 2.55
CA LEU B 55 5.55 22.38 3.37
C LEU B 55 4.64 21.61 4.32
N ALA B 56 4.04 20.52 3.83
CA ALA B 56 3.14 19.66 4.60
C ALA B 56 3.85 19.06 5.80
N HIS B 57 5.06 18.54 5.57
CA HIS B 57 5.86 17.97 6.64
C HIS B 57 6.30 19.04 7.65
N THR B 58 6.58 20.26 7.16
CA THR B 58 6.98 21.39 8.02
C THR B 58 5.81 21.82 8.92
N VAL B 59 4.61 21.87 8.35
CA VAL B 59 3.40 22.25 9.08
C VAL B 59 3.03 21.18 10.12
N ARG B 60 3.11 19.91 9.73
CA ARG B 60 2.81 18.78 10.64
C ARG B 60 3.79 18.78 11.82
N ASP B 61 5.06 19.10 11.54
CA ASP B 61 6.11 19.16 12.57
C ASP B 61 5.77 20.18 13.67
N HIS B 62 5.08 21.24 13.29
CA HIS B 62 4.68 22.31 14.21
C HIS B 62 3.52 22.00 15.15
N LEU B 63 2.84 20.87 14.92
CA LEU B 63 1.76 20.45 15.81
C LEU B 63 2.11 19.23 16.65
N VAL B 64 3.28 18.64 16.42
CA VAL B 64 3.73 17.45 17.14
C VAL B 64 3.78 17.64 18.67
N GLY B 65 4.35 18.77 19.09
CA GLY B 65 4.47 19.09 20.50
C GLY B 65 3.12 19.15 21.20
N ARG B 66 2.15 19.77 20.54
CA ARG B 66 0.79 19.88 21.07
C ARG B 66 -0.01 18.60 20.92
N TRP B 67 0.32 17.78 19.92
CA TRP B 67 -0.37 16.51 19.72
C TRP B 67 -0.02 15.53 20.84
N ILE B 68 1.28 15.43 21.15
CA ILE B 68 1.78 14.57 22.22
C ILE B 68 1.22 15.03 23.57
N ARG B 69 1.32 16.34 23.83
CA ARG B 69 0.84 16.94 25.09
C ARG B 69 -0.66 16.80 25.33
N THR B 70 -1.45 16.86 24.26
CA THR B 70 -2.91 16.72 24.35
C THR B 70 -3.28 15.28 24.74
N GLN B 71 -2.69 14.30 24.05
CA GLN B 71 -2.96 12.89 24.33
C GLN B 71 -2.37 12.42 25.66
N GLN B 72 -1.33 13.13 26.12
CA GLN B 72 -0.67 12.86 27.39
C GLN B 72 -1.56 13.40 28.51
N HIS B 73 -2.18 14.56 28.25
CA HIS B 73 -3.09 15.24 29.19
C HIS B 73 -4.32 14.36 29.45
N TYR B 74 -4.82 13.71 28.40
CA TYR B 74 -5.98 12.83 28.50
C TYR B 74 -5.67 11.56 29.28
N TYR B 75 -4.42 11.13 29.24
CA TYR B 75 -3.96 9.95 29.97
C TYR B 75 -3.78 10.32 31.44
N ASP B 76 -3.24 11.50 31.68
CA ASP B 76 -2.97 11.98 33.04
C ASP B 76 -4.19 12.38 33.88
N LYS B 77 -5.06 13.22 33.34
CA LYS B 77 -6.24 13.70 34.04
C LYS B 77 -7.52 12.90 33.88
N CYS B 78 -7.50 11.97 32.92
CA CYS B 78 -8.63 11.08 32.60
C CYS B 78 -10.05 11.67 32.50
N PRO B 79 -10.25 12.64 31.56
CA PRO B 79 -11.60 13.22 31.41
C PRO B 79 -12.47 12.21 30.64
N LYS B 80 -13.78 12.43 30.62
CA LYS B 80 -14.66 11.53 29.88
C LYS B 80 -14.37 11.73 28.38
N ARG B 81 -14.13 10.62 27.69
CA ARG B 81 -13.81 10.63 26.27
C ARG B 81 -15.01 10.46 25.36
N VAL B 82 -14.99 11.18 24.24
CA VAL B 82 -16.06 11.11 23.23
C VAL B 82 -15.51 10.41 21.98
N TYR B 83 -16.19 9.35 21.58
CA TYR B 83 -15.77 8.59 20.41
C TYR B 83 -16.80 8.71 19.29
N TYR B 84 -16.43 9.46 18.26
CA TYR B 84 -17.32 9.64 17.11
C TYR B 84 -17.05 8.52 16.10
N LEU B 85 -17.91 7.51 16.13
CA LEU B 85 -17.81 6.35 15.27
C LEU B 85 -18.62 6.53 13.97
N SER B 86 -17.91 6.60 12.86
CA SER B 86 -18.51 6.83 11.55
C SER B 86 -17.84 6.06 10.43
N LEU B 87 -18.63 5.72 9.41
CA LEU B 87 -18.10 5.02 8.24
C LEU B 87 -17.63 6.07 7.25
N GLU B 88 -17.86 7.34 7.59
CA GLU B 88 -17.51 8.46 6.71
C GLU B 88 -16.90 9.68 7.41
N PHE B 89 -15.80 10.18 6.83
CA PHE B 89 -15.12 11.39 7.30
C PHE B 89 -14.69 12.14 6.03
N TYR B 90 -15.54 13.07 5.59
CA TYR B 90 -15.33 13.89 4.38
C TYR B 90 -14.48 15.09 4.81
N MET B 91 -13.19 14.85 4.96
CA MET B 91 -12.24 15.85 5.44
C MET B 91 -11.76 16.91 4.46
N GLY B 92 -11.68 16.57 3.19
CA GLY B 92 -11.17 17.50 2.18
C GLY B 92 -9.66 17.64 2.34
N ARG B 93 -9.12 18.81 1.99
CA ARG B 93 -7.69 19.10 2.11
C ARG B 93 -7.37 19.61 3.50
N THR B 94 -6.21 19.21 4.04
CA THR B 94 -5.82 19.63 5.39
C THR B 94 -4.70 20.65 5.53
N LEU B 95 -3.92 20.92 4.47
CA LEU B 95 -2.81 21.89 4.58
C LEU B 95 -3.19 23.27 5.08
N GLN B 96 -4.08 23.94 4.37
CA GLN B 96 -4.51 25.30 4.73
C GLN B 96 -5.27 25.32 6.04
N ASN B 97 -6.11 24.30 6.27
CA ASN B 97 -6.90 24.18 7.51
C ASN B 97 -6.01 24.13 8.74
N THR B 98 -4.94 23.34 8.66
CA THR B 98 -3.98 23.18 9.74
C THR B 98 -3.19 24.46 10.00
N MET B 99 -2.75 25.13 8.93
CA MET B 99 -2.00 26.39 9.04
C MET B 99 -2.82 27.47 9.73
N ILE B 100 -4.11 27.54 9.40
CA ILE B 100 -5.03 28.52 9.99
C ILE B 100 -5.30 28.24 11.47
N ASN B 101 -5.60 26.98 11.79
CA ASN B 101 -5.88 26.58 13.16
C ASN B 101 -4.67 26.69 14.10
N LEU B 102 -3.48 26.59 13.53
CA LEU B 102 -2.23 26.71 14.29
C LEU B 102 -1.73 28.16 14.34
N GLY B 103 -2.38 29.05 13.59
CA GLY B 103 -2.01 30.46 13.54
C GLY B 103 -0.69 30.66 12.80
N LEU B 104 -0.45 29.77 11.84
CA LEU B 104 0.76 29.74 11.05
C LEU B 104 0.61 30.13 9.59
N GLN B 105 -0.61 30.44 9.15
CA GLN B 105 -0.83 30.78 7.75
C GLN B 105 -0.04 31.98 7.24
N ASN B 106 -0.08 33.09 7.97
CA ASN B 106 0.65 34.30 7.58
C ASN B 106 2.15 34.09 7.45
N ALA B 107 2.74 33.41 8.44
CA ALA B 107 4.18 33.12 8.46
C ALA B 107 4.60 32.12 7.37
N CYS B 108 3.76 31.11 7.12
CA CYS B 108 4.02 30.11 6.07
C CYS B 108 3.89 30.75 4.69
N ASP B 109 2.88 31.61 4.53
CA ASP B 109 2.65 32.34 3.28
C ASP B 109 3.88 33.18 2.94
N GLU B 110 4.41 33.85 3.95
CA GLU B 110 5.60 34.70 3.78
C GLU B 110 6.86 33.85 3.57
N ALA B 111 6.94 32.70 4.24
CA ALA B 111 8.09 31.79 4.10
C ALA B 111 8.19 31.27 2.66
N ILE B 112 7.05 30.84 2.11
CA ILE B 112 6.96 30.31 0.74
C ILE B 112 7.23 31.41 -0.31
N TYR B 113 6.74 32.63 -0.05
CA TYR B 113 6.96 33.75 -0.96
C TYR B 113 8.45 34.09 -1.08
N GLN B 114 9.13 34.19 0.07
CA GLN B 114 10.56 34.52 0.13
C GLN B 114 11.45 33.50 -0.58
N LEU B 115 10.93 32.28 -0.73
CA LEU B 115 11.61 31.19 -1.41
C LEU B 115 11.30 31.19 -2.91
N GLY B 116 10.54 32.21 -3.36
CA GLY B 116 10.17 32.38 -4.75
C GLY B 116 9.08 31.46 -5.29
N LEU B 117 8.28 30.89 -4.38
CA LEU B 117 7.21 29.97 -4.75
C LEU B 117 5.80 30.51 -4.55
N ASP B 118 4.84 29.88 -5.22
CA ASP B 118 3.44 30.25 -5.16
C ASP B 118 2.74 29.27 -4.22
N ILE B 119 2.20 29.75 -3.10
CA ILE B 119 1.53 28.87 -2.14
C ILE B 119 0.21 28.26 -2.64
N GLU B 120 -0.49 28.97 -3.53
CA GLU B 120 -1.76 28.49 -4.11
C GLU B 120 -1.48 27.27 -4.99
N GLU B 121 -0.36 27.30 -5.70
CA GLU B 121 0.07 26.21 -6.58
C GLU B 121 0.43 24.97 -5.76
N LEU B 122 1.04 25.18 -4.58
CA LEU B 122 1.42 24.08 -3.69
C LEU B 122 0.21 23.45 -3.02
N GLU B 123 -0.73 24.29 -2.61
CA GLU B 123 -1.97 23.87 -1.97
C GLU B 123 -2.87 23.03 -2.90
N GLU B 124 -2.85 23.37 -4.19
CA GLU B 124 -3.64 22.66 -5.22
C GLU B 124 -3.17 21.25 -5.55
N ILE B 125 -1.95 20.89 -5.13
CA ILE B 125 -1.37 19.55 -5.36
C ILE B 125 -2.08 18.51 -4.45
N GLU B 126 -2.46 18.95 -3.25
CA GLU B 126 -3.11 18.08 -2.25
C GLU B 126 -4.42 17.45 -2.67
N GLU B 127 -4.48 16.13 -2.51
CA GLU B 127 -5.66 15.35 -2.82
C GLU B 127 -6.63 15.48 -1.66
N ASP B 128 -7.92 15.52 -1.97
CA ASP B 128 -8.94 15.59 -0.94
C ASP B 128 -9.05 14.24 -0.24
N ALA B 129 -9.27 14.27 1.08
CA ALA B 129 -9.50 13.03 1.83
C ALA B 129 -11.02 12.97 1.68
N GLY B 130 -11.45 12.44 0.52
CA GLY B 130 -12.86 12.34 0.19
C GLY B 130 -13.47 11.04 0.65
N LEU B 131 -13.33 10.80 1.96
CA LEU B 131 -13.82 9.58 2.58
C LEU B 131 -15.25 9.73 3.07
N GLY B 132 -16.07 10.41 2.27
CA GLY B 132 -17.46 10.65 2.59
C GLY B 132 -18.31 10.83 1.35
N ASN B 133 -19.62 10.66 1.50
CA ASN B 133 -20.58 10.79 0.40
C ASN B 133 -21.14 12.19 0.25
N GLY B 134 -21.51 12.80 1.38
CA GLY B 134 -22.09 14.12 1.39
C GLY B 134 -22.18 14.75 2.77
N GLY B 135 -23.40 15.18 3.13
CA GLY B 135 -23.66 15.84 4.40
C GLY B 135 -23.33 15.10 5.70
N LEU B 136 -23.56 13.79 5.69
CA LEU B 136 -23.30 12.90 6.82
C LEU B 136 -21.79 12.86 7.14
N GLY B 137 -21.00 12.67 6.09
CA GLY B 137 -19.55 12.60 6.24
C GLY B 137 -18.94 13.96 6.55
N ARG B 138 -19.53 15.02 5.99
CA ARG B 138 -19.06 16.38 6.21
C ARG B 138 -19.38 16.85 7.62
N LEU B 139 -20.49 16.33 8.17
CA LEU B 139 -20.91 16.64 9.52
C LEU B 139 -19.84 16.13 10.49
N ALA B 140 -19.40 14.89 10.25
CA ALA B 140 -18.36 14.24 11.04
C ALA B 140 -17.04 15.02 11.02
N ALA B 141 -16.71 15.60 9.87
CA ALA B 141 -15.48 16.38 9.70
C ALA B 141 -15.59 17.74 10.43
N CYS B 142 -16.74 18.40 10.30
CA CYS B 142 -16.99 19.69 10.97
C CYS B 142 -16.97 19.51 12.48
N PHE B 143 -17.51 18.37 12.91
CA PHE B 143 -17.57 18.00 14.32
C PHE B 143 -16.18 17.79 14.93
N LEU B 144 -15.28 17.17 14.17
CA LEU B 144 -13.92 16.93 14.67
C LEU B 144 -13.21 18.24 14.93
N ASP B 145 -13.40 19.19 14.01
CA ASP B 145 -12.79 20.52 14.12
C ASP B 145 -13.37 21.27 15.32
N SER B 146 -14.68 21.18 15.52
CA SER B 146 -15.35 21.85 16.64
C SER B 146 -14.98 21.27 18.00
N MET B 147 -14.95 19.94 18.07
CA MET B 147 -14.61 19.22 19.31
C MET B 147 -13.19 19.54 19.77
N ALA B 148 -12.27 19.72 18.81
CA ALA B 148 -10.89 20.05 19.10
C ALA B 148 -10.77 21.53 19.51
N THR B 149 -11.59 22.39 18.91
CA THR B 149 -11.61 23.82 19.22
C THR B 149 -12.18 24.07 20.62
N LEU B 150 -13.12 23.21 21.02
CA LEU B 150 -13.75 23.29 22.35
C LEU B 150 -12.95 22.58 23.44
N GLY B 151 -11.87 21.90 23.04
CA GLY B 151 -11.00 21.20 23.97
C GLY B 151 -11.55 19.93 24.59
N LEU B 152 -12.44 19.26 23.87
CA LEU B 152 -13.03 18.00 24.33
C LEU B 152 -12.11 16.84 24.03
N ALA B 153 -12.16 15.81 24.88
CA ALA B 153 -11.36 14.60 24.72
C ALA B 153 -12.03 13.68 23.69
N ALA B 154 -12.02 14.16 22.44
CA ALA B 154 -12.67 13.48 21.33
C ALA B 154 -11.78 12.81 20.31
N TYR B 155 -12.24 11.65 19.85
CA TYR B 155 -11.57 10.85 18.85
C TYR B 155 -12.55 10.51 17.74
N GLY B 156 -12.09 10.60 16.50
CA GLY B 156 -12.92 10.23 15.37
C GLY B 156 -12.44 8.84 14.99
N TYR B 157 -13.36 7.89 14.79
CA TYR B 157 -12.99 6.53 14.40
C TYR B 157 -13.66 6.12 13.11
N GLY B 158 -12.86 5.72 12.12
CA GLY B 158 -13.41 5.30 10.84
C GLY B 158 -12.53 4.31 10.09
N ILE B 159 -12.76 4.21 8.78
CA ILE B 159 -12.01 3.32 7.91
C ILE B 159 -11.13 4.14 6.97
N ARG B 160 -9.86 3.72 6.84
CA ARG B 160 -8.92 4.37 5.93
C ARG B 160 -9.12 3.72 4.57
N TYR B 161 -10.12 4.21 3.84
CA TYR B 161 -10.44 3.71 2.50
C TYR B 161 -9.29 4.08 1.58
N GLU B 162 -8.84 3.13 0.77
CA GLU B 162 -7.76 3.37 -0.19
C GLU B 162 -8.32 4.28 -1.30
N TYR B 163 -9.62 4.12 -1.56
CA TYR B 163 -10.34 4.90 -2.55
C TYR B 163 -11.55 5.55 -1.89
N GLY B 164 -11.62 6.87 -1.94
CA GLY B 164 -12.75 7.58 -1.37
C GLY B 164 -13.84 7.67 -2.42
N ILE B 165 -14.70 8.68 -2.31
CA ILE B 165 -15.79 8.90 -3.27
C ILE B 165 -15.15 9.14 -4.64
N PHE B 166 -15.64 8.43 -5.66
CA PHE B 166 -15.10 8.50 -7.03
C PHE B 166 -14.92 9.90 -7.61
N ASN B 167 -13.94 10.04 -8.50
CA ASN B 167 -13.72 11.30 -9.20
C ASN B 167 -14.72 11.28 -10.36
N GLN B 168 -15.56 12.31 -10.45
CA GLN B 168 -16.58 12.40 -11.49
C GLN B 168 -16.13 13.19 -12.71
N LYS B 169 -16.38 12.62 -13.88
CA LYS B 169 -16.09 13.23 -15.17
C LYS B 169 -17.39 13.19 -15.99
N ILE B 170 -17.58 14.15 -16.89
CA ILE B 170 -18.75 14.19 -17.75
C ILE B 170 -18.26 13.90 -19.16
N ARG B 171 -18.69 12.77 -19.72
CA ARG B 171 -18.32 12.35 -21.06
C ARG B 171 -19.59 12.17 -21.89
N ASP B 172 -19.67 12.91 -22.99
CA ASP B 172 -20.81 12.92 -23.92
C ASP B 172 -22.12 13.28 -23.20
N GLY B 173 -21.99 14.11 -22.15
CA GLY B 173 -23.12 14.55 -21.36
C GLY B 173 -23.52 13.65 -20.19
N TRP B 174 -22.80 12.53 -20.02
CA TRP B 174 -23.11 11.56 -18.96
C TRP B 174 -22.02 11.49 -17.90
N GLN B 175 -22.40 11.05 -16.68
CA GLN B 175 -21.45 10.87 -15.60
C GLN B 175 -20.66 9.58 -15.83
N VAL B 176 -19.35 9.68 -15.63
CA VAL B 176 -18.41 8.57 -15.74
C VAL B 176 -17.66 8.60 -14.40
N GLU B 177 -17.34 7.42 -13.88
CA GLU B 177 -16.62 7.29 -12.61
C GLU B 177 -15.18 6.88 -12.79
N GLU B 178 -14.28 7.56 -12.08
CA GLU B 178 -12.85 7.23 -12.09
C GLU B 178 -12.49 6.98 -10.63
N ALA B 179 -11.61 6.02 -10.39
CA ALA B 179 -11.16 5.68 -9.04
C ALA B 179 -10.40 6.83 -8.38
N ASP B 180 -10.78 7.15 -7.14
CA ASP B 180 -10.17 8.22 -6.35
C ASP B 180 -8.93 7.66 -5.63
N ASP B 181 -7.82 7.61 -6.35
CA ASP B 181 -6.55 7.09 -5.84
C ASP B 181 -5.85 8.19 -5.04
N TRP B 182 -6.43 8.56 -3.90
CA TRP B 182 -5.88 9.63 -3.07
C TRP B 182 -4.54 9.34 -2.38
N LEU B 183 -4.24 8.05 -2.16
CA LEU B 183 -3.01 7.60 -1.50
C LEU B 183 -1.87 7.21 -2.43
N ARG B 184 -2.04 7.47 -3.74
CA ARG B 184 -1.05 7.12 -4.77
C ARG B 184 0.38 7.58 -4.44
N TYR B 185 0.49 8.85 -4.08
CA TYR B 185 1.79 9.46 -3.76
C TYR B 185 2.05 9.64 -2.27
N GLY B 186 1.19 9.04 -1.45
CA GLY B 186 1.33 9.11 -0.01
C GLY B 186 0.50 10.20 0.66
N ASN B 187 0.39 10.11 1.97
CA ASN B 187 -0.36 11.05 2.79
C ASN B 187 0.58 11.49 3.92
N PRO B 188 0.98 12.78 3.92
CA PRO B 188 1.89 13.32 4.95
C PRO B 188 1.23 13.62 6.30
N TRP B 189 -0.10 13.57 6.35
CA TRP B 189 -0.84 13.87 7.56
C TRP B 189 -1.02 12.71 8.52
N GLU B 190 -1.14 11.50 7.97
CA GLU B 190 -1.32 10.29 8.77
C GLU B 190 -0.02 9.70 9.31
N LYS B 191 -0.15 8.90 10.36
CA LYS B 191 0.97 8.21 10.94
C LYS B 191 0.46 6.88 11.43
N SER B 192 1.02 5.81 10.87
CA SER B 192 0.66 4.44 11.24
C SER B 192 0.99 4.20 12.70
N ARG B 193 0.13 3.43 13.36
CA ARG B 193 0.29 3.07 14.76
C ARG B 193 0.38 1.54 14.80
N PRO B 194 1.56 0.97 14.41
CA PRO B 194 1.83 -0.47 14.37
C PRO B 194 1.47 -1.27 15.61
N GLU B 195 1.84 -0.71 16.77
CA GLU B 195 1.65 -1.35 18.06
C GLU B 195 0.18 -1.56 18.50
N PHE B 196 -0.74 -0.85 17.86
CA PHE B 196 -2.16 -0.95 18.16
C PHE B 196 -2.98 -1.75 17.15
N MET B 197 -2.28 -2.58 16.37
CA MET B 197 -2.90 -3.47 15.37
C MET B 197 -3.73 -4.52 16.12
N LEU B 198 -4.97 -4.70 15.68
CA LEU B 198 -5.92 -5.62 16.31
C LEU B 198 -6.57 -6.63 15.36
N PRO B 199 -6.95 -7.83 15.88
CA PRO B 199 -7.61 -8.83 15.03
C PRO B 199 -9.13 -8.64 15.01
N VAL B 200 -9.74 -8.85 13.85
CA VAL B 200 -11.18 -8.74 13.65
C VAL B 200 -11.58 -10.11 13.09
N HIS B 201 -12.67 -10.67 13.64
CA HIS B 201 -13.14 -12.00 13.26
C HIS B 201 -14.39 -11.98 12.39
N PHE B 202 -14.46 -12.92 11.44
CA PHE B 202 -15.58 -13.05 10.51
C PHE B 202 -15.95 -14.51 10.31
N TYR B 203 -17.19 -14.73 9.87
CA TYR B 203 -17.77 -16.06 9.60
C TYR B 203 -17.75 -17.00 10.80
N GLY B 204 -17.30 -18.24 10.60
CA GLY B 204 -17.24 -19.22 11.67
C GLY B 204 -18.60 -19.71 12.13
N LYS B 205 -18.64 -20.32 13.31
CA LYS B 205 -19.86 -20.85 13.89
C LYS B 205 -19.87 -20.72 15.41
N VAL B 206 -21.07 -20.85 15.98
CA VAL B 206 -21.29 -20.75 17.41
C VAL B 206 -21.37 -22.15 18.04
N GLU B 207 -20.64 -22.31 19.14
CA GLU B 207 -20.61 -23.56 19.88
C GLU B 207 -21.11 -23.26 21.29
N HIS B 208 -22.10 -24.02 21.75
CA HIS B 208 -22.68 -23.85 23.09
C HIS B 208 -22.19 -24.97 24.00
N THR B 209 -21.06 -24.71 24.66
CA THR B 209 -20.43 -25.65 25.58
C THR B 209 -20.74 -25.32 27.03
N ASN B 210 -20.24 -26.17 27.93
CA ASN B 210 -20.41 -26.01 29.38
C ASN B 210 -19.55 -24.89 29.97
N THR B 211 -18.66 -24.34 29.13
CA THR B 211 -17.77 -23.24 29.51
C THR B 211 -18.39 -21.89 29.15
N GLY B 212 -19.44 -21.95 28.33
CA GLY B 212 -20.14 -20.77 27.88
C GLY B 212 -20.32 -20.78 26.38
N THR B 213 -20.67 -19.63 25.83
CA THR B 213 -20.89 -19.48 24.39
C THR B 213 -19.62 -18.98 23.70
N LYS B 214 -19.10 -19.80 22.77
CA LYS B 214 -17.89 -19.49 22.02
C LYS B 214 -18.16 -19.32 20.53
N TRP B 215 -17.40 -18.42 19.91
CA TRP B 215 -17.48 -18.14 18.47
C TRP B 215 -16.15 -18.68 17.94
N ILE B 216 -16.21 -19.85 17.31
CA ILE B 216 -15.04 -20.55 16.76
C ILE B 216 -15.01 -20.72 15.23
N ASP B 217 -13.87 -21.20 14.73
CA ASP B 217 -13.59 -21.46 13.31
C ASP B 217 -13.68 -20.22 12.40
N THR B 218 -13.38 -19.07 12.99
CA THR B 218 -13.45 -17.78 12.30
C THR B 218 -12.28 -17.44 11.38
N GLN B 219 -12.53 -16.52 10.44
CA GLN B 219 -11.51 -16.00 9.54
C GLN B 219 -11.07 -14.70 10.19
N VAL B 220 -9.76 -14.49 10.25
CA VAL B 220 -9.18 -13.31 10.89
C VAL B 220 -8.70 -12.28 9.85
N VAL B 221 -8.97 -11.02 10.12
CA VAL B 221 -8.53 -9.90 9.29
C VAL B 221 -7.93 -8.92 10.31
N LEU B 222 -6.71 -8.46 10.07
CA LEU B 222 -6.06 -7.53 10.97
C LEU B 222 -6.46 -6.09 10.66
N ALA B 223 -6.46 -5.25 11.70
CA ALA B 223 -6.84 -3.85 11.58
C ALA B 223 -5.68 -3.00 12.04
N LEU B 224 -5.06 -2.30 11.10
CA LEU B 224 -3.91 -1.42 11.34
C LEU B 224 -4.38 0.03 11.39
N PRO B 225 -4.26 0.68 12.56
CA PRO B 225 -4.69 2.08 12.70
C PRO B 225 -3.72 3.14 12.23
N TYR B 226 -4.27 4.22 11.68
CA TYR B 226 -3.50 5.38 11.20
C TYR B 226 -4.10 6.62 11.84
N ASP B 227 -3.26 7.38 12.54
CA ASP B 227 -3.68 8.60 13.22
C ASP B 227 -3.39 9.86 12.44
N THR B 228 -4.42 10.68 12.30
CA THR B 228 -4.34 11.97 11.61
C THR B 228 -4.66 13.05 12.66
N PRO B 229 -3.83 14.12 12.72
CA PRO B 229 -4.09 15.19 13.71
C PRO B 229 -5.30 16.07 13.38
N VAL B 230 -6.03 16.47 14.43
CA VAL B 230 -7.20 17.33 14.30
C VAL B 230 -6.88 18.54 15.18
N PRO B 231 -6.29 19.59 14.58
CA PRO B 231 -5.95 20.80 15.35
C PRO B 231 -7.15 21.68 15.70
N GLY B 232 -7.18 22.13 16.95
CA GLY B 232 -8.23 23.02 17.37
C GLY B 232 -7.88 24.42 16.92
N TYR B 233 -8.89 25.28 16.77
CA TYR B 233 -8.64 26.66 16.35
C TYR B 233 -8.05 27.47 17.50
N MET B 234 -6.82 27.93 17.29
CA MET B 234 -6.06 28.77 18.21
C MET B 234 -6.06 28.42 19.71
N ASN B 235 -5.84 27.15 19.99
CA ASN B 235 -5.73 26.66 21.36
C ASN B 235 -4.58 25.66 21.39
N ASN B 236 -4.41 24.95 22.50
CA ASN B 236 -3.32 23.99 22.63
C ASN B 236 -3.75 22.54 22.40
N THR B 237 -4.95 22.37 21.86
CA THR B 237 -5.53 21.06 21.58
C THR B 237 -5.34 20.53 20.16
N VAL B 238 -4.83 19.31 20.07
CA VAL B 238 -4.69 18.60 18.80
C VAL B 238 -5.20 17.19 19.10
N ASN B 239 -6.42 16.92 18.62
CA ASN B 239 -7.06 15.63 18.79
C ASN B 239 -6.67 14.64 17.70
N THR B 240 -7.25 13.45 17.78
CA THR B 240 -6.94 12.38 16.85
C THR B 240 -8.13 11.79 16.05
N MET B 241 -7.87 11.52 14.78
CA MET B 241 -8.83 10.84 13.92
C MET B 241 -8.08 9.53 13.62
N ARG B 242 -8.60 8.42 14.12
CA ARG B 242 -7.99 7.11 13.93
C ARG B 242 -8.76 6.32 12.88
N LEU B 243 -8.08 6.04 11.77
CA LEU B 243 -8.68 5.29 10.67
C LEU B 243 -8.00 3.94 10.49
N TRP B 244 -8.83 2.90 10.37
CA TRP B 244 -8.36 1.51 10.25
C TRP B 244 -8.24 0.98 8.82
N SER B 245 -7.14 0.26 8.57
CA SER B 245 -6.84 -0.35 7.27
C SER B 245 -6.77 -1.87 7.47
N ALA B 246 -7.44 -2.60 6.58
CA ALA B 246 -7.50 -4.07 6.60
C ALA B 246 -6.31 -4.73 5.97
N ARG B 247 -5.71 -5.66 6.72
CA ARG B 247 -4.55 -6.43 6.28
C ARG B 247 -4.85 -7.91 6.53
N ALA B 248 -4.26 -8.77 5.70
CA ALA B 248 -4.44 -10.21 5.85
C ALA B 248 -3.43 -10.71 6.91
N PRO B 249 -3.82 -11.71 7.75
CA PRO B 249 -2.91 -12.23 8.78
C PRO B 249 -1.75 -13.06 8.22
N ASP B 261 -2.27 -23.79 -4.54
CA ASP B 261 -1.17 -23.00 -5.20
C ASP B 261 -0.71 -21.86 -4.27
N TYR B 262 0.60 -21.79 -4.02
CA TYR B 262 1.20 -20.75 -3.16
C TYR B 262 0.98 -19.31 -3.66
N ILE B 263 1.27 -19.08 -4.95
CA ILE B 263 1.12 -17.75 -5.56
C ILE B 263 -0.32 -17.26 -5.43
N GLN B 264 -1.28 -18.17 -5.67
CA GLN B 264 -2.70 -17.84 -5.55
C GLN B 264 -3.10 -17.52 -4.11
N ALA B 265 -2.48 -18.21 -3.14
CA ALA B 265 -2.76 -17.99 -1.72
C ALA B 265 -2.28 -16.59 -1.31
N VAL B 266 -1.17 -16.14 -1.90
CA VAL B 266 -0.62 -14.80 -1.64
C VAL B 266 -1.49 -13.75 -2.33
N LEU B 267 -1.96 -14.04 -3.55
CA LEU B 267 -2.82 -13.10 -4.29
C LEU B 267 -4.19 -12.98 -3.61
N ASP B 268 -4.64 -14.07 -2.98
CA ASP B 268 -5.94 -14.08 -2.28
C ASP B 268 -5.94 -13.27 -0.99
N ARG B 269 -4.79 -12.69 -0.64
CA ARG B 269 -4.68 -11.81 0.54
C ARG B 269 -5.42 -10.50 0.24
N ASN B 270 -5.62 -10.25 -1.07
CA ASN B 270 -6.33 -9.07 -1.59
C ASN B 270 -7.79 -9.08 -1.11
N LEU B 271 -8.36 -10.27 -0.92
CA LEU B 271 -9.74 -10.44 -0.44
C LEU B 271 -9.99 -9.85 0.96
N ALA B 272 -8.99 -10.00 1.85
CA ALA B 272 -9.08 -9.47 3.21
C ALA B 272 -8.87 -7.96 3.21
N GLU B 273 -7.94 -7.51 2.37
CA GLU B 273 -7.60 -6.09 2.23
C GLU B 273 -8.72 -5.33 1.50
N ASN B 274 -9.59 -6.06 0.81
CA ASN B 274 -10.75 -5.48 0.09
C ASN B 274 -11.75 -4.80 1.01
N ILE B 275 -11.76 -5.18 2.30
CA ILE B 275 -12.66 -4.59 3.29
C ILE B 275 -12.44 -3.06 3.46
N SER B 276 -11.20 -2.60 3.34
CA SER B 276 -10.92 -1.17 3.45
C SER B 276 -10.50 -0.56 2.10
N ARG B 277 -10.89 -1.20 1.00
CA ARG B 277 -10.51 -0.74 -0.34
C ARG B 277 -11.24 0.50 -0.84
N VAL B 278 -12.57 0.49 -0.73
CA VAL B 278 -13.37 1.59 -1.28
C VAL B 278 -14.64 1.94 -0.51
N LEU B 279 -14.93 3.25 -0.48
CA LEU B 279 -16.13 3.77 0.15
C LEU B 279 -17.34 3.48 -0.72
N TYR B 280 -18.42 2.96 -0.11
CA TYR B 280 -19.67 2.69 -0.82
C TYR B 280 -20.27 4.06 -1.15
N PRO B 281 -20.36 4.40 -2.46
CA PRO B 281 -20.88 5.67 -2.98
C PRO B 281 -22.39 5.93 -2.90
N ASN B 282 -23.02 5.38 -1.87
CA ASN B 282 -24.45 5.55 -1.66
C ASN B 282 -24.73 6.67 -0.67
N ASP B 283 -25.52 7.63 -1.10
CA ASP B 283 -25.91 8.76 -0.27
C ASP B 283 -27.41 8.59 -0.11
N ASN B 284 -27.88 8.48 1.12
CA ASN B 284 -29.31 8.30 1.43
C ASN B 284 -29.96 7.14 0.65
N PHE B 285 -29.25 6.01 0.60
CA PHE B 285 -29.72 4.81 -0.09
C PHE B 285 -29.04 3.58 0.52
N PHE B 286 -29.86 2.58 0.85
CA PHE B 286 -29.36 1.32 1.41
C PHE B 286 -29.19 0.27 0.32
N GLU B 287 -27.94 -0.18 0.17
CA GLU B 287 -27.56 -1.21 -0.77
C GLU B 287 -26.98 -2.30 0.14
N GLY B 288 -27.74 -3.39 0.27
CA GLY B 288 -27.35 -4.50 1.14
C GLY B 288 -26.31 -5.49 0.66
N LYS B 289 -25.09 -5.02 0.42
CA LYS B 289 -24.00 -5.87 -0.05
C LYS B 289 -23.19 -6.44 1.11
N GLU B 290 -22.74 -7.68 0.96
CA GLU B 290 -21.94 -8.36 1.99
C GLU B 290 -20.64 -7.61 2.35
N LEU B 291 -20.00 -6.99 1.34
CA LEU B 291 -18.77 -6.25 1.58
C LEU B 291 -19.01 -5.01 2.46
N ARG B 292 -20.19 -4.39 2.33
CA ARG B 292 -20.56 -3.22 3.14
C ARG B 292 -20.78 -3.66 4.60
N LEU B 293 -21.38 -4.83 4.80
CA LEU B 293 -21.60 -5.35 6.15
C LEU B 293 -20.24 -5.65 6.79
N LYS B 294 -19.32 -6.16 5.98
CA LYS B 294 -17.95 -6.49 6.44
C LYS B 294 -17.26 -5.23 6.94
N GLN B 295 -17.42 -4.13 6.20
CA GLN B 295 -16.82 -2.83 6.55
C GLN B 295 -17.37 -2.30 7.86
N GLU B 296 -18.69 -2.37 7.98
CA GLU B 296 -19.40 -1.91 9.18
C GLU B 296 -18.94 -2.64 10.42
N TYR B 297 -18.79 -3.97 10.33
CA TYR B 297 -18.32 -4.75 11.48
C TYR B 297 -16.84 -4.52 11.74
N PHE B 298 -16.05 -4.42 10.67
CA PHE B 298 -14.60 -4.19 10.76
C PHE B 298 -14.25 -2.98 11.61
N VAL B 299 -14.88 -1.84 11.31
CA VAL B 299 -14.63 -0.60 12.04
C VAL B 299 -15.13 -0.70 13.47
N VAL B 300 -16.29 -1.32 13.65
CA VAL B 300 -16.91 -1.51 14.96
C VAL B 300 -16.07 -2.37 15.91
N ALA B 301 -15.62 -3.52 15.43
CA ALA B 301 -14.82 -4.46 16.23
C ALA B 301 -13.46 -3.90 16.60
N ALA B 302 -12.81 -3.27 15.63
CA ALA B 302 -11.49 -2.66 15.83
C ALA B 302 -11.60 -1.49 16.82
N THR B 303 -12.59 -0.62 16.61
CA THR B 303 -12.83 0.55 17.46
C THR B 303 -13.16 0.18 18.91
N LEU B 304 -14.11 -0.74 19.11
CA LEU B 304 -14.48 -1.15 20.46
C LEU B 304 -13.36 -1.78 21.26
N GLN B 305 -12.55 -2.62 20.60
CA GLN B 305 -11.40 -3.27 21.25
C GLN B 305 -10.37 -2.24 21.70
N ASP B 306 -10.15 -1.23 20.88
CA ASP B 306 -9.21 -0.12 21.12
C ASP B 306 -9.66 0.77 22.28
N ILE B 307 -10.97 1.02 22.35
CA ILE B 307 -11.58 1.84 23.40
C ILE B 307 -11.49 1.13 24.75
N ILE B 308 -11.77 -0.18 24.74
CA ILE B 308 -11.72 -1.02 25.94
C ILE B 308 -10.28 -1.16 26.43
N ARG B 309 -9.34 -1.28 25.49
CA ARG B 309 -7.91 -1.38 25.83
C ARG B 309 -7.44 -0.08 26.48
N ARG B 310 -7.86 1.06 25.93
CA ARG B 310 -7.50 2.39 26.46
C ARG B 310 -8.10 2.61 27.85
N PHE B 311 -9.32 2.08 28.05
CA PHE B 311 -10.01 2.18 29.35
C PHE B 311 -9.25 1.37 30.41
N LYS B 312 -8.89 0.13 30.05
CA LYS B 312 -8.17 -0.76 30.95
C LYS B 312 -6.75 -0.27 31.30
N ALA B 313 -6.17 0.52 30.41
CA ALA B 313 -4.83 1.09 30.59
C ALA B 313 -4.86 2.38 31.41
N SER B 314 -6.06 2.97 31.55
CA SER B 314 -6.20 4.22 32.30
C SER B 314 -6.31 4.03 33.81
N LYS B 315 -6.42 5.15 34.52
CA LYS B 315 -6.54 5.21 35.98
C LYS B 315 -7.99 5.03 36.45
N PHE B 316 -8.85 4.61 35.52
CA PHE B 316 -10.29 4.36 35.70
C PHE B 316 -11.11 5.61 36.07
N THR B 324 -17.42 -5.94 36.95
CA THR B 324 -17.19 -5.16 38.20
C THR B 324 -16.24 -4.00 37.89
N VAL B 325 -15.21 -4.31 37.07
CA VAL B 325 -14.20 -3.33 36.67
C VAL B 325 -14.66 -2.40 35.53
N PHE B 326 -15.92 -2.58 35.12
CA PHE B 326 -16.54 -1.80 34.04
C PHE B 326 -17.67 -0.89 34.51
N ASP B 327 -17.82 -0.74 35.83
CA ASP B 327 -18.85 0.12 36.42
C ASP B 327 -18.66 1.60 36.06
N ALA B 328 -17.40 1.99 35.89
CA ALA B 328 -17.04 3.36 35.55
C ALA B 328 -16.88 3.59 34.04
N PHE B 329 -17.14 2.57 33.22
CA PHE B 329 -17.01 2.65 31.75
C PHE B 329 -17.85 3.77 31.08
N PRO B 330 -19.17 3.90 31.40
CA PRO B 330 -19.94 4.97 30.75
C PRO B 330 -19.67 6.38 31.30
N ASP B 331 -18.91 6.44 32.40
CA ASP B 331 -18.54 7.71 33.02
C ASP B 331 -17.21 8.16 32.38
N GLN B 332 -16.58 7.25 31.64
CA GLN B 332 -15.31 7.49 30.97
C GLN B 332 -15.39 7.39 29.45
N VAL B 333 -16.44 6.75 28.94
CA VAL B 333 -16.64 6.54 27.51
C VAL B 333 -18.06 6.88 27.01
N ALA B 334 -18.10 7.64 25.92
CA ALA B 334 -19.34 8.02 25.22
C ALA B 334 -19.05 7.71 23.75
N ILE B 335 -19.86 6.83 23.15
CA ILE B 335 -19.69 6.50 21.74
C ILE B 335 -20.92 6.98 20.97
N GLN B 336 -20.68 7.86 20.00
CA GLN B 336 -21.77 8.38 19.17
C GLN B 336 -21.84 7.63 17.85
N LEU B 337 -23.03 7.12 17.54
CA LEU B 337 -23.30 6.37 16.32
C LEU B 337 -23.82 7.32 15.23
N ASN B 338 -22.98 7.59 14.23
CA ASN B 338 -23.31 8.47 13.11
C ASN B 338 -24.08 7.60 12.10
N ASP B 339 -25.42 7.65 12.22
CA ASP B 339 -26.39 6.86 11.44
C ASP B 339 -26.36 5.43 11.98
N THR B 340 -27.10 4.53 11.35
CA THR B 340 -27.17 3.14 11.79
C THR B 340 -26.00 2.33 11.26
N HIS B 341 -25.16 2.96 10.43
CA HIS B 341 -24.00 2.30 9.83
C HIS B 341 -23.12 1.54 10.86
N PRO B 342 -22.87 2.13 12.06
CA PRO B 342 -22.07 1.35 12.99
C PRO B 342 -22.95 0.77 14.13
N ALA B 343 -24.17 0.36 13.78
CA ALA B 343 -25.14 -0.22 14.73
C ALA B 343 -24.65 -1.51 15.39
N LEU B 344 -23.76 -2.22 14.70
CA LEU B 344 -23.19 -3.47 15.18
C LEU B 344 -22.34 -3.30 16.44
N ALA B 345 -22.07 -2.04 16.79
CA ALA B 345 -21.32 -1.69 17.99
C ALA B 345 -22.07 -2.08 19.25
N ILE B 346 -23.40 -2.06 19.17
CA ILE B 346 -24.24 -2.42 20.31
C ILE B 346 -24.11 -3.93 20.62
N PRO B 347 -24.34 -4.87 19.65
CA PRO B 347 -24.16 -6.27 20.06
C PRO B 347 -22.69 -6.68 20.25
N GLU B 348 -21.77 -5.92 19.64
CA GLU B 348 -20.33 -6.19 19.78
C GLU B 348 -19.83 -5.85 21.17
N LEU B 349 -20.34 -4.75 21.76
CA LEU B 349 -19.95 -4.38 23.12
C LEU B 349 -20.56 -5.40 24.08
N MET B 350 -21.75 -5.89 23.73
CA MET B 350 -22.44 -6.91 24.53
C MET B 350 -21.68 -8.24 24.43
N ARG B 351 -21.12 -8.51 23.24
CA ARG B 351 -20.33 -9.72 23.01
C ARG B 351 -19.05 -9.69 23.85
N ILE B 352 -18.37 -8.54 23.87
CA ILE B 352 -17.15 -8.39 24.64
C ILE B 352 -17.46 -8.49 26.15
N PHE B 353 -18.53 -7.84 26.58
CA PHE B 353 -18.95 -7.85 27.98
C PHE B 353 -19.34 -9.23 28.51
N VAL B 354 -20.24 -9.91 27.79
CA VAL B 354 -20.77 -11.23 28.18
C VAL B 354 -19.88 -12.46 27.86
N ASP B 355 -19.34 -12.53 26.65
CA ASP B 355 -18.51 -13.68 26.25
C ASP B 355 -17.05 -13.63 26.68
N ILE B 356 -16.44 -12.46 26.57
CA ILE B 356 -15.02 -12.28 26.91
C ILE B 356 -14.77 -11.82 28.35
N GLU B 357 -15.46 -10.75 28.78
CA GLU B 357 -15.29 -10.21 30.12
C GLU B 357 -16.14 -10.90 31.19
N LYS B 358 -16.99 -11.84 30.74
CA LYS B 358 -17.88 -12.66 31.59
C LYS B 358 -18.89 -11.95 32.49
N LEU B 359 -19.27 -10.72 32.13
CA LEU B 359 -20.24 -9.94 32.89
C LEU B 359 -21.65 -10.48 32.65
N PRO B 360 -22.53 -10.48 33.70
CA PRO B 360 -23.90 -10.97 33.50
C PRO B 360 -24.67 -10.02 32.58
N TRP B 361 -25.59 -10.59 31.79
CA TRP B 361 -26.41 -9.85 30.82
C TRP B 361 -26.98 -8.50 31.22
N SER B 362 -27.73 -8.49 32.34
CA SER B 362 -28.38 -7.28 32.86
C SER B 362 -27.48 -6.08 33.12
N LYS B 363 -26.32 -6.34 33.72
CA LYS B 363 -25.35 -5.28 34.02
C LYS B 363 -24.70 -4.83 32.72
N ALA B 364 -24.38 -5.79 31.85
CA ALA B 364 -23.76 -5.54 30.54
C ALA B 364 -24.66 -4.68 29.66
N TRP B 365 -25.98 -4.89 29.79
CA TRP B 365 -26.98 -4.14 29.04
C TRP B 365 -27.13 -2.71 29.55
N GLU B 366 -27.05 -2.54 30.88
CA GLU B 366 -27.15 -1.23 31.54
C GLU B 366 -25.99 -0.33 31.09
N LEU B 367 -24.79 -0.92 31.05
CA LEU B 367 -23.57 -0.23 30.65
C LEU B 367 -23.53 0.12 29.17
N THR B 368 -24.06 -0.78 28.33
CA THR B 368 -24.13 -0.60 26.87
C THR B 368 -25.03 0.59 26.53
N GLN B 369 -26.24 0.62 27.13
CA GLN B 369 -27.20 1.70 26.92
C GLN B 369 -26.65 3.07 27.30
N LYS B 370 -25.93 3.13 28.41
CA LYS B 370 -25.35 4.37 28.91
C LYS B 370 -24.12 4.85 28.10
N THR B 371 -23.52 3.95 27.34
CA THR B 371 -22.33 4.27 26.52
C THR B 371 -22.71 4.88 25.16
N PHE B 372 -23.67 4.23 24.50
CA PHE B 372 -24.12 4.63 23.18
C PHE B 372 -25.19 5.70 23.07
N ALA B 373 -25.09 6.44 21.97
CA ALA B 373 -26.03 7.47 21.59
C ALA B 373 -26.10 7.38 20.07
N TYR B 374 -27.30 7.58 19.52
CA TYR B 374 -27.54 7.45 18.09
C TYR B 374 -28.10 8.70 17.40
N THR B 375 -27.52 9.02 16.25
CA THR B 375 -27.96 10.16 15.45
C THR B 375 -28.60 9.68 14.15
N ASN B 376 -29.89 9.98 14.01
CA ASN B 376 -30.67 9.63 12.82
C ASN B 376 -30.49 10.77 11.81
N HIS B 377 -30.32 10.39 10.53
CA HIS B 377 -30.11 11.37 9.46
C HIS B 377 -31.11 11.37 8.33
N THR B 378 -32.11 10.49 8.38
CA THR B 378 -33.13 10.39 7.33
C THR B 378 -34.39 9.62 7.75
N VAL B 379 -35.51 9.96 7.11
CA VAL B 379 -36.81 9.32 7.34
C VAL B 379 -37.27 8.54 6.10
N LEU B 380 -36.48 8.64 5.03
CA LEU B 380 -36.77 7.95 3.76
C LEU B 380 -36.58 6.43 3.88
N PRO B 381 -37.63 5.63 3.56
CA PRO B 381 -37.64 4.16 3.63
C PRO B 381 -36.49 3.44 2.93
N GLU B 382 -36.11 3.93 1.75
CA GLU B 382 -35.04 3.36 0.93
C GLU B 382 -33.63 3.62 1.49
N ALA B 383 -33.53 4.57 2.42
CA ALA B 383 -32.29 4.97 3.05
C ALA B 383 -32.03 4.27 4.38
N LEU B 384 -33.03 3.54 4.87
CA LEU B 384 -32.92 2.81 6.14
C LEU B 384 -32.27 1.45 5.99
N GLU B 385 -31.38 1.13 6.93
CA GLU B 385 -30.68 -0.16 6.91
C GLU B 385 -31.49 -1.29 7.51
N ARG B 386 -31.79 -2.29 6.67
CA ARG B 386 -32.54 -3.48 7.04
C ARG B 386 -31.75 -4.69 6.51
N TRP B 387 -30.81 -5.19 7.31
CA TRP B 387 -29.96 -6.32 6.90
C TRP B 387 -30.63 -7.69 6.97
N PRO B 388 -30.58 -8.47 5.86
CA PRO B 388 -31.18 -9.82 5.82
C PRO B 388 -30.56 -10.74 6.88
N VAL B 389 -31.40 -11.39 7.69
CA VAL B 389 -30.94 -12.28 8.76
C VAL B 389 -29.99 -13.39 8.32
N ASP B 390 -30.18 -13.90 7.10
CA ASP B 390 -29.36 -14.97 6.53
C ASP B 390 -27.93 -14.55 6.28
N LEU B 391 -27.75 -13.30 5.82
CA LEU B 391 -26.43 -12.71 5.54
C LEU B 391 -25.68 -12.47 6.85
N VAL B 392 -26.41 -11.99 7.86
CA VAL B 392 -25.85 -11.73 9.19
C VAL B 392 -25.54 -13.06 9.91
N GLU B 393 -26.35 -14.09 9.67
CA GLU B 393 -26.16 -15.42 10.28
C GLU B 393 -24.87 -16.07 9.77
N LYS B 394 -24.57 -15.83 8.50
CA LYS B 394 -23.37 -16.38 7.86
C LYS B 394 -22.10 -15.64 8.26
N LEU B 395 -22.16 -14.31 8.24
CA LEU B 395 -21.01 -13.46 8.56
C LEU B 395 -20.73 -13.27 10.05
N LEU B 396 -21.79 -12.99 10.80
CA LEU B 396 -21.72 -12.73 12.23
C LEU B 396 -22.75 -13.56 13.04
N PRO B 397 -22.58 -14.90 13.11
CA PRO B 397 -23.52 -15.77 13.85
C PRO B 397 -23.76 -15.46 15.33
N ARG B 398 -22.72 -15.03 16.05
CA ARG B 398 -22.86 -14.69 17.47
C ARG B 398 -23.60 -13.37 17.66
N HIS B 399 -23.42 -12.43 16.72
CA HIS B 399 -24.11 -11.15 16.78
C HIS B 399 -25.60 -11.30 16.55
N LEU B 400 -25.98 -12.23 15.67
CA LEU B 400 -27.39 -12.48 15.40
C LEU B 400 -28.08 -13.08 16.64
N GLU B 401 -27.37 -13.95 17.38
CA GLU B 401 -27.88 -14.55 18.61
C GLU B 401 -28.10 -13.46 19.67
N ILE B 402 -27.19 -12.49 19.70
CA ILE B 402 -27.26 -11.37 20.64
C ILE B 402 -28.38 -10.40 20.30
N ILE B 403 -28.58 -10.12 19.00
CA ILE B 403 -29.65 -9.24 18.50
C ILE B 403 -31.01 -9.88 18.84
N TYR B 404 -31.11 -11.20 18.64
CA TYR B 404 -32.33 -11.97 18.95
C TYR B 404 -32.63 -11.89 20.44
N GLU B 405 -31.58 -12.01 21.25
CA GLU B 405 -31.68 -11.98 22.72
C GLU B 405 -32.09 -10.59 23.21
N ILE B 406 -31.62 -9.55 22.52
CA ILE B 406 -31.97 -8.15 22.85
C ILE B 406 -33.45 -7.97 22.48
N ASN B 407 -33.84 -8.50 21.31
CA ASN B 407 -35.23 -8.42 20.83
C ASN B 407 -36.18 -9.18 21.74
N GLN B 408 -35.73 -10.32 22.26
CA GLN B 408 -36.54 -11.16 23.15
C GLN B 408 -36.90 -10.40 24.43
N LYS B 409 -35.88 -9.79 25.06
CA LYS B 409 -36.05 -9.01 26.30
C LYS B 409 -36.83 -7.71 26.07
N HIS B 410 -36.64 -7.12 24.90
CA HIS B 410 -37.32 -5.89 24.47
C HIS B 410 -38.81 -6.17 24.29
N LEU B 411 -39.13 -7.27 23.59
CA LEU B 411 -40.51 -7.66 23.34
C LEU B 411 -41.26 -8.18 24.56
N ASP B 412 -40.52 -8.81 25.50
CA ASP B 412 -41.09 -9.34 26.74
C ASP B 412 -41.52 -8.20 27.66
N ARG B 413 -40.87 -7.04 27.52
CA ARG B 413 -41.14 -5.84 28.29
C ARG B 413 -42.38 -5.10 27.76
N ILE B 414 -42.64 -5.22 26.46
CA ILE B 414 -43.80 -4.60 25.80
C ILE B 414 -45.06 -5.44 26.09
N VAL B 415 -44.89 -6.74 26.32
CA VAL B 415 -46.00 -7.65 26.63
C VAL B 415 -46.48 -7.37 28.06
N ALA B 416 -45.53 -7.02 28.94
CA ALA B 416 -45.81 -6.71 30.34
C ALA B 416 -46.54 -5.37 30.52
N LEU B 417 -46.38 -4.48 29.54
CA LEU B 417 -47.01 -3.15 29.55
C LEU B 417 -48.32 -3.14 28.75
N PHE B 418 -48.29 -3.72 27.54
CA PHE B 418 -49.46 -3.79 26.64
C PHE B 418 -49.72 -5.26 26.21
N PRO B 419 -50.59 -5.99 26.95
CA PRO B 419 -50.91 -7.40 26.65
C PRO B 419 -51.86 -7.66 25.47
N LYS B 420 -52.82 -6.76 25.27
CA LYS B 420 -53.84 -6.89 24.22
C LYS B 420 -53.44 -6.39 22.83
N ASP B 421 -52.45 -5.50 22.77
CA ASP B 421 -51.96 -4.93 21.50
C ASP B 421 -50.94 -5.88 20.87
N VAL B 422 -51.39 -6.63 19.87
CA VAL B 422 -50.55 -7.60 19.15
C VAL B 422 -49.75 -6.99 18.00
N ASP B 423 -50.27 -5.90 17.44
CA ASP B 423 -49.65 -5.20 16.31
C ASP B 423 -48.44 -4.35 16.73
N ARG B 424 -48.40 -3.94 18.01
CA ARG B 424 -47.31 -3.13 18.56
C ARG B 424 -46.02 -3.96 18.69
N LEU B 425 -46.19 -5.27 18.84
CA LEU B 425 -45.08 -6.21 18.98
C LEU B 425 -44.24 -6.35 17.71
N ARG B 426 -44.91 -6.50 16.56
CA ARG B 426 -44.23 -6.64 15.27
C ARG B 426 -43.67 -5.30 14.77
N ARG B 427 -44.30 -4.21 15.22
CA ARG B 427 -43.96 -2.84 14.86
C ARG B 427 -42.71 -2.35 15.62
N MET B 428 -42.53 -2.85 16.84
CA MET B 428 -41.40 -2.49 17.70
C MET B 428 -40.24 -3.46 17.68
N SER B 429 -40.44 -4.61 17.06
CA SER B 429 -39.43 -5.66 16.95
C SER B 429 -38.23 -5.23 16.09
N LEU B 430 -37.05 -5.74 16.43
CA LEU B 430 -35.84 -5.43 15.67
C LEU B 430 -35.82 -6.30 14.42
N ILE B 431 -36.68 -7.32 14.41
CA ILE B 431 -36.80 -8.27 13.30
C ILE B 431 -38.12 -8.05 12.54
N GLU B 432 -38.00 -7.89 11.22
CA GLU B 432 -39.17 -7.72 10.33
C GLU B 432 -39.40 -9.09 9.68
N GLU B 433 -40.41 -9.79 10.17
CA GLU B 433 -40.79 -11.14 9.72
C GLU B 433 -41.42 -11.32 8.33
N GLU B 434 -41.89 -10.22 7.74
CA GLU B 434 -42.56 -10.23 6.43
C GLU B 434 -41.75 -10.72 5.21
N GLY B 435 -42.03 -11.97 4.80
CA GLY B 435 -41.37 -12.60 3.67
C GLY B 435 -39.92 -12.97 3.91
N SER B 436 -39.04 -12.03 3.58
CA SER B 436 -37.59 -12.18 3.78
C SER B 436 -37.30 -11.45 5.09
N LYS B 437 -36.91 -12.22 6.11
CA LYS B 437 -36.60 -11.69 7.44
C LYS B 437 -35.37 -10.80 7.49
N ARG B 438 -35.59 -9.53 7.86
CA ARG B 438 -34.53 -8.53 7.95
C ARG B 438 -34.41 -7.95 9.36
N ILE B 439 -33.24 -7.39 9.68
CA ILE B 439 -32.98 -6.75 10.98
C ILE B 439 -33.08 -5.24 10.80
N ASN B 440 -33.98 -4.60 11.56
CA ASN B 440 -34.15 -3.15 11.50
C ASN B 440 -33.07 -2.55 12.41
N MET B 441 -32.01 -2.02 11.78
CA MET B 441 -30.86 -1.46 12.50
C MET B 441 -31.16 -0.19 13.29
N ALA B 442 -32.21 0.53 12.89
CA ALA B 442 -32.63 1.75 13.57
C ALA B 442 -33.23 1.40 14.94
N HIS B 443 -34.01 0.32 14.96
CA HIS B 443 -34.66 -0.17 16.19
C HIS B 443 -33.60 -0.70 17.16
N LEU B 444 -32.54 -1.32 16.62
CA LEU B 444 -31.42 -1.84 17.41
C LEU B 444 -30.68 -0.68 18.09
N CYS B 445 -30.51 0.40 17.34
CA CYS B 445 -29.84 1.59 17.84
C CYS B 445 -30.63 2.32 18.93
N ILE B 446 -31.95 2.35 18.80
CA ILE B 446 -32.82 2.99 19.79
C ILE B 446 -32.81 2.25 21.13
N VAL B 447 -32.95 0.93 21.09
CA VAL B 447 -32.97 0.13 22.34
C VAL B 447 -31.60 0.04 23.02
N GLY B 448 -30.54 0.15 22.23
CA GLY B 448 -29.19 0.07 22.74
C GLY B 448 -28.52 1.38 23.11
N SER B 449 -29.24 2.48 22.94
CA SER B 449 -28.75 3.83 23.24
C SER B 449 -29.59 4.52 24.30
N HIS B 450 -28.99 5.48 25.02
CA HIS B 450 -29.72 6.25 26.03
C HIS B 450 -30.29 7.52 25.43
N ALA B 451 -29.76 7.92 24.28
CA ALA B 451 -30.20 9.12 23.58
C ALA B 451 -30.23 8.91 22.08
N VAL B 452 -31.32 9.36 21.46
CA VAL B 452 -31.53 9.29 20.02
C VAL B 452 -31.79 10.71 19.57
N ASN B 453 -31.04 11.18 18.56
CA ASN B 453 -31.26 12.53 18.10
C ASN B 453 -31.41 12.69 16.61
N GLY B 454 -32.22 13.70 16.25
CA GLY B 454 -32.41 14.05 14.87
C GLY B 454 -31.47 15.22 14.61
N VAL B 455 -31.44 15.73 13.38
CA VAL B 455 -30.53 16.81 13.01
C VAL B 455 -31.05 18.22 12.73
N ALA B 456 -32.34 18.44 13.01
CA ALA B 456 -33.03 19.72 12.84
C ALA B 456 -34.37 19.59 13.55
N LYS B 457 -34.92 20.69 14.06
CA LYS B 457 -36.20 20.70 14.78
C LYS B 457 -37.34 19.92 14.12
N ILE B 458 -37.59 20.20 12.84
CA ILE B 458 -38.66 19.56 12.06
C ILE B 458 -38.43 18.04 11.88
N HIS B 459 -37.17 17.68 11.70
CA HIS B 459 -36.74 16.29 11.51
C HIS B 459 -36.86 15.47 12.79
N SER B 460 -36.31 16.02 13.89
CA SER B 460 -36.33 15.36 15.19
C SER B 460 -37.75 15.12 15.69
N ASP B 461 -38.67 16.00 15.27
CA ASP B 461 -40.09 15.90 15.61
C ASP B 461 -40.71 14.70 14.86
N ILE B 462 -40.40 14.55 13.58
CA ILE B 462 -40.90 13.42 12.75
C ILE B 462 -40.33 12.09 13.24
N VAL B 463 -39.07 12.12 13.70
CA VAL B 463 -38.38 10.93 14.24
C VAL B 463 -39.05 10.51 15.56
N LYS B 464 -39.32 11.51 16.41
CA LYS B 464 -39.95 11.30 17.73
C LYS B 464 -41.44 10.93 17.66
N THR B 465 -42.26 11.86 17.17
CA THR B 465 -43.72 11.69 17.11
C THR B 465 -44.34 10.87 15.97
N LYS B 466 -43.58 10.57 14.92
CA LYS B 466 -44.11 9.79 13.79
C LYS B 466 -43.46 8.44 13.51
N VAL B 467 -42.24 8.46 12.96
CA VAL B 467 -41.49 7.24 12.59
C VAL B 467 -41.27 6.23 13.73
N PHE B 468 -40.78 6.71 14.87
CA PHE B 468 -40.54 5.85 16.03
C PHE B 468 -41.43 6.29 17.19
N LYS B 469 -42.71 6.53 16.87
CA LYS B 469 -43.75 6.95 17.81
C LYS B 469 -43.91 6.01 19.00
N ASP B 470 -43.91 4.71 18.72
CA ASP B 470 -44.05 3.67 19.75
C ASP B 470 -42.91 3.63 20.77
N PHE B 471 -41.71 4.01 20.33
CA PHE B 471 -40.51 4.03 21.18
C PHE B 471 -40.47 5.27 22.08
N SER B 472 -40.86 6.40 21.51
CA SER B 472 -40.88 7.69 22.21
C SER B 472 -41.95 7.78 23.29
N GLU B 473 -42.99 6.94 23.18
CA GLU B 473 -44.07 6.87 24.16
C GLU B 473 -43.59 6.17 25.43
N LEU B 474 -42.78 5.13 25.24
CA LEU B 474 -42.22 4.33 26.33
C LEU B 474 -41.15 5.08 27.11
N GLU B 475 -40.22 5.71 26.40
CA GLU B 475 -39.14 6.50 26.99
C GLU B 475 -39.14 7.90 26.34
N PRO B 476 -39.84 8.89 26.95
CA PRO B 476 -39.95 10.28 26.46
C PRO B 476 -38.68 11.12 26.49
N ASP B 477 -37.83 10.86 27.48
CA ASP B 477 -36.58 11.61 27.65
C ASP B 477 -35.40 11.11 26.81
N LYS B 478 -35.63 10.06 26.03
CA LYS B 478 -34.59 9.48 25.16
C LYS B 478 -34.39 10.28 23.87
N PHE B 479 -35.50 10.65 23.24
CA PHE B 479 -35.49 11.39 21.98
C PHE B 479 -35.26 12.88 22.15
N GLN B 480 -34.30 13.42 21.40
CA GLN B 480 -33.97 14.84 21.44
C GLN B 480 -33.54 15.42 20.10
N ASN B 481 -33.33 16.74 20.08
CA ASN B 481 -32.91 17.46 18.89
C ASN B 481 -31.53 18.07 19.05
N LYS B 482 -30.74 17.99 17.98
CA LYS B 482 -29.42 18.57 17.92
C LYS B 482 -29.29 19.12 16.51
N THR B 483 -29.70 20.38 16.33
CA THR B 483 -29.65 21.07 15.04
C THR B 483 -28.22 21.11 14.51
N ASN B 484 -28.03 20.64 13.28
CA ASN B 484 -26.72 20.61 12.61
C ASN B 484 -26.01 21.94 12.54
N GLY B 485 -24.71 21.86 12.25
CA GLY B 485 -23.88 23.04 12.12
C GLY B 485 -22.70 22.78 11.21
N ILE B 486 -21.97 23.84 10.92
CA ILE B 486 -20.78 23.81 10.05
C ILE B 486 -19.65 24.57 10.76
N THR B 487 -18.40 24.20 10.50
CA THR B 487 -17.29 24.90 11.14
C THR B 487 -16.96 26.22 10.44
N PRO B 488 -16.91 27.35 11.20
CA PRO B 488 -16.61 28.65 10.60
C PRO B 488 -15.14 28.83 10.21
N ARG B 489 -14.33 27.81 10.49
CA ARG B 489 -12.92 27.83 10.13
C ARG B 489 -12.81 27.50 8.65
N ARG B 490 -13.15 26.25 8.29
CA ARG B 490 -13.09 25.83 6.89
C ARG B 490 -14.13 26.58 6.04
N TRP B 491 -15.31 26.80 6.62
CA TRP B 491 -16.40 27.44 5.88
C TRP B 491 -16.57 28.96 5.89
N LEU B 492 -15.54 29.66 6.37
CA LEU B 492 -15.49 31.13 6.36
C LEU B 492 -14.05 31.63 6.31
N LEU B 493 -13.27 31.39 7.37
CA LEU B 493 -11.88 31.84 7.42
C LEU B 493 -10.98 31.34 6.30
N LEU B 494 -11.16 30.06 5.94
CA LEU B 494 -10.39 29.44 4.85
C LEU B 494 -10.94 29.75 3.47
N CYS B 495 -12.17 29.30 3.21
CA CYS B 495 -12.81 29.46 1.91
C CYS B 495 -13.13 30.88 1.46
N ASN B 496 -13.36 31.77 2.41
CA ASN B 496 -13.69 33.17 2.07
C ASN B 496 -12.85 34.17 2.90
N PRO B 497 -11.53 34.28 2.62
CA PRO B 497 -10.68 35.23 3.37
C PRO B 497 -11.12 36.70 3.22
N GLY B 498 -11.78 37.01 2.11
CA GLY B 498 -12.27 38.35 1.82
C GLY B 498 -13.39 38.78 2.74
N LEU B 499 -14.38 37.89 2.95
CA LEU B 499 -15.52 38.18 3.82
C LEU B 499 -15.11 38.12 5.30
N ALA B 500 -14.20 37.20 5.62
CA ALA B 500 -13.67 37.03 6.97
C ALA B 500 -12.95 38.30 7.42
N GLU B 501 -12.19 38.89 6.49
CA GLU B 501 -11.41 40.13 6.70
C GLU B 501 -12.37 41.31 6.86
N LEU B 502 -13.41 41.35 6.03
CA LEU B 502 -14.43 42.42 6.06
C LEU B 502 -15.13 42.46 7.40
N ILE B 503 -15.62 41.30 7.86
CA ILE B 503 -16.33 41.16 9.13
C ILE B 503 -15.42 41.58 10.32
N ALA B 504 -14.15 41.16 10.27
CA ALA B 504 -13.17 41.48 11.31
C ALA B 504 -12.83 42.97 11.43
N GLU B 505 -12.81 43.66 10.28
CA GLU B 505 -12.52 45.10 10.21
C GLU B 505 -13.66 45.94 10.79
N LYS B 506 -14.86 45.37 10.78
CA LYS B 506 -16.06 46.04 11.26
C LYS B 506 -16.50 45.76 12.69
N ILE B 507 -16.43 44.49 13.12
CA ILE B 507 -16.87 44.12 14.47
C ILE B 507 -15.83 43.42 15.38
N GLY B 508 -14.60 43.23 14.88
CA GLY B 508 -13.56 42.57 15.66
C GLY B 508 -13.39 41.10 15.29
N GLU B 509 -12.31 40.49 15.80
CA GLU B 509 -12.01 39.08 15.51
C GLU B 509 -12.59 38.05 16.50
N ASP B 510 -13.46 38.51 17.39
CA ASP B 510 -14.10 37.67 18.41
C ASP B 510 -15.18 36.71 17.90
N TYR B 511 -15.62 36.92 16.65
CA TYR B 511 -16.66 36.10 16.04
C TYR B 511 -16.30 34.65 15.72
N VAL B 512 -15.01 34.34 15.60
CA VAL B 512 -14.59 32.97 15.27
C VAL B 512 -14.85 31.94 16.39
N LYS B 513 -14.57 32.33 17.63
CA LYS B 513 -14.80 31.45 18.78
C LYS B 513 -16.24 31.50 19.31
N ASP B 514 -16.98 32.53 18.91
CA ASP B 514 -18.38 32.74 19.29
C ASP B 514 -19.08 33.37 18.07
N LEU B 515 -19.64 32.52 17.21
CA LEU B 515 -20.29 32.99 15.99
C LEU B 515 -21.56 33.83 16.17
N SER B 516 -22.14 33.79 17.37
CA SER B 516 -23.35 34.57 17.69
C SER B 516 -23.05 36.07 17.68
N GLN B 517 -21.76 36.40 17.69
CA GLN B 517 -21.27 37.78 17.66
C GLN B 517 -21.44 38.41 16.27
N LEU B 518 -21.86 37.61 15.29
CA LEU B 518 -22.12 38.12 13.93
C LEU B 518 -23.33 39.05 13.93
N THR B 519 -24.14 38.98 14.99
CA THR B 519 -25.35 39.82 15.15
C THR B 519 -25.00 41.31 15.30
N LYS B 520 -23.73 41.59 15.64
CA LYS B 520 -23.23 42.94 15.80
C LYS B 520 -23.06 43.68 14.47
N LEU B 521 -23.23 42.94 13.36
CA LEU B 521 -23.15 43.49 12.00
C LEU B 521 -24.42 44.27 11.63
N HIS B 522 -25.44 44.19 12.49
CA HIS B 522 -26.72 44.89 12.33
C HIS B 522 -26.56 46.41 12.50
N SER B 523 -25.42 46.81 13.07
CA SER B 523 -25.06 48.21 13.31
C SER B 523 -24.75 48.94 11.99
N PHE B 524 -24.62 48.14 10.92
CA PHE B 524 -24.29 48.66 9.59
C PHE B 524 -25.43 48.51 8.56
N LEU B 525 -26.67 48.40 9.04
CA LEU B 525 -27.84 48.24 8.18
C LEU B 525 -28.18 49.33 7.16
N GLY B 526 -28.04 50.58 7.57
CA GLY B 526 -28.33 51.69 6.68
C GLY B 526 -27.08 52.23 5.98
N ASP B 527 -25.93 51.68 6.35
CA ASP B 527 -24.62 52.08 5.83
C ASP B 527 -24.34 51.59 4.40
N ASP B 528 -24.36 52.53 3.46
CA ASP B 528 -24.12 52.25 2.04
C ASP B 528 -22.67 51.93 1.71
N VAL B 529 -21.76 52.25 2.64
CA VAL B 529 -20.32 51.99 2.49
C VAL B 529 -20.09 50.48 2.71
N PHE B 530 -20.74 49.91 3.72
CA PHE B 530 -20.62 48.49 4.04
C PHE B 530 -21.30 47.60 2.99
N LEU B 531 -22.46 48.05 2.49
CA LEU B 531 -23.23 47.31 1.49
C LEU B 531 -22.50 47.21 0.14
N ARG B 532 -21.63 48.17 -0.13
CA ARG B 532 -20.82 48.24 -1.34
C ARG B 532 -19.55 47.37 -1.17
N GLU B 533 -19.06 47.30 0.07
CA GLU B 533 -17.88 46.50 0.42
C GLU B 533 -18.23 45.02 0.42
N LEU B 534 -19.48 44.73 0.81
CA LEU B 534 -20.04 43.38 0.87
C LEU B 534 -20.22 42.82 -0.53
N ALA B 535 -20.63 43.69 -1.46
CA ALA B 535 -20.84 43.33 -2.86
C ALA B 535 -19.51 43.20 -3.60
N LYS B 536 -18.52 44.00 -3.19
CA LYS B 536 -17.17 43.97 -3.79
C LYS B 536 -16.47 42.65 -3.44
N VAL B 537 -16.69 42.17 -2.22
CA VAL B 537 -16.11 40.90 -1.75
C VAL B 537 -16.74 39.75 -2.54
N LYS B 538 -18.06 39.84 -2.76
CA LYS B 538 -18.80 38.83 -3.52
C LYS B 538 -18.37 38.83 -4.98
N GLN B 539 -18.07 40.02 -5.51
CA GLN B 539 -17.61 40.18 -6.90
C GLN B 539 -16.21 39.62 -7.13
N GLU B 540 -15.33 39.80 -6.15
CA GLU B 540 -13.94 39.30 -6.20
C GLU B 540 -13.94 37.77 -6.23
N ASN B 541 -14.86 37.18 -5.48
CA ASN B 541 -15.01 35.72 -5.39
C ASN B 541 -15.60 35.15 -6.68
N LYS B 542 -16.54 35.91 -7.28
CA LYS B 542 -17.22 35.54 -8.52
C LYS B 542 -16.27 35.58 -9.72
N LEU B 543 -15.40 36.60 -9.73
CA LEU B 543 -14.41 36.79 -10.79
C LEU B 543 -13.32 35.73 -10.79
N LYS B 544 -12.95 35.28 -9.58
CA LYS B 544 -11.93 34.26 -9.38
C LYS B 544 -12.46 32.90 -9.82
N PHE B 545 -13.74 32.63 -9.49
CA PHE B 545 -14.40 31.39 -9.83
C PHE B 545 -14.82 31.34 -11.31
N SER B 546 -15.04 32.51 -11.92
CA SER B 546 -15.40 32.62 -13.35
C SER B 546 -14.20 32.24 -14.21
N GLN B 547 -13.00 32.50 -13.69
CA GLN B 547 -11.74 32.17 -14.37
C GLN B 547 -11.56 30.65 -14.42
N PHE B 548 -12.07 29.97 -13.40
CA PHE B 548 -12.01 28.51 -13.31
C PHE B 548 -13.03 27.88 -14.28
N LEU B 549 -14.23 28.47 -14.34
CA LEU B 549 -15.31 27.98 -15.21
C LEU B 549 -15.02 28.06 -16.71
N GLU B 550 -14.35 29.14 -17.13
CA GLU B 550 -14.02 29.36 -18.54
C GLU B 550 -12.87 28.49 -19.07
N THR B 551 -12.06 27.96 -18.15
CA THR B 551 -10.94 27.08 -18.52
C THR B 551 -11.36 25.60 -18.55
N GLU B 552 -12.40 25.27 -17.79
CA GLU B 552 -12.91 23.90 -17.72
C GLU B 552 -14.10 23.63 -18.66
N TYR B 553 -14.86 24.68 -18.98
CA TYR B 553 -16.02 24.58 -19.88
C TYR B 553 -15.94 25.70 -20.92
N LYS B 554 -16.43 25.43 -22.15
CA LYS B 554 -16.44 26.45 -23.20
C LYS B 554 -17.71 27.25 -23.00
N VAL B 555 -17.56 28.33 -22.24
CA VAL B 555 -18.65 29.22 -21.90
C VAL B 555 -18.12 30.63 -21.64
N LYS B 556 -18.93 31.62 -22.00
CA LYS B 556 -18.58 33.02 -21.76
C LYS B 556 -19.48 33.44 -20.61
N ILE B 557 -18.90 33.49 -19.41
CA ILE B 557 -19.63 33.87 -18.20
C ILE B 557 -19.81 35.39 -18.15
N ASN B 558 -21.05 35.79 -17.90
CA ASN B 558 -21.44 37.20 -17.77
C ASN B 558 -21.05 37.60 -16.34
N PRO B 559 -20.13 38.58 -16.17
CA PRO B 559 -19.69 39.02 -14.83
C PRO B 559 -20.75 39.70 -13.96
N SER B 560 -21.78 40.25 -14.60
CA SER B 560 -22.87 40.93 -13.90
C SER B 560 -24.05 40.02 -13.59
N SER B 561 -23.95 38.75 -14.00
CA SER B 561 -25.01 37.76 -13.79
C SER B 561 -25.17 37.27 -12.36
N MET B 562 -26.37 36.79 -12.05
CA MET B 562 -26.69 36.24 -10.74
C MET B 562 -26.24 34.78 -10.73
N PHE B 563 -25.36 34.44 -9.79
CA PHE B 563 -24.88 33.06 -9.65
C PHE B 563 -25.89 32.24 -8.85
N ASP B 564 -26.69 31.50 -9.60
CA ASP B 564 -27.76 30.61 -9.14
C ASP B 564 -27.10 29.23 -9.00
N VAL B 565 -26.91 28.77 -7.77
CA VAL B 565 -26.22 27.49 -7.54
C VAL B 565 -26.97 26.43 -6.72
N GLN B 566 -26.96 25.19 -7.24
CA GLN B 566 -27.53 24.03 -6.54
C GLN B 566 -26.45 22.96 -6.54
N VAL B 567 -25.67 22.90 -5.47
CA VAL B 567 -24.61 21.90 -5.37
C VAL B 567 -24.84 20.99 -4.15
N LYS B 568 -25.08 19.71 -4.45
CA LYS B 568 -25.36 18.64 -3.48
C LYS B 568 -25.44 17.35 -4.29
N ARG B 569 -25.50 16.22 -3.59
CA ARG B 569 -25.60 14.92 -4.27
C ARG B 569 -26.88 14.84 -5.09
N ILE B 570 -26.81 14.20 -6.26
CA ILE B 570 -27.99 14.09 -7.14
C ILE B 570 -28.99 13.09 -6.61
N HIS B 571 -30.19 13.58 -6.35
CA HIS B 571 -31.31 12.81 -5.80
C HIS B 571 -32.63 13.35 -6.30
N GLU B 572 -33.63 12.47 -6.30
CA GLU B 572 -34.99 12.85 -6.71
C GLU B 572 -35.62 13.70 -5.60
N TYR B 573 -35.22 13.45 -4.36
CA TYR B 573 -35.74 14.19 -3.21
C TYR B 573 -35.23 15.62 -3.09
N LYS B 574 -33.99 15.83 -3.52
CA LYS B 574 -33.31 17.14 -3.49
C LYS B 574 -33.80 18.02 -4.63
N ARG B 575 -34.48 17.37 -5.59
CA ARG B 575 -35.11 17.98 -6.75
C ARG B 575 -34.31 18.88 -7.69
N GLN B 576 -33.18 18.36 -8.19
CA GLN B 576 -32.38 19.09 -9.19
C GLN B 576 -33.19 19.15 -10.48
N LEU B 577 -34.19 18.27 -10.54
CA LEU B 577 -35.10 18.15 -11.68
C LEU B 577 -36.07 19.33 -11.69
N LEU B 578 -36.46 19.84 -10.51
CA LEU B 578 -37.37 20.99 -10.39
C LEU B 578 -36.63 22.24 -10.88
N ASN B 579 -35.33 22.29 -10.57
CA ASN B 579 -34.43 23.38 -10.95
C ASN B 579 -34.28 23.39 -12.46
N CYS B 580 -34.15 22.20 -13.05
CA CYS B 580 -34.00 22.04 -14.49
C CYS B 580 -35.25 22.49 -15.23
N LEU B 581 -36.43 22.25 -14.63
CA LEU B 581 -37.71 22.68 -15.23
C LEU B 581 -37.83 24.20 -15.27
N HIS B 582 -37.19 24.87 -14.31
CA HIS B 582 -37.17 26.34 -14.22
C HIS B 582 -36.19 26.94 -15.23
N VAL B 583 -35.05 26.27 -15.44
CA VAL B 583 -34.03 26.70 -16.39
C VAL B 583 -34.62 26.70 -17.82
N ILE B 584 -35.45 25.70 -18.09
CA ILE B 584 -36.13 25.54 -19.38
C ILE B 584 -37.23 26.60 -19.54
N THR B 585 -37.93 26.92 -18.44
CA THR B 585 -39.00 27.94 -18.44
C THR B 585 -38.40 29.31 -18.74
N MET B 586 -37.21 29.58 -18.21
CA MET B 586 -36.51 30.84 -18.43
C MET B 586 -36.06 30.93 -19.89
N TYR B 587 -35.60 29.80 -20.43
CA TYR B 587 -35.16 29.70 -21.83
C TYR B 587 -36.34 29.98 -22.76
N ASN B 588 -37.51 29.41 -22.44
CA ASN B 588 -38.72 29.59 -23.24
C ASN B 588 -39.29 31.01 -23.18
N ARG B 589 -38.97 31.75 -22.10
CA ARG B 589 -39.41 33.12 -21.91
C ARG B 589 -38.57 34.10 -22.74
N ILE B 590 -37.28 33.76 -22.92
CA ILE B 590 -36.34 34.57 -23.68
C ILE B 590 -36.61 34.41 -25.19
N LYS B 591 -36.98 33.19 -25.60
CA LYS B 591 -37.25 32.89 -27.01
C LYS B 591 -38.58 33.50 -27.50
N LYS B 592 -39.52 33.68 -26.57
CA LYS B 592 -40.84 34.25 -26.86
C LYS B 592 -40.73 35.76 -27.13
N ASP B 593 -40.08 36.47 -26.20
CA ASP B 593 -39.87 37.92 -26.31
C ASP B 593 -38.37 38.19 -26.05
N PRO B 594 -37.54 38.28 -27.12
CA PRO B 594 -36.10 38.54 -27.04
C PRO B 594 -35.64 39.88 -26.44
N LYS B 595 -36.34 40.96 -26.80
CA LYS B 595 -36.01 42.30 -26.34
C LYS B 595 -36.58 42.72 -24.98
N LYS B 596 -37.24 41.78 -24.30
CA LYS B 596 -37.82 42.01 -22.97
C LYS B 596 -36.72 41.99 -21.91
N LEU B 597 -36.99 42.65 -20.78
CA LEU B 597 -36.05 42.74 -19.66
C LEU B 597 -35.91 41.40 -18.94
N PHE B 598 -34.67 40.92 -18.88
CA PHE B 598 -34.33 39.67 -18.22
C PHE B 598 -33.13 39.92 -17.34
N VAL B 599 -33.20 39.47 -16.10
CA VAL B 599 -32.12 39.60 -15.12
C VAL B 599 -31.18 38.42 -15.41
N PRO B 600 -29.96 38.71 -15.91
CA PRO B 600 -28.98 37.66 -16.24
C PRO B 600 -28.61 36.68 -15.12
N ARG B 601 -28.51 35.40 -15.48
CA ARG B 601 -28.18 34.34 -14.53
C ARG B 601 -27.18 33.32 -15.08
N THR B 602 -26.41 32.74 -14.16
CA THR B 602 -25.46 31.66 -14.47
C THR B 602 -25.97 30.57 -13.52
N VAL B 603 -26.66 29.58 -14.08
CA VAL B 603 -27.20 28.49 -13.27
C VAL B 603 -26.18 27.36 -13.20
N ILE B 604 -25.68 27.13 -11.99
CA ILE B 604 -24.69 26.10 -11.73
C ILE B 604 -25.34 24.99 -10.90
N ILE B 605 -25.41 23.79 -11.47
CA ILE B 605 -25.97 22.63 -10.77
C ILE B 605 -24.87 21.58 -10.76
N GLY B 606 -24.45 21.16 -9.58
CA GLY B 606 -23.39 20.17 -9.47
C GLY B 606 -23.65 19.12 -8.42
N GLY B 607 -23.01 17.97 -8.60
CA GLY B 607 -23.14 16.89 -7.65
C GLY B 607 -22.90 15.54 -8.28
N LYS B 608 -22.61 14.57 -7.44
CA LYS B 608 -22.36 13.20 -7.89
C LYS B 608 -23.60 12.33 -7.69
N ALA B 609 -23.78 11.38 -8.60
CA ALA B 609 -24.88 10.44 -8.53
C ALA B 609 -24.27 9.11 -8.17
N ALA B 610 -24.99 8.31 -7.37
CA ALA B 610 -24.55 6.97 -7.01
C ALA B 610 -24.55 6.21 -8.35
N PRO B 611 -23.47 5.45 -8.66
CA PRO B 611 -23.35 4.70 -9.91
C PRO B 611 -24.53 3.80 -10.33
N GLY B 612 -25.21 3.24 -9.33
CA GLY B 612 -26.36 2.37 -9.58
C GLY B 612 -27.69 3.09 -9.55
N TYR B 613 -27.66 4.42 -9.40
CA TYR B 613 -28.88 5.25 -9.35
C TYR B 613 -29.18 5.76 -10.77
N HIS B 614 -30.02 4.98 -11.47
CA HIS B 614 -30.42 5.27 -12.84
C HIS B 614 -31.07 6.65 -13.03
N MET B 615 -32.08 6.94 -12.22
CA MET B 615 -32.81 8.21 -12.32
C MET B 615 -31.95 9.46 -12.10
N ALA B 616 -30.99 9.38 -11.17
CA ALA B 616 -30.09 10.49 -10.89
C ALA B 616 -29.14 10.73 -12.08
N LYS B 617 -28.72 9.64 -12.73
CA LYS B 617 -27.84 9.71 -13.91
C LYS B 617 -28.60 10.26 -15.13
N MET B 618 -29.92 10.09 -15.12
CA MET B 618 -30.78 10.59 -16.19
C MET B 618 -30.98 12.09 -16.02
N ILE B 619 -31.03 12.55 -14.76
CA ILE B 619 -31.19 13.96 -14.40
C ILE B 619 -29.94 14.75 -14.82
N ILE B 620 -28.77 14.13 -14.68
CA ILE B 620 -27.48 14.72 -15.06
C ILE B 620 -27.44 14.89 -16.58
N LYS B 621 -27.89 13.87 -17.31
CA LYS B 621 -27.93 13.91 -18.77
C LYS B 621 -28.89 15.00 -19.25
N LEU B 622 -29.98 15.19 -18.52
CA LEU B 622 -30.97 16.22 -18.84
C LEU B 622 -30.38 17.62 -18.63
N ILE B 623 -29.64 17.82 -17.54
CA ILE B 623 -29.02 19.12 -17.24
C ILE B 623 -27.95 19.49 -18.28
N THR B 624 -27.13 18.51 -18.67
CA THR B 624 -26.09 18.74 -19.68
C THR B 624 -26.66 18.95 -21.09
N SER B 625 -27.79 18.30 -21.39
CA SER B 625 -28.46 18.43 -22.69
C SER B 625 -29.16 19.79 -22.82
N VAL B 626 -29.69 20.27 -21.69
CA VAL B 626 -30.36 21.57 -21.62
C VAL B 626 -29.28 22.65 -21.73
N ALA B 627 -28.14 22.41 -21.06
CA ALA B 627 -26.99 23.31 -21.06
C ALA B 627 -26.44 23.58 -22.45
N ASP B 628 -26.35 22.53 -23.26
CA ASP B 628 -25.84 22.61 -24.63
C ASP B 628 -26.75 23.40 -25.57
N VAL B 629 -28.06 23.38 -25.30
CA VAL B 629 -29.05 24.10 -26.11
C VAL B 629 -29.12 25.59 -25.71
N VAL B 630 -29.05 25.87 -24.42
CA VAL B 630 -29.11 27.23 -23.88
C VAL B 630 -27.82 28.03 -24.14
N ASN B 631 -26.66 27.41 -23.89
CA ASN B 631 -25.34 28.05 -24.09
C ASN B 631 -24.95 28.33 -25.53
N ASN B 632 -25.46 27.53 -26.46
CA ASN B 632 -25.15 27.68 -27.88
C ASN B 632 -26.23 28.38 -28.71
N ASP B 633 -27.22 28.98 -28.03
CA ASP B 633 -28.30 29.71 -28.69
C ASP B 633 -27.88 31.18 -28.80
N PRO B 634 -27.80 31.73 -30.03
CA PRO B 634 -27.41 33.15 -30.24
C PRO B 634 -28.39 34.21 -29.76
N MET B 635 -29.67 33.83 -29.63
CA MET B 635 -30.73 34.73 -29.19
C MET B 635 -30.67 35.00 -27.68
N VAL B 636 -30.28 33.97 -26.93
CA VAL B 636 -30.14 34.04 -25.47
C VAL B 636 -28.84 34.79 -25.15
N GLY B 637 -27.72 34.22 -25.58
CA GLY B 637 -26.40 34.82 -25.35
C GLY B 637 -26.00 34.96 -23.90
N SER B 638 -25.68 36.19 -23.50
CA SER B 638 -25.25 36.52 -22.14
C SER B 638 -26.37 36.62 -21.09
N LYS B 639 -27.61 36.34 -21.51
CA LYS B 639 -28.78 36.39 -20.62
C LYS B 639 -28.89 35.18 -19.69
N LEU B 640 -28.50 34.00 -20.19
CA LEU B 640 -28.57 32.77 -19.40
C LEU B 640 -27.56 31.70 -19.83
N LYS B 641 -26.73 31.30 -18.88
CA LYS B 641 -25.73 30.26 -19.08
C LYS B 641 -25.99 29.17 -18.04
N VAL B 642 -25.84 27.91 -18.44
CA VAL B 642 -26.06 26.77 -17.55
C VAL B 642 -24.78 25.95 -17.50
N ILE B 643 -24.34 25.61 -16.29
CA ILE B 643 -23.12 24.83 -16.07
C ILE B 643 -23.34 23.66 -15.13
N PHE B 644 -22.96 22.46 -15.58
CA PHE B 644 -23.02 21.31 -14.69
C PHE B 644 -21.59 21.25 -14.13
N LEU B 645 -21.45 21.60 -12.85
CA LEU B 645 -20.15 21.60 -12.17
C LEU B 645 -19.74 20.19 -11.82
N GLU B 646 -18.73 19.70 -12.56
CA GLU B 646 -18.20 18.35 -12.38
C GLU B 646 -17.36 18.20 -11.13
N ASN B 647 -17.32 16.95 -10.65
CA ASN B 647 -16.53 16.55 -9.48
C ASN B 647 -16.73 17.36 -8.19
N TYR B 648 -17.99 17.64 -7.86
CA TYR B 648 -18.32 18.38 -6.65
C TYR B 648 -17.81 17.60 -5.43
N ARG B 649 -16.93 18.25 -4.68
CA ARG B 649 -16.26 17.70 -3.50
C ARG B 649 -15.99 18.86 -2.55
N VAL B 650 -15.37 18.59 -1.40
CA VAL B 650 -15.08 19.62 -0.39
C VAL B 650 -14.23 20.80 -0.89
N SER B 651 -13.13 20.53 -1.60
CA SER B 651 -12.27 21.60 -2.11
C SER B 651 -12.95 22.51 -3.14
N LEU B 652 -13.81 21.93 -3.98
CA LEU B 652 -14.54 22.69 -5.00
C LEU B 652 -15.68 23.49 -4.35
N ALA B 653 -16.22 22.93 -3.27
CA ALA B 653 -17.29 23.55 -2.48
C ALA B 653 -16.76 24.84 -1.88
N GLU B 654 -15.49 24.79 -1.48
CA GLU B 654 -14.79 25.94 -0.91
C GLU B 654 -14.61 27.08 -1.91
N LYS B 655 -14.66 26.75 -3.21
CA LYS B 655 -14.50 27.73 -4.28
C LYS B 655 -15.85 28.29 -4.78
N VAL B 656 -16.84 27.41 -4.98
CA VAL B 656 -18.17 27.80 -5.49
C VAL B 656 -19.07 28.56 -4.50
N ILE B 657 -19.11 28.08 -3.24
CA ILE B 657 -19.93 28.69 -2.19
C ILE B 657 -19.68 30.21 -1.95
N PRO B 658 -18.41 30.68 -1.82
CA PRO B 658 -18.20 32.13 -1.61
C PRO B 658 -18.55 32.97 -2.84
N ALA B 659 -18.64 32.31 -4.00
CA ALA B 659 -18.96 32.95 -5.28
C ALA B 659 -20.45 32.94 -5.61
N THR B 660 -21.27 32.41 -4.71
CA THR B 660 -22.71 32.28 -4.94
C THR B 660 -23.60 33.44 -4.47
N ASP B 661 -24.59 33.77 -5.30
CA ASP B 661 -25.58 34.81 -4.99
C ASP B 661 -26.87 34.17 -4.50
N LEU B 662 -27.33 33.14 -5.23
CA LEU B 662 -28.56 32.43 -4.89
C LEU B 662 -28.33 30.95 -4.61
N SER B 663 -28.79 30.52 -3.45
CA SER B 663 -28.68 29.14 -2.99
C SER B 663 -29.99 28.37 -3.15
N GLU B 664 -29.93 27.26 -3.87
CA GLU B 664 -31.09 26.40 -4.11
C GLU B 664 -31.16 25.25 -3.11
N GLN B 665 -32.17 25.29 -2.24
CA GLN B 665 -32.40 24.27 -1.21
C GLN B 665 -33.88 23.92 -1.37
N ILE B 666 -34.17 23.28 -2.50
CA ILE B 666 -35.52 22.95 -2.93
C ILE B 666 -36.09 21.54 -2.74
N SER B 667 -35.66 20.86 -1.69
CA SER B 667 -36.14 19.51 -1.37
C SER B 667 -37.62 19.51 -0.99
N THR B 668 -38.30 18.37 -1.16
CA THR B 668 -39.72 18.28 -0.81
C THR B 668 -39.84 18.33 0.71
N ALA B 669 -40.84 19.07 1.21
CA ALA B 669 -41.06 19.23 2.64
C ALA B 669 -41.20 17.90 3.39
N GLY B 670 -40.28 17.69 4.34
CA GLY B 670 -40.24 16.48 5.14
C GLY B 670 -39.22 15.44 4.69
N THR B 671 -38.46 15.74 3.64
CA THR B 671 -37.48 14.79 3.11
C THR B 671 -36.00 15.04 3.46
N GLU B 672 -35.59 16.32 3.51
CA GLU B 672 -34.22 16.68 3.86
C GLU B 672 -34.17 16.85 5.36
N ALA B 673 -33.46 15.94 6.03
CA ALA B 673 -33.31 15.94 7.48
C ALA B 673 -32.85 17.28 8.06
N SER B 674 -31.83 17.86 7.44
CA SER B 674 -31.31 19.16 7.88
C SER B 674 -30.76 19.93 6.71
N GLY B 675 -29.69 19.36 6.15
CA GLY B 675 -28.95 20.01 5.07
C GLY B 675 -27.87 20.82 5.79
N THR B 676 -26.70 20.91 5.19
CA THR B 676 -25.59 21.69 5.76
C THR B 676 -25.09 22.67 4.71
N GLY B 677 -25.36 22.35 3.44
CA GLY B 677 -24.99 23.19 2.32
C GLY B 677 -25.67 24.54 2.49
N ASN B 678 -26.92 24.50 2.94
CA ASN B 678 -27.72 25.71 3.20
C ASN B 678 -27.06 26.71 4.15
N MET B 679 -26.45 26.18 5.22
CA MET B 679 -25.75 26.98 6.22
C MET B 679 -24.44 27.59 5.69
N LYS B 680 -23.75 26.85 4.83
CA LYS B 680 -22.50 27.29 4.21
C LYS B 680 -22.76 28.53 3.34
N PHE B 681 -23.79 28.45 2.52
CA PHE B 681 -24.20 29.52 1.62
C PHE B 681 -24.66 30.78 2.37
N MET B 682 -25.37 30.57 3.48
CA MET B 682 -25.89 31.64 4.35
C MET B 682 -24.75 32.43 5.01
N LEU B 683 -23.70 31.70 5.43
CA LEU B 683 -22.54 32.31 6.07
C LEU B 683 -21.68 33.06 5.04
N ASN B 684 -21.73 32.62 3.78
CA ASN B 684 -20.93 33.20 2.71
C ASN B 684 -21.52 34.31 1.84
N GLY B 685 -22.63 34.88 2.30
CA GLY B 685 -23.24 36.00 1.59
C GLY B 685 -24.22 35.74 0.48
N ALA B 686 -24.83 34.56 0.47
CA ALA B 686 -25.83 34.22 -0.54
C ALA B 686 -27.21 34.22 0.08
N LEU B 687 -28.23 34.41 -0.77
CA LEU B 687 -29.62 34.37 -0.34
C LEU B 687 -30.15 32.98 -0.65
N THR B 688 -31.12 32.53 0.13
CA THR B 688 -31.68 31.19 -0.02
C THR B 688 -33.09 31.09 -0.58
N ILE B 689 -33.25 30.25 -1.61
CA ILE B 689 -34.56 29.94 -2.16
C ILE B 689 -34.78 28.48 -1.75
N GLY B 690 -35.86 28.24 -1.01
CA GLY B 690 -36.13 26.90 -0.56
C GLY B 690 -37.48 26.67 0.08
N THR B 691 -37.76 25.40 0.33
CA THR B 691 -39.00 25.00 0.99
C THR B 691 -38.77 25.03 2.49
N MET B 692 -39.85 24.86 3.25
CA MET B 692 -39.78 24.85 4.70
C MET B 692 -39.43 23.40 5.07
N ASP B 693 -38.17 23.04 4.81
CA ASP B 693 -37.66 21.71 5.07
C ASP B 693 -36.33 21.77 5.79
N GLY B 694 -36.08 20.75 6.61
CA GLY B 694 -34.83 20.65 7.36
C GLY B 694 -34.45 21.87 8.16
N ALA B 695 -33.20 22.29 8.00
CA ALA B 695 -32.67 23.45 8.70
C ALA B 695 -33.07 24.78 8.06
N ASN B 696 -33.71 24.72 6.88
CA ASN B 696 -34.19 25.93 6.19
C ASN B 696 -35.21 26.63 7.08
N VAL B 697 -35.98 25.84 7.85
CA VAL B 697 -37.01 26.32 8.78
C VAL B 697 -36.35 27.19 9.85
N GLU B 698 -35.24 26.67 10.39
CA GLU B 698 -34.48 27.36 11.43
C GLU B 698 -33.72 28.57 10.92
N MET B 699 -33.28 28.52 9.65
CA MET B 699 -32.59 29.64 9.01
C MET B 699 -33.58 30.79 8.86
N ALA B 700 -34.84 30.42 8.56
CA ALA B 700 -35.94 31.36 8.40
C ALA B 700 -36.32 31.96 9.75
N GLU B 701 -36.22 31.18 10.82
CA GLU B 701 -36.53 31.65 12.18
C GLU B 701 -35.51 32.67 12.67
N GLU B 702 -34.24 32.39 12.40
CA GLU B 702 -33.12 33.24 12.81
C GLU B 702 -32.99 34.57 12.06
N ALA B 703 -33.12 34.52 10.73
CA ALA B 703 -33.00 35.70 9.89
C ALA B 703 -34.29 36.47 9.67
N GLY B 704 -35.41 35.79 9.87
CA GLY B 704 -36.72 36.37 9.64
C GLY B 704 -37.19 35.78 8.33
N GLU B 705 -38.36 35.15 8.32
CA GLU B 705 -38.94 34.49 7.13
C GLU B 705 -38.92 35.31 5.83
N GLU B 706 -39.13 36.62 5.97
CA GLU B 706 -39.13 37.58 4.86
C GLU B 706 -37.75 37.79 4.22
N ASN B 707 -36.71 37.34 4.93
CA ASN B 707 -35.33 37.47 4.47
C ASN B 707 -34.78 36.27 3.71
N LEU B 708 -35.65 35.29 3.51
CA LEU B 708 -35.35 34.08 2.74
C LEU B 708 -36.49 33.98 1.72
N PHE B 709 -36.26 33.25 0.63
CA PHE B 709 -37.30 33.09 -0.37
C PHE B 709 -37.96 31.73 -0.22
N ILE B 710 -38.84 31.65 0.76
CA ILE B 710 -39.58 30.42 1.09
C ILE B 710 -40.80 30.27 0.16
N PHE B 711 -40.98 29.06 -0.36
CA PHE B 711 -42.08 28.76 -1.27
C PHE B 711 -42.59 27.33 -1.08
N GLY B 712 -43.61 27.00 -1.87
CA GLY B 712 -44.19 25.68 -1.91
C GLY B 712 -44.94 25.07 -0.74
N MET B 713 -45.19 23.77 -0.91
CA MET B 713 -45.89 22.95 0.06
C MET B 713 -45.09 22.75 1.33
N ARG B 714 -45.78 22.81 2.47
CA ARG B 714 -45.17 22.61 3.78
C ARG B 714 -45.52 21.17 4.18
N ILE B 715 -44.97 20.69 5.30
CA ILE B 715 -45.19 19.32 5.80
C ILE B 715 -46.66 18.82 5.82
N ASP B 716 -47.59 19.72 6.16
CA ASP B 716 -49.02 19.40 6.20
C ASP B 716 -49.64 19.32 4.81
N ASP B 717 -49.17 20.16 3.89
CA ASP B 717 -49.67 20.23 2.51
C ASP B 717 -49.23 19.05 1.63
N VAL B 718 -48.12 18.42 2.02
CA VAL B 718 -47.57 17.25 1.33
C VAL B 718 -48.38 16.03 1.81
N ALA B 719 -48.71 16.04 3.10
CA ALA B 719 -49.49 14.97 3.75
C ALA B 719 -50.97 15.01 3.36
N ALA B 720 -51.44 16.21 2.98
CA ALA B 720 -52.83 16.43 2.55
C ALA B 720 -53.02 16.02 1.10
N LEU B 721 -51.91 15.95 0.37
CA LEU B 721 -51.89 15.56 -1.04
C LEU B 721 -51.70 14.04 -1.18
N ASP B 722 -51.17 13.41 -0.12
CA ASP B 722 -50.95 11.95 -0.07
C ASP B 722 -52.27 11.21 0.19
N LYS B 723 -53.12 11.81 1.02
CA LYS B 723 -54.42 11.26 1.40
C LYS B 723 -55.42 11.37 0.24
N LYS B 724 -55.30 12.46 -0.52
CA LYS B 724 -56.14 12.76 -1.69
C LYS B 724 -55.66 11.94 -2.90
N GLY B 725 -54.34 11.73 -2.97
CA GLY B 725 -53.74 10.99 -4.06
C GLY B 725 -53.15 11.97 -5.06
N TYR B 726 -51.84 11.84 -5.31
CA TYR B 726 -51.12 12.71 -6.24
C TYR B 726 -51.38 12.37 -7.71
N GLU B 727 -52.01 13.33 -8.40
CA GLU B 727 -52.33 13.23 -9.81
C GLU B 727 -51.49 14.34 -10.47
N ALA B 728 -50.38 13.93 -11.09
CA ALA B 728 -49.43 14.83 -11.75
C ALA B 728 -49.90 15.49 -13.04
N LYS B 729 -50.76 14.80 -13.79
CA LYS B 729 -51.28 15.31 -15.06
C LYS B 729 -52.18 16.55 -14.95
N GLU B 730 -52.67 16.82 -13.74
CA GLU B 730 -53.52 17.99 -13.45
C GLU B 730 -52.75 19.30 -13.56
N TYR B 731 -51.52 19.31 -13.04
CA TYR B 731 -50.64 20.48 -13.05
C TYR B 731 -50.08 20.76 -14.45
N TYR B 732 -49.91 19.69 -15.23
CA TYR B 732 -49.41 19.73 -16.60
C TYR B 732 -50.47 20.37 -17.53
N GLU B 733 -51.73 19.98 -17.32
CA GLU B 733 -52.87 20.46 -18.11
C GLU B 733 -53.44 21.81 -17.65
N ALA B 734 -53.16 22.20 -16.41
CA ALA B 734 -53.66 23.46 -15.85
C ALA B 734 -52.69 24.62 -16.07
N LEU B 735 -51.39 24.34 -15.98
CA LEU B 735 -50.34 25.35 -16.17
C LEU B 735 -49.69 25.18 -17.55
N PRO B 736 -49.94 26.14 -18.49
CA PRO B 736 -49.37 26.08 -19.84
C PRO B 736 -47.83 26.17 -19.91
N GLU B 737 -47.25 26.80 -18.90
CA GLU B 737 -45.80 27.00 -18.77
C GLU B 737 -45.07 25.67 -18.54
N LEU B 738 -45.70 24.77 -17.78
CA LEU B 738 -45.16 23.46 -17.47
C LEU B 738 -45.36 22.50 -18.64
N LYS B 739 -46.43 22.71 -19.41
CA LYS B 739 -46.76 21.88 -20.56
C LYS B 739 -45.71 21.95 -21.67
N LEU B 740 -45.24 23.17 -21.97
CA LEU B 740 -44.23 23.41 -23.00
C LEU B 740 -42.88 22.80 -22.61
N VAL B 741 -42.56 22.87 -21.32
CA VAL B 741 -41.32 22.33 -20.76
C VAL B 741 -41.28 20.80 -20.89
N ILE B 742 -42.35 20.14 -20.44
CA ILE B 742 -42.47 18.68 -20.48
C ILE B 742 -42.58 18.12 -21.89
N ASP B 743 -43.23 18.87 -22.79
CA ASP B 743 -43.38 18.46 -24.19
C ASP B 743 -42.04 18.51 -24.91
N GLN B 744 -41.24 19.53 -24.59
CA GLN B 744 -39.90 19.70 -25.17
C GLN B 744 -38.95 18.56 -24.77
N ILE B 745 -39.12 18.07 -23.54
CA ILE B 745 -38.33 16.97 -22.98
C ILE B 745 -38.80 15.62 -23.55
N ASP B 746 -40.11 15.49 -23.78
CA ASP B 746 -40.73 14.27 -24.31
C ASP B 746 -40.57 14.09 -25.83
N ASN B 747 -40.69 15.20 -26.58
CA ASN B 747 -40.57 15.20 -28.05
C ASN B 747 -39.14 15.03 -28.55
N GLY B 748 -38.19 15.57 -27.79
CA GLY B 748 -36.78 15.48 -28.15
C GLY B 748 -36.15 16.76 -28.65
N PHE B 749 -36.52 17.89 -28.04
CA PHE B 749 -35.99 19.21 -28.38
C PHE B 749 -34.56 19.35 -27.84
N PHE B 750 -34.31 18.69 -26.70
CA PHE B 750 -33.01 18.71 -26.04
C PHE B 750 -32.15 17.51 -26.43
N SER B 751 -32.73 16.62 -27.21
CA SER B 751 -32.07 15.42 -27.71
C SER B 751 -32.62 15.03 -29.10
N PRO B 752 -32.18 15.74 -30.18
CA PRO B 752 -32.63 15.47 -31.55
C PRO B 752 -32.20 14.12 -32.14
N LYS B 753 -31.11 13.58 -31.60
CA LYS B 753 -30.56 12.29 -32.04
C LYS B 753 -31.31 11.12 -31.41
N GLN B 754 -31.73 11.30 -30.15
CA GLN B 754 -32.46 10.29 -29.38
C GLN B 754 -33.73 10.92 -28.75
N PRO B 755 -34.88 10.90 -29.48
CA PRO B 755 -36.12 11.49 -28.95
C PRO B 755 -36.82 10.74 -27.80
N ASP B 756 -36.47 9.47 -27.64
CA ASP B 756 -37.04 8.59 -26.62
C ASP B 756 -36.17 8.52 -25.35
N LEU B 757 -35.05 9.25 -25.34
CA LEU B 757 -34.07 9.27 -24.25
C LEU B 757 -34.58 9.57 -22.84
N PHE B 758 -35.37 10.62 -22.68
CA PHE B 758 -35.88 11.03 -21.38
C PHE B 758 -37.27 10.49 -21.01
N LYS B 759 -37.62 9.33 -21.57
CA LYS B 759 -38.92 8.70 -21.31
C LYS B 759 -39.04 8.18 -19.87
N ASP B 760 -37.90 7.76 -19.30
CA ASP B 760 -37.84 7.26 -17.92
C ASP B 760 -38.13 8.39 -16.93
N ILE B 761 -37.77 9.61 -17.32
CA ILE B 761 -37.99 10.82 -16.50
C ILE B 761 -39.47 11.20 -16.55
N ILE B 762 -40.04 11.20 -17.76
CA ILE B 762 -41.45 11.53 -18.01
C ILE B 762 -42.38 10.55 -17.31
N ASN B 763 -42.08 9.25 -17.41
CA ASN B 763 -42.89 8.19 -16.79
C ASN B 763 -42.87 8.26 -15.26
N MET B 764 -41.76 8.75 -14.71
CA MET B 764 -41.60 8.90 -13.26
C MET B 764 -42.39 10.14 -12.82
N LEU B 765 -42.20 11.25 -13.53
CA LEU B 765 -42.87 12.53 -13.24
C LEU B 765 -44.39 12.49 -13.26
N PHE B 766 -44.94 11.59 -14.08
CA PHE B 766 -46.39 11.45 -14.22
C PHE B 766 -47.07 10.39 -13.35
N TYR B 767 -46.40 9.26 -13.14
CA TYR B 767 -47.01 8.15 -12.38
C TYR B 767 -46.33 7.66 -11.10
N HIS B 768 -45.02 7.88 -10.98
CA HIS B 768 -44.27 7.40 -9.81
C HIS B 768 -43.45 8.47 -9.05
N ASP B 769 -43.90 9.73 -9.10
CA ASP B 769 -43.19 10.82 -8.42
C ASP B 769 -43.59 10.99 -6.95
N ARG B 770 -42.83 10.35 -6.07
CA ARG B 770 -43.04 10.41 -4.62
C ARG B 770 -42.67 11.78 -4.05
N PHE B 771 -41.92 12.54 -4.82
CA PHE B 771 -41.43 13.85 -4.38
C PHE B 771 -42.14 15.07 -4.95
N LYS B 772 -43.28 14.80 -5.59
CA LYS B 772 -44.21 15.78 -6.17
C LYS B 772 -43.61 17.07 -6.79
N VAL B 773 -42.82 16.89 -7.85
CA VAL B 773 -42.15 17.99 -8.56
C VAL B 773 -43.11 19.04 -9.17
N PHE B 774 -44.16 18.55 -9.85
CA PHE B 774 -45.15 19.41 -10.50
C PHE B 774 -46.00 20.22 -9.52
N ALA B 775 -46.16 19.69 -8.29
CA ALA B 775 -46.95 20.32 -7.24
C ALA B 775 -46.31 21.58 -6.64
N ASP B 776 -45.00 21.70 -6.81
CA ASP B 776 -44.24 22.86 -6.32
C ASP B 776 -43.71 23.73 -7.45
N TYR B 777 -44.03 23.38 -8.69
CA TYR B 777 -43.59 24.15 -9.87
C TYR B 777 -44.07 25.60 -9.94
N GLU B 778 -45.39 25.84 -9.81
CA GLU B 778 -45.96 27.18 -9.90
C GLU B 778 -45.39 28.13 -8.85
N ALA B 779 -45.40 27.69 -7.60
CA ALA B 779 -44.88 28.47 -6.47
C ALA B 779 -43.38 28.74 -6.59
N TYR B 780 -42.67 27.86 -7.28
CA TYR B 780 -41.22 27.98 -7.49
C TYR B 780 -40.87 29.06 -8.49
N VAL B 781 -41.52 29.04 -9.66
CA VAL B 781 -41.28 30.02 -10.72
C VAL B 781 -41.70 31.42 -10.28
N LYS B 782 -42.76 31.51 -9.48
CA LYS B 782 -43.27 32.78 -8.96
C LYS B 782 -42.29 33.35 -7.93
N CYS B 783 -41.68 32.45 -7.15
CA CYS B 783 -40.70 32.81 -6.13
C CYS B 783 -39.40 33.24 -6.79
N GLN B 784 -39.05 32.56 -7.89
CA GLN B 784 -37.84 32.88 -8.66
C GLN B 784 -37.95 34.23 -9.35
N ASP B 785 -39.19 34.65 -9.66
CA ASP B 785 -39.46 35.94 -10.27
C ASP B 785 -39.17 37.05 -9.23
N LYS B 786 -39.50 36.75 -7.98
CA LYS B 786 -39.27 37.66 -6.85
C LYS B 786 -37.76 37.83 -6.55
N VAL B 787 -36.99 36.77 -6.82
CA VAL B 787 -35.53 36.77 -6.61
C VAL B 787 -34.90 37.70 -7.66
N SER B 788 -35.38 37.55 -8.90
CA SER B 788 -34.93 38.34 -10.05
C SER B 788 -35.20 39.83 -9.85
N GLN B 789 -36.36 40.15 -9.27
CA GLN B 789 -36.78 41.53 -8.99
C GLN B 789 -35.90 42.21 -7.92
N LEU B 790 -35.49 41.44 -6.92
CA LEU B 790 -34.64 41.96 -5.84
C LEU B 790 -33.19 42.17 -6.26
N TYR B 791 -32.71 41.36 -7.22
CA TYR B 791 -31.33 41.44 -7.73
C TYR B 791 -31.07 42.74 -8.52
N MET B 792 -32.14 43.31 -9.08
CA MET B 792 -32.07 44.57 -9.84
C MET B 792 -31.82 45.77 -8.93
N ASN B 793 -32.01 45.57 -7.63
CA ASN B 793 -31.82 46.59 -6.61
C ASN B 793 -30.68 46.08 -5.71
N PRO B 794 -29.41 46.46 -6.02
CA PRO B 794 -28.24 46.04 -5.24
C PRO B 794 -28.29 46.38 -3.75
N LYS B 795 -28.88 47.54 -3.43
CA LYS B 795 -29.01 48.00 -2.05
C LYS B 795 -29.93 47.11 -1.20
N ALA B 796 -31.08 46.71 -1.76
CA ALA B 796 -32.03 45.84 -1.06
C ALA B 796 -31.54 44.40 -0.96
N TRP B 797 -30.86 43.93 -2.01
CA TRP B 797 -30.31 42.58 -2.07
C TRP B 797 -29.25 42.41 -0.99
N ASN B 798 -28.33 43.37 -0.94
CA ASN B 798 -27.24 43.36 0.02
C ASN B 798 -27.67 43.60 1.47
N THR B 799 -28.82 44.25 1.65
CA THR B 799 -29.37 44.51 2.99
C THR B 799 -29.95 43.17 3.50
N MET B 800 -30.49 42.38 2.57
CA MET B 800 -31.06 41.07 2.89
C MET B 800 -29.91 40.09 3.18
N VAL B 801 -28.80 40.23 2.45
CA VAL B 801 -27.58 39.41 2.61
C VAL B 801 -26.97 39.68 3.99
N LEU B 802 -26.96 40.95 4.40
CA LEU B 802 -26.44 41.37 5.70
C LEU B 802 -27.23 40.71 6.84
N LYS B 803 -28.55 40.66 6.69
CA LYS B 803 -29.44 40.04 7.67
C LYS B 803 -29.25 38.53 7.79
N ASN B 804 -28.84 37.90 6.67
CA ASN B 804 -28.58 36.46 6.64
C ASN B 804 -27.25 36.07 7.28
N ILE B 805 -26.20 36.87 7.03
CA ILE B 805 -24.85 36.62 7.60
C ILE B 805 -24.89 36.90 9.10
N ALA B 806 -25.52 38.02 9.47
CA ALA B 806 -25.65 38.45 10.85
C ALA B 806 -26.47 37.50 11.73
N ALA B 807 -27.26 36.64 11.09
CA ALA B 807 -28.09 35.68 11.81
C ALA B 807 -27.68 34.22 11.57
N SER B 808 -26.49 34.01 10.99
CA SER B 808 -25.99 32.67 10.72
C SER B 808 -25.22 32.05 11.89
N GLY B 809 -25.11 32.81 12.98
CA GLY B 809 -24.40 32.37 14.19
C GLY B 809 -24.79 31.07 14.85
N LYS B 810 -26.08 30.74 14.82
CA LYS B 810 -26.61 29.50 15.42
C LYS B 810 -26.08 28.27 14.68
N PHE B 811 -25.72 28.47 13.42
CA PHE B 811 -25.24 27.38 12.58
C PHE B 811 -23.79 26.97 12.63
N SER B 812 -23.11 27.44 13.68
CA SER B 812 -21.71 27.07 13.92
C SER B 812 -21.77 25.69 14.56
N SER B 813 -20.88 24.78 14.14
CA SER B 813 -20.85 23.43 14.73
C SER B 813 -20.35 23.45 16.17
N ASP B 814 -19.84 24.62 16.60
CA ASP B 814 -19.38 24.84 17.97
C ASP B 814 -20.60 24.86 18.90
N ARG B 815 -21.71 25.40 18.37
CA ARG B 815 -22.99 25.49 19.09
C ARG B 815 -23.55 24.07 19.18
N THR B 816 -23.57 23.36 18.05
CA THR B 816 -24.07 21.98 17.92
C THR B 816 -23.32 21.05 18.88
N ILE B 817 -21.98 21.17 18.91
CA ILE B 817 -21.17 20.33 19.79
C ILE B 817 -21.38 20.63 21.28
N LYS B 818 -21.57 21.91 21.64
CA LYS B 818 -21.82 22.28 23.05
C LYS B 818 -23.11 21.64 23.59
N GLU B 819 -24.09 21.48 22.71
CA GLU B 819 -25.38 20.86 23.03
C GLU B 819 -25.25 19.34 23.18
N TYR B 820 -24.50 18.70 22.27
CA TYR B 820 -24.25 17.26 22.34
C TYR B 820 -23.46 16.97 23.62
N ALA B 821 -22.53 17.89 23.94
CA ALA B 821 -21.68 17.77 25.13
C ALA B 821 -22.46 17.85 26.44
N GLN B 822 -23.36 18.84 26.53
CA GLN B 822 -24.16 19.06 27.74
C GLN B 822 -25.30 18.07 27.96
N ASN B 823 -26.05 17.77 26.89
CA ASN B 823 -27.23 16.91 27.00
C ASN B 823 -27.13 15.43 26.61
N ILE B 824 -26.04 15.04 25.95
CA ILE B 824 -25.88 13.64 25.55
C ILE B 824 -24.64 12.95 26.11
N TRP B 825 -23.47 13.52 25.84
CA TRP B 825 -22.18 12.95 26.27
C TRP B 825 -21.77 13.22 27.71
N ASN B 826 -22.30 14.30 28.30
CA ASN B 826 -21.99 14.71 29.68
C ASN B 826 -20.50 15.06 29.85
N VAL B 827 -19.99 15.86 28.89
CA VAL B 827 -18.59 16.32 28.91
C VAL B 827 -18.57 17.85 28.97
N GLU B 828 -17.49 18.39 29.52
CA GLU B 828 -17.34 19.84 29.70
C GLU B 828 -16.23 20.45 28.83
N PRO B 829 -16.54 21.53 28.05
CA PRO B 829 -15.56 22.20 27.20
C PRO B 829 -14.45 22.90 27.98
N SER B 830 -13.23 22.36 27.90
CA SER B 830 -12.06 22.89 28.60
C SER B 830 -11.20 23.77 27.70
N ASP B 831 -10.54 24.75 28.31
CA ASP B 831 -9.67 25.70 27.62
C ASP B 831 -8.25 25.75 28.21
C1 GLC C . 22.56 -19.61 -9.48
C2 GLC C . 23.47 -20.85 -9.54
C3 GLC C . 24.69 -20.71 -8.61
C4 GLC C . 25.39 -19.37 -8.87
C5 GLC C . 24.40 -18.21 -8.79
C6 GLC C . 25.03 -16.88 -9.14
O1 GLC C . 21.97 -19.53 -8.23
O2 GLC C . 22.73 -22.00 -9.16
O3 GLC C . 25.61 -21.77 -8.82
O4 GLC C . 26.42 -19.18 -7.91
O5 GLC C . 23.31 -18.42 -9.72
O6 GLC C . 25.74 -16.96 -10.38
C51 IHU D . -1.12 8.37 25.32
O54 IHU D . -0.26 9.39 24.80
C19 IHU D . 0.89 9.58 25.52
C20 IHU D . 0.88 9.51 26.91
C21 IHU D . 2.04 9.75 27.63
C22 IHU D . 3.22 10.06 26.95
O55 IHU D . 4.35 10.30 27.66
C23 IHU D . 3.23 10.12 25.56
C18 IHU D . 2.05 9.89 24.84
N17 IHU D . 2.00 9.92 23.50
C15 IHU D . 3.00 10.16 22.66
O16 IHU D . 4.16 10.33 23.04
N14 IHU D . 2.71 10.14 21.36
C12 IHU D . 1.46 9.94 20.93
O13 IHU D . 0.48 9.82 21.67
C3 IHU D . 1.30 9.90 19.41
C4 IHU D . 2.01 8.94 18.69
C5 IHU D . 1.78 8.78 17.32
C6 IHU D . 0.84 9.58 16.68
F10 IHU D . 0.59 9.41 15.37
C1 IHU D . 0.13 10.54 17.39
C2 IHU D . 0.36 10.71 18.75
CL11 IHU D . -0.48 11.98 19.57
N1 PLP E . 20.90 -17.81 0.09
C2 PLP E . 21.41 -16.87 0.96
C2A PLP E . 20.46 -16.29 1.98
C3 PLP E . 22.74 -16.51 0.89
O3 PLP E . 23.23 -15.58 1.77
C4 PLP E . 23.59 -17.11 -0.12
C4A PLP E . 24.98 -16.74 -0.23
C5 PLP E . 22.98 -18.09 -1.02
C6 PLP E . 21.66 -18.41 -0.88
C5A PLP E . 23.70 -18.84 -2.13
O4P PLP E . 24.31 -19.99 -1.55
P PLP E . 24.93 -21.24 -2.30
O1P PLP E . 23.81 -21.84 -3.05
O2P PLP E . 25.42 -22.10 -1.19
O3P PLP E . 25.98 -20.62 -3.11
C1 GLC F . -27.62 13.44 5.51
C2 GLC F . -28.97 14.16 5.35
C3 GLC F . -28.79 15.69 5.49
C4 GLC F . -28.04 16.02 6.77
C5 GLC F . -26.72 15.23 6.85
C6 GLC F . -26.01 15.45 8.17
O1 GLC F . -26.77 13.73 4.45
O2 GLC F . -29.53 13.86 4.08
O3 GLC F . -30.06 16.32 5.52
O4 GLC F . -27.76 17.41 6.81
O5 GLC F . -26.98 13.82 6.74
O6 GLC F . -26.90 15.26 9.26
C51 IHU G . 19.82 13.92 -11.63
O54 IHU G . 20.01 14.23 -10.25
C19 IHU G . 20.14 15.56 -9.99
C20 IHU G . 20.77 16.42 -10.89
C21 IHU G . 20.93 17.76 -10.59
C22 IHU G . 20.45 18.26 -9.37
O55 IHU G . 20.62 19.58 -9.09
C23 IHU G . 19.81 17.40 -8.48
C18 IHU G . 19.65 16.05 -8.78
N17 IHU G . 19.04 15.19 -7.98
C15 IHU G . 18.46 15.44 -6.80
O16 IHU G . 18.39 16.58 -6.34
N14 IHU G . 17.91 14.41 -6.17
C12 IHU G . 17.97 13.16 -6.63
O13 IHU G . 18.58 12.81 -7.63
C3 IHU G . 17.22 12.13 -5.77
C4 IHU G . 15.85 12.31 -5.58
C5 IHU G . 15.10 11.33 -4.93
C6 IHU G . 15.73 10.16 -4.48
F10 IHU G . 15.00 9.19 -3.89
C1 IHU G . 17.09 9.99 -4.67
C2 IHU G . 17.85 10.97 -5.32
CL11 IHU G . 19.55 10.74 -5.45
N1 PLP H . -21.15 17.67 -0.30
C2 PLP H . -20.12 18.53 -0.02
C2A PLP H . -18.84 18.38 -0.82
C3 PLP H . -20.27 19.49 0.96
O3 PLP H . -19.23 20.33 1.23
C4 PLP H . -21.52 19.57 1.69
C4A PLP H . -21.71 20.56 2.72
C5 PLP H . -22.57 18.64 1.34
C6 PLP H . -22.35 17.72 0.36
C5A PLP H . -23.95 18.58 1.99
O4P PLP H . -24.81 19.41 1.25
P PLP H . -26.40 19.47 1.30
O1P PLP H . -26.83 18.11 0.88
O2P PLP H . -26.71 20.51 0.31
O3P PLP H . -26.65 19.83 2.67
#